data_7SGF
#
_entry.id   7SGF
#
loop_
_entity.id
_entity.type
_entity.pdbx_description
1 polymer GPC-I53-50A
2 polymer 'LAVA01 mAb - Heavy Chain'
3 polymer 'LAVA01 mAb - Light Chain'
4 branched beta-D-mannopyranose-(1-4)-2-acetamido-2-deoxy-beta-D-glucopyranose-(1-4)-2-acetamido-2-deoxy-beta-D-glucopyranose
5 branched 2-acetamido-2-deoxy-beta-D-glucopyranose-(1-4)-2-acetamido-2-deoxy-beta-D-glucopyranose
6 branched alpha-D-mannopyranose-(1-3)-[alpha-D-mannopyranose-(1-6)]beta-D-mannopyranose-(1-4)-2-acetamido-2-deoxy-beta-D-glucopyranose-(1-4)-2-acetamido-2-deoxy-beta-D-glucopyranose
7 branched beta-D-mannopyranose-(1-4)-2-acetamido-2-deoxy-beta-D-glucopyranose-(1-4)-[alpha-L-fucopyranose-(1-6)]2-acetamido-2-deoxy-beta-D-glucopyranose
8 branched 2-acetamido-2-deoxy-beta-D-glucopyranose-(1-4)-[alpha-L-fucopyranose-(1-6)]2-acetamido-2-deoxy-beta-D-glucopyranose
9 non-polymer 2-acetamido-2-deoxy-beta-D-glucopyranose
#
loop_
_entity_poly.entity_id
_entity_poly.type
_entity_poly.pdbx_seq_one_letter_code
_entity_poly.pdbx_strand_id
1 'polypeptide(L)'
;MGQIVTFFQEVPHVIEEVMNIVLIALSVLAVLKGLYNFATCGLVGLVTFLLLCGRSCTTSLYKGVYELQTLELNMETLNM
TMPLSCTKNNSHHYIMVGNETGLELTLTNTSIINHKFCNLSDAHKKNLYDHALMSIISTFHLSIPNFNQYEAMSCDFNGG
KISVQYNLSHSYAGDAANHCGTVANGVLQTFMRMAWGGSYIALDSGCGNWDCIMTSYQYLIIQNTTWEDHCQFSRPSPIG
YLGLLSQRTRDIYISRRRRGTFTWTLSDSEGKDTPGGYCLTRWMLIEAELKCFGNTAVAKCNEKHDEEFCDMLRLFDFNK
QAIQRLKAPAQMSIQLINKAVNALINDQLIMKNHLRDIMCIPYCNYSKYWYLNHTTTGRTSLPKCWLVSNGSYLNETHFS
DDIEQQADNMITEMLQKEYMERQGGSGGSGGSGGSGGSEKAAKAEEAARKMEELFKKHKIVAVLRANSVEEAIEKAVAVF
AGGVHLIEITFTVPDADTVIKALSVLKEKGAIIGAGTVTSVEQCRKAVESGAEFIVSPHLDEEISQFCKEKGVFYMPGVM
TPTELVKAMKLGHDILKLFPGEVVGPEFVKAMKGPFPNVKFVPTGGVDLDNVCEWFDAGVLAVGVGDALVEGDPDEVREK
AKEFVEKIRGCTEGSLEWSHPQFEK
;
A,a,B,b,C,c
2 'polypeptide(L)'
;QLLSCIALSLALVTNSQLEESGGGLVQTEGSLTLTCTASGFSFSNNDYICWVRQAPGKGLEWIGCIYSDYGFSFFATWAK
DRFSGSKTSSTTVTLQGTGLTAADTATYFCVKTYVSRFGYYIRWDYFDLWGPGTLVIVSSGQ
;
H,J,M
3 'polypeptide(L)'
;NSDQVMTQTPSPVSAAVGGTVSISCQSSKSVHNENFLSWYQQKPGQRPKLLIYRASTLASGVPSRFKGSGSGTQFTLTIS
DVQCDDAATYYCAGGDIQSSDDVFGGGTEVVVQGDPVAPS
;
L,K,N
#
# COMPACT_ATOMS: atom_id res chain seq x y z
N SER A 60 -18.17 33.33 -20.87
CA SER A 60 -17.01 32.98 -21.69
C SER A 60 -17.23 31.59 -22.32
N LEU A 61 -17.50 31.57 -23.65
CA LEU A 61 -17.75 30.34 -24.42
C LEU A 61 -16.60 30.01 -25.31
N TYR A 62 -16.11 28.81 -25.13
CA TYR A 62 -14.99 28.28 -25.84
C TYR A 62 -15.53 27.61 -27.08
N LYS A 63 -14.88 27.88 -28.20
CA LYS A 63 -15.31 27.33 -29.49
C LYS A 63 -16.76 27.68 -29.75
N GLY A 64 -17.20 28.86 -29.31
CA GLY A 64 -18.58 29.28 -29.52
C GLY A 64 -19.61 28.70 -28.54
N VAL A 65 -19.53 27.39 -28.27
CA VAL A 65 -20.51 26.68 -27.44
C VAL A 65 -20.14 26.07 -26.09
N TYR A 66 -18.89 26.14 -25.63
CA TYR A 66 -18.61 25.48 -24.36
C TYR A 66 -18.42 26.43 -23.18
N GLU A 67 -19.28 26.29 -22.20
CA GLU A 67 -19.29 27.16 -21.03
C GLU A 67 -18.71 26.41 -19.86
N LEU A 68 -18.03 27.09 -18.97
CA LEU A 68 -17.57 26.44 -17.77
C LEU A 68 -18.53 26.65 -16.65
N GLN A 69 -19.12 25.57 -16.17
CA GLN A 69 -20.03 25.73 -15.08
C GLN A 69 -19.10 25.56 -13.92
N THR A 70 -19.40 26.14 -12.81
CA THR A 70 -18.57 25.85 -11.67
C THR A 70 -19.47 25.39 -10.59
N LEU A 71 -19.23 24.18 -10.13
CA LEU A 71 -20.07 23.65 -9.09
C LEU A 71 -19.27 23.48 -7.85
N GLU A 72 -19.94 23.67 -6.73
CA GLU A 72 -19.28 23.54 -5.46
C GLU A 72 -20.01 22.50 -4.65
N LEU A 73 -19.25 21.68 -3.94
CA LEU A 73 -19.82 20.59 -3.17
C LEU A 73 -20.23 20.88 -1.75
N ASN A 74 -21.30 20.23 -1.31
CA ASN A 74 -21.72 20.34 0.08
C ASN A 74 -20.99 19.30 0.82
N MET A 75 -19.76 19.57 1.16
CA MET A 75 -18.93 18.59 1.82
C MET A 75 -19.58 18.12 3.12
N GLU A 76 -20.31 19.01 3.75
CA GLU A 76 -21.02 18.75 4.99
C GLU A 76 -22.00 17.58 4.88
N THR A 77 -22.46 17.28 3.67
CA THR A 77 -23.45 16.24 3.40
C THR A 77 -22.91 14.86 3.74
N LEU A 78 -21.58 14.76 3.76
CA LEU A 78 -20.85 13.55 4.03
C LEU A 78 -20.56 13.28 5.54
N ASN A 79 -21.02 14.18 6.46
CA ASN A 79 -20.77 14.17 7.90
C ASN A 79 -21.15 12.88 8.63
N MET A 80 -22.16 12.12 8.17
CA MET A 80 -22.62 10.89 8.82
C MET A 80 -21.84 9.65 8.38
N THR A 81 -20.96 9.77 7.38
CA THR A 81 -20.23 8.59 6.96
C THR A 81 -18.71 8.71 7.10
N MET A 82 -18.18 9.94 7.01
CA MET A 82 -16.73 10.10 7.06
C MET A 82 -16.36 11.40 7.76
N PRO A 83 -15.29 11.47 8.59
CA PRO A 83 -14.82 12.66 9.28
C PRO A 83 -14.44 13.78 8.32
N LEU A 84 -14.70 15.03 8.71
CA LEU A 84 -14.34 16.17 7.84
C LEU A 84 -13.57 17.24 8.59
N SER A 85 -12.61 17.87 7.94
CA SER A 85 -11.83 18.88 8.64
C SER A 85 -12.13 20.31 8.16
N CYS A 86 -12.31 21.24 9.13
CA CYS A 86 -12.59 22.66 8.92
C CYS A 86 -11.74 23.46 9.91
N THR A 87 -11.21 24.58 9.44
CA THR A 87 -10.45 25.45 10.28
C THR A 87 -11.31 26.65 10.52
N LYS A 88 -11.31 27.20 11.72
CA LYS A 88 -12.09 28.41 11.91
C LYS A 88 -11.07 29.54 11.97
N ASN A 89 -10.72 30.01 13.19
CA ASN A 89 -9.76 31.08 13.40
C ASN A 89 -8.34 30.50 13.55
N ASN A 90 -7.37 31.35 13.84
CA ASN A 90 -5.96 31.04 13.93
C ASN A 90 -5.50 30.21 15.12
N SER A 91 -6.36 29.92 16.09
CA SER A 91 -5.91 29.05 17.15
C SER A 91 -6.78 27.80 17.28
N HIS A 92 -7.95 27.80 16.64
CA HIS A 92 -8.83 26.63 16.73
C HIS A 92 -9.26 26.06 15.39
N HIS A 93 -8.94 24.78 15.24
CA HIS A 93 -9.19 24.01 14.04
C HIS A 93 -9.87 22.75 14.51
N TYR A 94 -10.68 22.11 13.69
CA TYR A 94 -11.34 20.92 14.18
C TYR A 94 -11.79 19.95 13.11
N ILE A 95 -12.13 18.76 13.58
CA ILE A 95 -12.67 17.69 12.78
C ILE A 95 -14.07 17.33 13.21
N MET A 96 -14.98 17.28 12.26
CA MET A 96 -16.34 16.86 12.55
C MET A 96 -16.22 15.37 12.64
N VAL A 97 -16.84 14.73 13.62
CA VAL A 97 -16.78 13.28 13.64
C VAL A 97 -18.20 12.78 13.61
N GLY A 98 -19.06 13.57 13.00
CA GLY A 98 -20.46 13.22 12.86
C GLY A 98 -21.37 14.43 12.74
N ASN A 99 -22.68 14.17 12.90
CA ASN A 99 -23.79 15.13 12.86
C ASN A 99 -24.03 15.78 14.27
N GLU A 100 -23.24 15.38 15.31
CA GLU A 100 -23.32 15.88 16.70
C GLU A 100 -21.96 16.12 17.35
N THR A 101 -21.13 15.08 17.40
CA THR A 101 -19.84 15.09 18.08
C THR A 101 -18.70 15.57 17.20
N GLY A 102 -17.74 16.28 17.79
CA GLY A 102 -16.57 16.74 17.04
C GLY A 102 -15.23 16.46 17.77
N LEU A 103 -14.16 16.99 17.18
CA LEU A 103 -12.78 16.91 17.69
C LEU A 103 -12.02 18.23 17.50
N GLU A 104 -11.53 18.80 18.58
CA GLU A 104 -10.84 20.08 18.55
C GLU A 104 -9.34 19.98 18.56
N LEU A 105 -8.73 20.77 17.70
CA LEU A 105 -7.30 20.89 17.56
C LEU A 105 -6.91 22.32 17.94
N THR A 106 -6.21 22.49 19.05
CA THR A 106 -5.91 23.86 19.49
C THR A 106 -4.44 24.19 19.52
N LEU A 107 -4.12 25.38 19.02
CA LEU A 107 -2.76 25.86 19.01
C LEU A 107 -2.61 26.82 20.17
N THR A 108 -1.86 26.38 21.16
CA THR A 108 -1.70 27.15 22.38
C THR A 108 -0.30 27.09 22.90
N ASN A 109 0.05 28.01 23.82
CA ASN A 109 1.33 27.99 24.54
C ASN A 109 1.16 27.45 25.98
N THR A 110 -0.06 26.96 26.36
CA THR A 110 -0.45 26.41 27.66
C THR A 110 -0.18 24.92 27.82
N SER A 111 0.45 24.58 28.92
CA SER A 111 0.81 23.20 29.25
C SER A 111 -0.40 22.50 29.80
N ILE A 112 -1.35 22.20 28.93
CA ILE A 112 -2.61 21.63 29.38
C ILE A 112 -2.39 20.24 29.96
N ILE A 113 -1.61 19.44 29.27
CA ILE A 113 -1.37 18.09 29.74
C ILE A 113 0.06 17.87 30.19
N ASN A 114 0.22 17.63 31.49
CA ASN A 114 1.54 17.43 32.08
C ASN A 114 1.78 15.95 32.33
N HIS A 115 0.89 15.13 31.81
CA HIS A 115 0.96 13.70 31.97
C HIS A 115 1.92 13.08 30.99
N LYS A 116 3.21 13.24 31.30
CA LYS A 116 4.29 12.72 30.47
C LYS A 116 4.10 11.23 30.36
N PHE A 117 3.68 10.62 31.45
CA PHE A 117 3.34 9.23 31.40
C PHE A 117 1.87 9.21 31.11
N CYS A 118 1.48 8.66 29.95
CA CYS A 118 0.10 8.61 29.52
C CYS A 118 -0.47 7.24 29.85
N ASN A 119 -1.56 7.27 30.55
CA ASN A 119 -2.19 6.05 30.99
C ASN A 119 -3.07 5.47 29.86
N LEU A 120 -2.39 4.84 28.87
CA LEU A 120 -2.97 4.24 27.66
C LEU A 120 -3.29 2.77 27.82
N SER A 121 -3.08 2.26 29.00
CA SER A 121 -3.41 0.88 29.20
C SER A 121 -4.88 0.80 28.91
N ASP A 122 -5.28 -0.20 28.17
CA ASP A 122 -6.68 -0.43 27.85
C ASP A 122 -7.36 0.67 27.04
N ALA A 123 -6.59 1.64 26.50
CA ALA A 123 -7.13 2.76 25.74
C ALA A 123 -7.90 2.33 24.52
N HIS A 124 -7.47 1.25 23.91
CA HIS A 124 -8.09 0.77 22.71
C HIS A 124 -8.90 -0.47 22.99
N LYS A 125 -9.15 -0.77 24.27
CA LYS A 125 -9.83 -2.01 24.61
C LYS A 125 -10.98 -1.95 25.61
N LYS A 126 -10.78 -1.36 26.80
CA LYS A 126 -11.83 -1.48 27.81
C LYS A 126 -12.87 -0.40 27.75
N ASN A 127 -12.52 0.77 27.31
CA ASN A 127 -13.50 1.81 27.29
C ASN A 127 -13.28 2.73 26.13
N LEU A 128 -14.08 2.54 25.10
CA LEU A 128 -13.96 3.38 23.96
C LEU A 128 -15.10 4.33 24.13
N TYR A 129 -14.76 5.57 24.45
CA TYR A 129 -15.78 6.56 24.75
C TYR A 129 -16.48 6.83 23.45
N ASP A 130 -15.68 6.79 22.43
CA ASP A 130 -16.06 6.92 21.07
C ASP A 130 -15.00 6.15 20.32
N HIS A 131 -15.37 4.97 19.83
CA HIS A 131 -14.40 4.12 19.18
C HIS A 131 -13.93 4.71 17.88
N ALA A 132 -14.80 5.48 17.24
CA ALA A 132 -14.42 6.10 16.00
C ALA A 132 -13.42 7.17 16.31
N LEU A 133 -13.65 7.87 17.40
CA LEU A 133 -12.76 8.95 17.76
C LEU A 133 -11.41 8.43 18.17
N MET A 134 -11.35 7.33 18.91
CA MET A 134 -10.05 6.82 19.30
C MET A 134 -9.29 6.38 18.08
N SER A 135 -9.99 5.86 17.07
CA SER A 135 -9.31 5.45 15.87
C SER A 135 -8.72 6.66 15.13
N ILE A 136 -9.45 7.77 15.09
CA ILE A 136 -8.99 9.00 14.44
C ILE A 136 -7.76 9.56 15.13
N ILE A 137 -7.80 9.59 16.45
CA ILE A 137 -6.68 10.11 17.19
C ILE A 137 -5.45 9.23 16.98
N SER A 138 -5.64 7.92 17.00
CA SER A 138 -4.54 7.01 16.80
C SER A 138 -3.93 7.17 15.42
N THR A 139 -4.75 7.36 14.37
CA THR A 139 -4.15 7.52 13.04
C THR A 139 -3.36 8.81 12.96
N PHE A 140 -3.80 9.85 13.66
CA PHE A 140 -2.99 11.06 13.65
C PHE A 140 -1.61 10.75 14.12
N HIS A 141 -1.53 10.08 15.25
CA HIS A 141 -0.24 9.74 15.82
C HIS A 141 0.61 8.91 14.90
N LEU A 142 0.00 7.89 14.33
CA LEU A 142 0.68 6.93 13.51
C LEU A 142 1.24 7.48 12.21
N SER A 143 0.67 8.55 11.69
CA SER A 143 1.19 9.11 10.47
C SER A 143 2.37 10.08 10.70
N ILE A 144 2.73 10.37 11.96
CA ILE A 144 3.85 11.26 12.26
C ILE A 144 5.15 10.45 12.12
N PRO A 145 6.13 10.84 11.30
CA PRO A 145 7.37 10.10 11.14
C PRO A 145 8.14 10.20 12.46
N ASN A 146 8.87 9.13 12.85
CA ASN A 146 9.69 9.03 14.09
C ASN A 146 8.93 9.50 15.35
N GLU A 151 7.67 11.23 18.32
CA GLU A 151 8.75 10.78 19.21
C GLU A 151 8.32 10.70 20.68
N ALA A 152 7.48 11.66 21.13
CA ALA A 152 6.95 11.81 22.48
C ALA A 152 5.61 12.51 22.43
N MET A 153 4.81 12.26 23.44
CA MET A 153 3.50 12.87 23.63
C MET A 153 3.06 12.73 25.06
N SER A 154 2.26 13.67 25.52
CA SER A 154 1.67 13.56 26.85
C SER A 154 0.19 13.36 26.58
N CYS A 155 -0.54 12.66 27.47
CA CYS A 155 -2.00 12.41 27.28
C CYS A 155 -2.67 11.82 28.50
N ASP A 156 -3.99 11.72 28.43
CA ASP A 156 -4.75 11.08 29.51
C ASP A 156 -5.78 10.06 29.01
N PHE A 157 -6.96 10.50 28.55
CA PHE A 157 -8.05 9.63 28.08
C PHE A 157 -8.75 8.75 29.11
N ASN A 158 -8.59 9.00 30.39
CA ASN A 158 -9.29 8.20 31.38
C ASN A 158 -10.54 8.88 31.93
N GLY A 159 -11.68 8.36 31.50
CA GLY A 159 -12.99 8.92 31.84
C GLY A 159 -13.40 9.94 30.80
N GLY A 160 -13.12 11.18 31.09
CA GLY A 160 -13.35 12.24 30.14
C GLY A 160 -11.97 12.62 29.71
N LYS A 161 -11.76 13.90 29.41
CA LYS A 161 -10.42 14.30 29.02
C LYS A 161 -9.93 13.45 27.88
N ILE A 162 -10.73 13.30 26.83
CA ILE A 162 -10.27 12.43 25.80
C ILE A 162 -9.41 13.25 24.91
N SER A 163 -8.16 13.34 25.34
CA SER A 163 -7.19 14.19 24.71
C SER A 163 -5.73 13.80 24.85
N VAL A 164 -4.98 14.32 23.88
CA VAL A 164 -3.54 14.24 23.75
C VAL A 164 -2.87 15.56 23.43
N GLN A 165 -1.69 15.76 24.01
CA GLN A 165 -0.90 16.94 23.78
C GLN A 165 0.45 16.67 23.18
N TYR A 166 0.67 17.31 22.06
CA TYR A 166 1.95 17.19 21.42
C TYR A 166 2.74 18.45 21.71
N ASN A 167 3.98 18.27 22.24
CA ASN A 167 4.91 19.35 22.60
C ASN A 167 5.97 19.48 21.51
N LEU A 168 6.15 20.70 20.98
CA LEU A 168 7.10 21.05 19.95
C LEU A 168 8.30 21.64 20.64
N SER A 169 9.33 20.82 20.72
CA SER A 169 10.53 21.12 21.48
C SER A 169 11.77 20.74 20.73
N HIS A 170 12.70 21.66 20.64
CA HIS A 170 13.95 21.43 19.95
C HIS A 170 15.07 22.30 20.54
N SER A 171 16.28 21.71 20.71
CA SER A 171 17.50 22.35 21.20
C SER A 171 18.01 23.37 20.17
N ASN A 178 19.16 23.68 15.77
CA ASN A 178 18.38 24.36 14.76
C ASN A 178 18.68 23.72 13.39
N HIS A 179 17.75 22.88 12.88
CA HIS A 179 17.83 22.16 11.61
C HIS A 179 16.43 21.72 11.19
N CYS A 180 16.32 21.10 9.99
CA CYS A 180 15.08 20.55 9.45
C CYS A 180 14.96 19.08 9.85
N GLY A 181 13.75 18.54 9.82
CA GLY A 181 13.53 17.16 10.23
C GLY A 181 13.45 16.96 11.75
N THR A 182 13.04 18.00 12.48
CA THR A 182 12.91 17.98 13.93
C THR A 182 11.59 17.35 14.33
N VAL A 183 11.42 17.16 15.64
CA VAL A 183 10.20 16.52 16.12
C VAL A 183 9.01 17.44 15.85
N ALA A 184 9.26 18.75 15.94
CA ALA A 184 8.22 19.72 15.67
C ALA A 184 7.82 19.65 14.23
N ASN A 185 8.79 19.43 13.34
CA ASN A 185 8.47 19.38 11.94
C ASN A 185 7.55 18.21 11.67
N GLY A 186 7.82 17.09 12.32
CA GLY A 186 7.03 15.90 12.11
C GLY A 186 5.57 16.09 12.50
N VAL A 187 5.32 16.60 13.71
CA VAL A 187 3.93 16.72 14.11
C VAL A 187 3.20 17.74 13.27
N LEU A 188 3.90 18.80 12.89
CA LEU A 188 3.27 19.83 12.11
C LEU A 188 2.92 19.34 10.73
N GLN A 189 3.74 18.50 10.14
CA GLN A 189 3.37 18.02 8.82
C GLN A 189 2.10 17.23 8.89
N THR A 190 1.97 16.37 9.89
CA THR A 190 0.78 15.54 9.96
C THR A 190 -0.43 16.42 10.23
N PHE A 191 -0.25 17.36 11.14
CA PHE A 191 -1.30 18.28 11.53
C PHE A 191 -1.80 19.05 10.34
N MET A 192 -0.88 19.60 9.58
CA MET A 192 -1.24 20.35 8.41
C MET A 192 -2.00 19.50 7.43
N ARG A 193 -1.53 18.29 7.17
CA ARG A 193 -2.20 17.50 6.17
C ARG A 193 -3.62 17.16 6.57
N MET A 194 -3.86 16.86 7.84
CA MET A 194 -5.19 16.46 8.20
C MET A 194 -6.11 17.67 8.37
N ALA A 195 -5.55 18.87 8.23
CA ALA A 195 -6.28 20.10 8.39
C ALA A 195 -5.99 20.92 7.15
N TRP A 196 -5.71 20.20 6.08
CA TRP A 196 -5.35 20.71 4.79
C TRP A 196 -6.49 21.45 4.13
N GLY A 197 -6.16 22.52 3.40
CA GLY A 197 -7.17 23.34 2.73
C GLY A 197 -7.36 24.60 3.57
N GLY A 198 -6.48 24.71 4.54
CA GLY A 198 -6.36 25.76 5.51
C GLY A 198 -5.04 25.46 6.15
N SER A 199 -4.91 25.76 7.42
CA SER A 199 -3.68 25.51 8.16
C SER A 199 -2.44 26.09 7.51
N TYR A 200 -2.56 27.33 7.04
CA TYR A 200 -1.41 28.04 6.49
C TYR A 200 -1.04 29.01 7.58
N ILE A 201 -1.80 28.92 8.63
CA ILE A 201 -1.66 29.76 9.76
C ILE A 201 -0.50 29.24 10.53
N ALA A 202 0.38 30.16 10.81
CA ALA A 202 1.64 29.86 11.44
C ALA A 202 2.37 28.83 10.58
N LEU A 203 2.27 28.98 9.25
CA LEU A 203 2.99 28.11 8.35
C LEU A 203 4.37 28.64 8.19
N ASP A 204 5.15 28.45 9.22
CA ASP A 204 6.46 29.01 9.23
C ASP A 204 7.42 28.07 8.54
N SER A 205 7.35 28.11 7.22
CA SER A 205 8.13 27.22 6.38
C SER A 205 8.51 27.88 5.07
N GLY A 206 9.59 27.41 4.46
CA GLY A 206 9.96 27.92 3.15
C GLY A 206 9.17 27.16 2.10
N CYS A 207 9.24 27.62 0.84
CA CYS A 207 8.54 26.96 -0.26
C CYS A 207 9.27 25.70 -0.69
N GLY A 208 8.54 24.60 -0.68
CA GLY A 208 9.02 23.28 -1.02
C GLY A 208 9.69 22.59 0.16
N ASN A 209 9.82 23.28 1.28
CA ASN A 209 10.53 22.69 2.39
C ASN A 209 9.62 21.92 3.30
N TRP A 210 9.21 20.78 2.78
CA TRP A 210 8.26 19.88 3.41
C TRP A 210 8.65 19.56 4.84
N ASP A 211 9.94 19.33 5.08
CA ASP A 211 10.42 18.96 6.40
C ASP A 211 10.97 20.05 7.31
N CYS A 212 10.76 21.34 6.97
CA CYS A 212 11.29 22.48 7.71
C CYS A 212 10.09 23.28 8.27
N ILE A 213 8.96 22.62 8.47
CA ILE A 213 7.82 23.39 8.92
C ILE A 213 7.78 23.59 10.40
N MET A 214 7.86 24.83 10.83
CA MET A 214 7.82 25.21 12.22
C MET A 214 6.54 25.96 12.46
N THR A 215 6.19 26.19 13.71
CA THR A 215 5.02 26.99 13.99
C THR A 215 5.33 27.93 15.11
N SER A 216 4.36 28.74 15.49
CA SER A 216 4.57 29.69 16.54
C SER A 216 4.29 29.16 17.95
N TYR A 217 3.41 28.19 18.07
CA TYR A 217 3.05 27.66 19.38
C TYR A 217 3.77 26.40 19.77
N GLN A 218 4.06 26.27 21.06
CA GLN A 218 4.71 25.05 21.53
C GLN A 218 3.75 23.86 21.71
N TYR A 219 2.43 24.07 21.85
CA TYR A 219 1.62 22.87 22.03
C TYR A 219 0.42 22.74 21.09
N LEU A 220 0.17 21.50 20.70
CA LEU A 220 -1.01 21.09 19.96
C LEU A 220 -1.87 20.14 20.76
N ILE A 221 -3.04 20.61 21.16
CA ILE A 221 -3.90 19.75 21.94
C ILE A 221 -5.09 19.28 21.16
N ILE A 222 -5.23 17.99 21.12
CA ILE A 222 -6.28 17.31 20.40
C ILE A 222 -7.26 16.73 21.40
N GLN A 223 -8.51 17.23 21.40
CA GLN A 223 -9.49 16.82 22.41
C GLN A 223 -10.94 16.68 21.92
N ASN A 224 -11.75 15.79 22.56
CA ASN A 224 -13.17 15.57 22.25
C ASN A 224 -14.03 16.85 22.46
N THR A 225 -15.00 17.12 21.52
CA THR A 225 -15.94 18.28 21.57
C THR A 225 -17.36 17.78 21.48
N THR A 226 -18.31 18.67 21.77
CA THR A 226 -19.72 18.33 21.72
C THR A 226 -20.48 18.97 20.57
N TRP A 227 -19.78 19.46 19.55
CA TRP A 227 -20.49 20.08 18.44
C TRP A 227 -19.89 19.80 17.07
N GLU A 228 -20.78 19.80 16.08
CA GLU A 228 -20.44 19.64 14.67
C GLU A 228 -20.47 20.92 13.81
N ASP A 229 -21.12 22.00 14.27
CA ASP A 229 -21.40 23.15 13.43
C ASP A 229 -20.58 24.45 13.45
N HIS A 230 -19.48 24.53 14.16
CA HIS A 230 -18.80 25.83 14.20
C HIS A 230 -17.82 26.04 13.05
N CYS A 231 -18.33 26.09 11.80
CA CYS A 231 -17.51 26.19 10.58
C CYS A 231 -17.84 27.43 9.79
N GLN A 232 -16.81 28.25 9.71
CA GLN A 232 -16.74 29.52 9.03
C GLN A 232 -15.31 29.56 8.57
N PHE A 233 -14.88 30.59 7.86
CA PHE A 233 -13.48 30.74 7.39
C PHE A 233 -13.08 29.75 6.30
N SER A 234 -13.21 28.46 6.57
CA SER A 234 -12.94 27.40 5.62
C SER A 234 -14.16 26.50 5.39
N ARG A 235 -13.91 25.28 4.92
CA ARG A 235 -14.90 24.30 4.54
C ARG A 235 -14.50 22.95 5.16
N PRO A 236 -15.43 22.12 5.67
CA PRO A 236 -15.16 20.85 6.28
C PRO A 236 -14.86 19.81 5.26
N SER A 237 -13.64 19.81 4.80
CA SER A 237 -13.25 18.92 3.73
C SER A 237 -12.91 17.52 4.20
N PRO A 238 -13.33 16.46 3.49
CA PRO A 238 -13.04 15.07 3.79
C PRO A 238 -11.58 14.70 3.45
N ILE A 239 -10.89 15.59 2.73
CA ILE A 239 -9.57 15.29 2.23
C ILE A 239 -8.61 15.06 3.37
N GLY A 240 -8.68 15.89 4.40
CA GLY A 240 -7.72 15.79 5.48
C GLY A 240 -7.61 14.40 6.06
N TYR A 241 -8.72 13.82 6.52
CA TYR A 241 -8.64 12.51 7.12
C TYR A 241 -8.27 11.47 6.08
N LEU A 242 -8.82 11.55 4.88
CA LEU A 242 -8.46 10.53 3.93
C LEU A 242 -6.98 10.56 3.62
N GLY A 243 -6.41 11.76 3.48
CA GLY A 243 -5.00 11.90 3.19
C GLY A 243 -4.14 11.39 4.32
N LEU A 244 -4.59 11.60 5.56
CA LEU A 244 -3.87 11.17 6.74
C LEU A 244 -3.59 9.69 6.68
N LEU A 245 -4.55 8.92 6.16
CA LEU A 245 -4.42 7.48 6.12
C LEU A 245 -3.90 6.92 4.81
N SER A 246 -3.55 7.78 3.85
CA SER A 246 -3.07 7.32 2.53
C SER A 246 -1.60 6.89 2.58
N GLN A 247 -1.35 5.79 3.31
CA GLN A 247 -0.06 5.21 3.60
C GLN A 247 0.20 4.08 2.61
N GLY B 276 -29.27 10.69 -16.66
CA GLY B 276 -28.63 11.82 -15.96
C GLY B 276 -27.34 11.41 -15.24
N GLY B 277 -26.97 10.15 -15.41
CA GLY B 277 -25.80 9.59 -14.77
C GLY B 277 -26.00 9.69 -13.28
N TYR B 278 -25.03 10.21 -12.57
CA TYR B 278 -25.18 10.36 -11.14
C TYR B 278 -25.56 11.80 -10.82
N CYS B 279 -26.83 12.01 -10.44
CA CYS B 279 -27.40 13.31 -10.15
C CYS B 279 -27.24 13.62 -8.66
N LEU B 280 -26.79 14.82 -8.37
CA LEU B 280 -26.61 15.23 -7.00
C LEU B 280 -27.60 16.31 -6.69
N THR B 281 -28.27 16.16 -5.57
CA THR B 281 -29.31 17.08 -5.18
C THR B 281 -28.80 18.31 -4.46
N ARG B 282 -29.73 19.19 -4.11
CA ARG B 282 -29.46 20.47 -3.46
C ARG B 282 -28.93 20.30 -2.05
N TRP B 283 -29.08 19.12 -1.52
CA TRP B 283 -28.59 18.80 -0.21
C TRP B 283 -27.18 18.23 -0.27
N MET B 284 -26.68 17.98 -1.49
CA MET B 284 -25.36 17.41 -1.76
C MET B 284 -24.42 18.43 -2.37
N LEU B 285 -24.97 19.39 -3.08
CA LEU B 285 -24.22 20.46 -3.71
C LEU B 285 -24.39 21.65 -2.78
N ILE B 286 -23.43 22.54 -2.72
CA ILE B 286 -23.62 23.64 -1.77
C ILE B 286 -24.15 24.86 -2.49
N GLU B 287 -25.24 25.42 -1.98
CA GLU B 287 -25.84 26.61 -2.57
C GLU B 287 -26.09 26.41 -4.05
N ALA B 288 -26.66 25.26 -4.36
CA ALA B 288 -26.98 24.89 -5.72
C ALA B 288 -28.18 23.97 -5.73
N GLU B 289 -28.87 23.98 -6.85
CA GLU B 289 -30.00 23.12 -7.10
C GLU B 289 -29.48 21.79 -7.60
N LEU B 290 -30.38 20.85 -7.86
CA LEU B 290 -29.94 19.54 -8.31
C LEU B 290 -29.32 19.63 -9.69
N LYS B 291 -28.22 18.89 -9.88
CA LYS B 291 -27.51 18.85 -11.15
C LYS B 291 -27.30 17.41 -11.64
N CYS B 292 -27.40 17.23 -12.98
CA CYS B 292 -27.25 15.96 -13.70
C CYS B 292 -26.42 16.21 -14.93
N PHE B 293 -26.05 15.13 -15.58
CA PHE B 293 -25.25 15.19 -16.80
C PHE B 293 -25.52 13.97 -17.69
N GLY B 294 -25.12 14.01 -18.95
CA GLY B 294 -25.35 12.83 -19.79
C GLY B 294 -24.44 11.68 -19.38
N ASN B 295 -24.89 10.46 -19.64
CA ASN B 295 -24.17 9.23 -19.28
C ASN B 295 -22.80 9.08 -19.90
N THR B 296 -22.50 9.82 -20.94
CA THR B 296 -21.18 9.70 -21.52
C THR B 296 -20.15 10.03 -20.47
N ALA B 297 -20.41 11.07 -19.67
CA ALA B 297 -19.46 11.49 -18.68
C ALA B 297 -19.29 10.45 -17.58
N VAL B 298 -20.33 9.69 -17.24
CA VAL B 298 -20.10 8.73 -16.17
C VAL B 298 -19.27 7.61 -16.73
N ALA B 299 -19.52 7.24 -17.98
CA ALA B 299 -18.74 6.19 -18.60
C ALA B 299 -17.28 6.60 -18.69
N LYS B 300 -17.03 7.87 -19.03
CA LYS B 300 -15.67 8.39 -19.12
C LYS B 300 -14.97 8.44 -17.76
N CYS B 301 -15.70 8.77 -16.66
CA CYS B 301 -15.22 8.78 -15.28
C CYS B 301 -14.77 7.38 -14.89
N ASN B 302 -15.62 6.39 -15.18
CA ASN B 302 -15.27 5.04 -14.81
C ASN B 302 -14.08 4.48 -15.62
N GLU B 303 -13.98 4.84 -16.89
CA GLU B 303 -12.88 4.36 -17.74
C GLU B 303 -11.54 5.09 -17.60
N LYS B 304 -11.57 6.40 -17.38
CA LYS B 304 -10.36 7.20 -17.27
C LYS B 304 -9.79 7.12 -15.87
N HIS B 305 -8.49 7.26 -15.76
CA HIS B 305 -7.85 7.23 -14.46
C HIS B 305 -7.33 8.58 -14.02
N ASP B 306 -7.12 8.70 -12.71
CA ASP B 306 -6.58 9.87 -12.02
C ASP B 306 -7.40 11.17 -12.13
N GLU B 307 -8.71 11.04 -12.04
CA GLU B 307 -9.67 12.15 -12.05
C GLU B 307 -10.23 12.44 -10.65
N GLU B 308 -9.87 13.57 -10.05
CA GLU B 308 -10.25 13.89 -8.66
C GLU B 308 -11.74 13.92 -8.39
N PHE B 309 -12.52 14.39 -9.34
CA PHE B 309 -13.96 14.43 -9.08
C PHE B 309 -14.57 13.02 -8.93
N CYS B 310 -13.96 11.95 -9.55
CA CYS B 310 -14.47 10.58 -9.52
C CYS B 310 -14.38 10.06 -8.12
N ASP B 311 -13.32 10.43 -7.41
CA ASP B 311 -13.20 9.94 -6.06
C ASP B 311 -14.27 10.58 -5.21
N MET B 312 -14.54 11.86 -5.47
CA MET B 312 -15.58 12.49 -4.70
C MET B 312 -16.93 11.83 -5.00
N LEU B 313 -17.18 11.48 -6.26
CA LEU B 313 -18.46 10.86 -6.56
C LEU B 313 -18.59 9.54 -5.84
N ARG B 314 -17.51 8.79 -5.79
CA ARG B 314 -17.57 7.52 -5.10
C ARG B 314 -17.92 7.76 -3.63
N LEU B 315 -17.35 8.80 -3.02
CA LEU B 315 -17.67 9.08 -1.61
C LEU B 315 -19.11 9.50 -1.44
N PHE B 316 -19.66 10.25 -2.37
CA PHE B 316 -21.04 10.67 -2.22
C PHE B 316 -21.97 9.49 -2.31
N ASP B 317 -21.73 8.57 -3.23
CA ASP B 317 -22.60 7.42 -3.36
C ASP B 317 -22.41 6.51 -2.15
N PHE B 318 -21.19 6.41 -1.67
CA PHE B 318 -20.88 5.60 -0.52
C PHE B 318 -21.65 6.09 0.69
N ASN B 319 -21.60 7.40 0.94
CA ASN B 319 -22.31 8.02 2.04
C ASN B 319 -23.80 7.77 1.92
N LYS B 320 -24.34 7.98 0.73
CA LYS B 320 -25.75 7.77 0.50
C LYS B 320 -26.17 6.39 0.91
N GLN B 321 -25.46 5.38 0.42
CA GLN B 321 -25.87 4.05 0.73
C GLN B 321 -25.60 3.69 2.17
N ALA B 322 -24.48 4.13 2.71
CA ALA B 322 -24.14 3.73 4.05
C ALA B 322 -25.22 4.10 5.03
N ILE B 323 -25.80 5.28 4.86
CA ILE B 323 -26.83 5.68 5.79
C ILE B 323 -28.16 5.03 5.48
N GLN B 324 -28.52 4.91 4.20
CA GLN B 324 -29.78 4.30 3.84
C GLN B 324 -29.87 2.87 4.33
N ARG B 325 -28.75 2.16 4.32
CA ARG B 325 -28.76 0.80 4.79
C ARG B 325 -28.59 0.72 6.31
N LEU B 326 -27.74 1.57 6.89
CA LEU B 326 -27.46 1.48 8.30
C LEU B 326 -28.65 1.78 9.18
N LYS B 327 -29.34 2.89 8.93
CA LYS B 327 -30.52 3.21 9.73
C LYS B 327 -30.24 3.09 11.23
N ALA B 328 -29.17 3.68 11.70
CA ALA B 328 -28.77 3.50 13.08
C ALA B 328 -27.86 4.62 13.52
N PRO B 329 -27.70 4.84 14.84
CA PRO B 329 -26.73 5.71 15.47
C PRO B 329 -25.29 5.21 15.32
N ALA B 330 -25.11 3.95 14.93
CA ALA B 330 -23.78 3.35 14.81
C ALA B 330 -23.15 3.74 13.47
N GLN B 331 -22.90 5.03 13.35
CA GLN B 331 -22.43 5.71 12.16
C GLN B 331 -20.93 5.87 12.10
N MET B 332 -20.43 6.04 10.88
CA MET B 332 -19.04 6.37 10.60
C MET B 332 -18.08 5.37 11.18
N SER B 333 -18.41 4.10 11.12
CA SER B 333 -17.47 3.16 11.66
C SER B 333 -16.20 3.37 10.90
N ILE B 334 -15.13 3.54 11.64
CA ILE B 334 -13.87 3.82 11.03
C ILE B 334 -13.40 2.69 10.19
N GLN B 335 -13.59 1.47 10.65
CA GLN B 335 -13.11 0.38 9.83
C GLN B 335 -13.82 0.32 8.49
N LEU B 336 -15.10 0.66 8.46
CA LEU B 336 -15.81 0.59 7.20
C LEU B 336 -15.35 1.67 6.26
N ILE B 337 -15.19 2.88 6.78
CA ILE B 337 -14.76 3.92 5.89
C ILE B 337 -13.34 3.68 5.46
N ASN B 338 -12.47 3.15 6.30
CA ASN B 338 -11.11 2.96 5.87
C ASN B 338 -11.04 1.99 4.72
N LYS B 339 -11.84 0.94 4.78
CA LYS B 339 -11.82 -0.03 3.72
C LYS B 339 -12.39 0.57 2.45
N ALA B 340 -13.44 1.37 2.59
CA ALA B 340 -14.02 2.01 1.44
C ALA B 340 -13.01 2.93 0.81
N VAL B 341 -12.24 3.62 1.63
CA VAL B 341 -11.25 4.51 1.09
C VAL B 341 -10.22 3.74 0.34
N ASN B 342 -9.74 2.64 0.89
CA ASN B 342 -8.73 1.92 0.15
C ASN B 342 -9.26 1.50 -1.21
N ALA B 343 -10.54 1.13 -1.26
CA ALA B 343 -11.21 0.70 -2.46
C ALA B 343 -11.61 1.82 -3.43
N LEU B 344 -11.94 2.99 -2.91
CA LEU B 344 -12.49 4.07 -3.72
C LEU B 344 -11.57 5.23 -4.04
N ILE B 345 -10.59 5.47 -3.19
CA ILE B 345 -9.77 6.68 -3.28
C ILE B 345 -8.35 6.47 -3.77
N ASN B 346 -7.93 7.29 -4.73
CA ASN B 346 -6.58 7.20 -5.24
C ASN B 346 -5.62 8.04 -4.37
N ASP B 347 -4.80 7.35 -3.59
CA ASP B 347 -3.87 7.95 -2.64
C ASP B 347 -2.87 8.86 -3.31
N GLN B 348 -2.61 8.61 -4.59
CA GLN B 348 -1.63 9.40 -5.29
C GLN B 348 -2.22 10.74 -5.67
N LEU B 349 -3.53 10.83 -5.85
CA LEU B 349 -4.04 12.13 -6.23
C LEU B 349 -3.89 13.02 -5.04
N ILE B 350 -4.12 12.45 -3.85
CA ILE B 350 -4.01 13.24 -2.65
C ILE B 350 -2.58 13.65 -2.40
N MET B 351 -1.65 12.72 -2.50
CA MET B 351 -0.29 13.09 -2.22
C MET B 351 0.27 14.06 -3.22
N LYS B 352 -0.05 13.92 -4.51
CA LYS B 352 0.49 14.85 -5.48
C LYS B 352 -0.02 16.24 -5.21
N ASN B 353 -1.27 16.34 -4.81
CA ASN B 353 -1.83 17.65 -4.60
C ASN B 353 -1.21 18.31 -3.38
N HIS B 354 -0.90 17.50 -2.34
CA HIS B 354 -0.27 18.05 -1.15
C HIS B 354 1.15 18.49 -1.44
N LEU B 355 1.83 17.76 -2.30
CA LEU B 355 3.17 18.17 -2.61
C LEU B 355 3.13 19.41 -3.52
N ARG B 356 2.13 19.54 -4.39
CA ARG B 356 2.09 20.75 -5.18
C ARG B 356 1.92 21.94 -4.25
N ASP B 357 1.14 21.77 -3.21
CA ASP B 357 0.93 22.82 -2.24
C ASP B 357 2.24 23.22 -1.58
N ILE B 358 3.01 22.25 -1.08
CA ILE B 358 4.24 22.66 -0.40
C ILE B 358 5.17 23.35 -1.35
N MET B 359 5.16 22.94 -2.61
CA MET B 359 6.01 23.50 -3.66
C MET B 359 5.53 24.82 -4.29
N CYS B 360 4.39 25.40 -3.81
CA CYS B 360 3.78 26.66 -4.27
C CYS B 360 3.34 26.51 -5.73
N ILE B 361 2.91 25.32 -6.05
CA ILE B 361 2.42 24.98 -7.35
C ILE B 361 0.93 24.94 -7.17
N PRO B 362 0.13 25.55 -8.03
CA PRO B 362 -1.29 25.56 -7.86
C PRO B 362 -1.76 24.16 -7.64
N TYR B 363 -2.71 24.02 -6.74
CA TYR B 363 -3.24 22.72 -6.39
C TYR B 363 -4.71 22.85 -6.16
N CYS B 364 -5.47 21.75 -6.22
CA CYS B 364 -6.91 21.78 -6.05
C CYS B 364 -7.37 21.27 -4.70
N ASN B 365 -8.18 22.05 -4.06
CA ASN B 365 -8.94 21.44 -3.01
C ASN B 365 -10.19 20.98 -3.74
N TYR B 366 -11.12 20.25 -3.10
CA TYR B 366 -12.26 19.69 -3.85
C TYR B 366 -13.53 20.46 -3.70
N SER B 367 -13.47 21.68 -3.18
CA SER B 367 -14.73 22.36 -3.11
C SER B 367 -15.25 22.65 -4.48
N LYS B 368 -14.40 23.08 -5.40
CA LYS B 368 -14.94 23.44 -6.70
C LYS B 368 -14.27 22.73 -7.85
N TYR B 369 -15.09 22.47 -8.83
CA TYR B 369 -14.70 21.89 -10.10
C TYR B 369 -15.20 22.70 -11.29
N TRP B 370 -14.42 22.62 -12.36
CA TRP B 370 -14.73 23.20 -13.64
C TRP B 370 -15.51 22.24 -14.50
N TYR B 371 -16.59 22.68 -15.09
CA TYR B 371 -17.38 21.79 -15.92
C TYR B 371 -17.53 22.32 -17.29
N LEU B 372 -16.56 22.06 -18.15
CA LEU B 372 -16.73 22.61 -19.48
C LEU B 372 -17.94 21.83 -19.99
N ASN B 373 -18.97 22.54 -20.49
CA ASN B 373 -20.27 21.98 -20.87
C ASN B 373 -20.81 22.64 -22.15
N HIS B 374 -21.26 21.80 -23.13
CA HIS B 374 -21.85 22.26 -24.39
C HIS B 374 -23.22 22.79 -24.03
N THR B 375 -23.47 24.04 -24.37
CA THR B 375 -24.66 24.72 -23.93
C THR B 375 -25.95 24.34 -24.62
N THR B 376 -25.89 23.66 -25.76
CA THR B 376 -27.12 23.31 -26.44
C THR B 376 -27.39 21.84 -26.23
N THR B 377 -26.33 21.03 -26.16
CA THR B 377 -26.55 19.60 -26.03
C THR B 377 -26.50 19.13 -24.58
N GLY B 378 -25.96 19.96 -23.66
CA GLY B 378 -25.85 19.60 -22.26
C GLY B 378 -24.75 18.58 -22.06
N ARG B 379 -23.76 18.67 -22.92
CA ARG B 379 -22.69 17.70 -22.86
C ARG B 379 -21.65 18.18 -21.92
N THR B 380 -21.55 17.54 -20.79
CA THR B 380 -20.65 17.98 -19.76
C THR B 380 -19.42 17.09 -19.77
N SER B 381 -18.26 17.71 -19.83
CA SER B 381 -16.98 17.03 -19.83
C SER B 381 -16.70 16.51 -18.46
N LEU B 382 -15.72 15.64 -18.33
CA LEU B 382 -15.44 15.22 -16.99
C LEU B 382 -14.99 16.47 -16.27
N PRO B 383 -15.50 16.78 -15.10
CA PRO B 383 -15.13 17.93 -14.34
C PRO B 383 -13.66 17.95 -14.07
N LYS B 384 -13.06 19.10 -14.18
CA LYS B 384 -11.65 19.24 -13.87
C LYS B 384 -11.67 19.91 -12.54
N CYS B 385 -10.63 19.80 -11.71
CA CYS B 385 -10.60 20.47 -10.42
C CYS B 385 -10.14 21.92 -10.62
N TRP B 386 -10.59 22.78 -9.73
CA TRP B 386 -10.21 24.17 -9.83
C TRP B 386 -9.05 24.49 -8.88
N LEU B 387 -7.90 24.76 -9.49
CA LEU B 387 -6.64 25.05 -8.83
C LEU B 387 -6.67 26.40 -8.13
N VAL B 388 -6.03 26.40 -6.98
CA VAL B 388 -5.87 27.52 -6.08
C VAL B 388 -4.41 27.93 -5.95
N SER B 389 -4.20 29.23 -6.03
CA SER B 389 -2.92 29.88 -5.99
C SER B 389 -2.84 30.89 -4.87
N ASN B 390 -1.91 30.70 -3.91
CA ASN B 390 -1.71 31.59 -2.75
C ASN B 390 -3.04 31.81 -1.97
N GLY B 391 -3.86 30.76 -1.82
CA GLY B 391 -5.14 30.81 -1.10
C GLY B 391 -6.30 31.40 -1.93
N SER B 392 -6.14 31.55 -3.23
CA SER B 392 -7.21 32.11 -4.07
C SER B 392 -7.32 31.43 -5.42
N TYR B 393 -8.52 31.30 -5.92
CA TYR B 393 -8.70 30.64 -7.19
C TYR B 393 -8.08 31.34 -8.38
N LEU B 394 -7.53 30.52 -9.27
CA LEU B 394 -6.99 30.98 -10.53
C LEU B 394 -8.12 31.26 -11.52
N ASN B 395 -7.88 32.14 -12.53
CA ASN B 395 -8.86 32.53 -13.54
C ASN B 395 -8.84 31.55 -14.72
N GLU B 396 -9.84 31.67 -15.63
CA GLU B 396 -9.99 30.90 -16.88
C GLU B 396 -8.81 31.17 -17.80
N THR B 397 -8.14 32.28 -17.53
CA THR B 397 -6.93 32.72 -18.19
C THR B 397 -5.82 31.71 -17.90
N HIS B 398 -5.72 31.28 -16.65
CA HIS B 398 -4.65 30.40 -16.20
C HIS B 398 -4.95 29.00 -16.68
N PHE B 399 -6.22 28.74 -16.86
CA PHE B 399 -6.68 27.46 -17.34
C PHE B 399 -6.99 27.54 -18.80
N SER B 400 -6.60 28.62 -19.47
CA SER B 400 -6.96 28.78 -20.85
C SER B 400 -6.53 27.61 -21.70
N ASP B 401 -5.34 27.10 -21.47
CA ASP B 401 -4.89 26.02 -22.31
C ASP B 401 -5.65 24.74 -22.03
N ASP B 402 -5.94 24.48 -20.76
CA ASP B 402 -6.63 23.25 -20.41
C ASP B 402 -8.06 23.28 -20.93
N ILE B 403 -8.64 24.47 -20.91
CA ILE B 403 -10.00 24.66 -21.34
C ILE B 403 -10.09 24.48 -22.84
N GLU B 404 -9.17 25.09 -23.57
CA GLU B 404 -9.19 24.96 -25.02
C GLU B 404 -8.96 23.52 -25.44
N GLN B 405 -8.07 22.82 -24.73
CA GLN B 405 -7.80 21.44 -25.07
C GLN B 405 -9.02 20.59 -24.81
N GLN B 406 -9.71 20.84 -23.71
CA GLN B 406 -10.87 20.05 -23.46
C GLN B 406 -11.95 20.35 -24.47
N ALA B 407 -12.09 21.61 -24.88
CA ALA B 407 -13.11 21.93 -25.85
C ALA B 407 -12.86 21.16 -27.14
N ASP B 408 -11.58 21.04 -27.55
CA ASP B 408 -11.26 20.29 -28.75
C ASP B 408 -11.58 18.83 -28.57
N ASN B 409 -11.35 18.31 -27.37
CA ASN B 409 -11.63 16.91 -27.11
C ASN B 409 -13.12 16.66 -27.16
N MET B 410 -13.92 17.61 -26.66
CA MET B 410 -15.37 17.44 -26.65
C MET B 410 -15.88 17.42 -28.08
N ILE B 411 -15.32 18.28 -28.93
CA ILE B 411 -15.76 18.31 -30.31
C ILE B 411 -15.41 17.00 -30.99
N THR B 412 -14.19 16.52 -30.76
CA THR B 412 -13.73 15.29 -31.35
C THR B 412 -14.61 14.13 -30.97
N GLU B 413 -14.96 14.04 -29.69
CA GLU B 413 -15.81 12.97 -29.23
C GLU B 413 -17.22 13.07 -29.81
N MET B 414 -17.76 14.28 -29.92
CA MET B 414 -19.10 14.46 -30.49
C MET B 414 -19.20 14.04 -31.97
N LEU B 415 -18.16 14.34 -32.78
CA LEU B 415 -18.06 14.03 -34.21
C LEU B 415 -17.77 12.53 -34.37
N GLN C 17 26.03 47.62 11.35
CA GLN C 17 25.15 48.76 11.12
C GLN C 17 24.69 48.79 9.62
N LEU C 18 23.85 49.79 9.30
CA LEU C 18 23.30 50.10 7.97
C LEU C 18 23.63 51.53 7.64
N GLU C 19 24.25 51.73 6.49
CA GLU C 19 24.66 53.06 6.08
C GLU C 19 23.93 53.48 4.82
N GLU C 20 23.50 54.73 4.77
CA GLU C 20 22.77 55.21 3.60
C GLU C 20 23.65 56.00 2.66
N SER C 21 23.31 55.96 1.38
CA SER C 21 23.91 56.79 0.34
C SER C 21 22.93 56.92 -0.82
N GLY C 22 23.21 57.82 -1.78
CA GLY C 22 22.32 57.97 -2.93
C GLY C 22 21.17 58.97 -2.72
N GLY C 23 21.26 59.83 -1.70
CA GLY C 23 20.18 60.80 -1.46
C GLY C 23 20.51 62.10 -2.20
N GLY C 24 19.86 63.20 -1.82
CA GLY C 24 20.07 64.46 -2.52
C GLY C 24 18.84 64.87 -3.30
N LEU C 25 18.95 65.95 -4.08
CA LEU C 25 17.80 66.45 -4.81
C LEU C 25 17.82 66.01 -6.27
N VAL C 26 16.67 65.57 -6.76
CA VAL C 26 16.49 65.20 -8.14
C VAL C 26 15.29 65.96 -8.71
N GLN C 27 15.17 65.93 -10.00
CA GLN C 27 14.08 66.61 -10.68
C GLN C 27 12.87 65.72 -10.77
N THR C 28 11.72 66.34 -10.97
CA THR C 28 10.48 65.59 -11.11
C THR C 28 10.43 64.94 -12.47
N GLU C 29 9.56 63.93 -12.59
CA GLU C 29 9.41 63.11 -13.78
C GLU C 29 10.77 62.46 -14.03
N GLY C 30 11.43 62.11 -12.93
CA GLY C 30 12.77 61.55 -12.97
C GLY C 30 12.95 60.20 -12.32
N SER C 31 14.17 59.95 -11.87
CA SER C 31 14.53 58.68 -11.26
C SER C 31 15.64 58.87 -10.25
N LEU C 32 15.73 57.93 -9.33
CA LEU C 32 16.78 57.91 -8.33
C LEU C 32 16.97 56.56 -7.70
N THR C 33 18.20 56.09 -7.67
CA THR C 33 18.42 54.82 -7.01
C THR C 33 19.03 55.06 -5.64
N LEU C 34 18.39 54.53 -4.61
CA LEU C 34 18.88 54.73 -3.25
C LEU C 34 19.71 53.56 -2.84
N THR C 35 20.72 53.79 -2.04
CA THR C 35 21.61 52.70 -1.66
C THR C 35 21.78 52.53 -0.14
N CYS C 36 21.84 51.26 0.32
CA CYS C 36 22.13 50.88 1.70
C CYS C 36 23.30 49.90 1.73
N THR C 37 24.24 50.18 2.60
CA THR C 37 25.41 49.35 2.70
C THR C 37 25.52 48.69 4.07
N ALA C 38 25.82 47.41 4.03
CA ALA C 38 26.04 46.59 5.19
C ALA C 38 27.34 46.96 5.86
N SER C 39 27.35 46.96 7.18
CA SER C 39 28.57 47.21 7.91
C SER C 39 28.73 46.20 9.04
N GLY C 40 29.81 45.41 8.99
CA GLY C 40 30.03 44.36 9.99
C GLY C 40 29.28 43.08 9.61
N PHE C 41 27.96 43.19 9.55
CA PHE C 41 27.07 42.12 9.16
C PHE C 41 26.78 42.11 7.70
N SER C 42 27.26 41.11 6.99
CA SER C 42 27.01 41.06 5.56
C SER C 42 25.61 40.51 5.38
N PHE C 43 25.06 40.69 4.21
CA PHE C 43 23.72 40.23 3.97
C PHE C 43 23.68 38.76 3.60
N SER C 44 22.66 38.08 4.08
CA SER C 44 22.39 36.68 3.75
C SER C 44 21.36 36.73 2.64
N ASN C 45 20.86 35.58 2.22
CA ASN C 45 19.90 35.50 1.13
C ASN C 45 18.44 35.66 1.60
N ASN C 46 18.26 35.96 2.86
CA ASN C 46 16.94 36.11 3.44
C ASN C 46 16.35 37.51 3.33
N ASP C 47 15.11 37.66 3.85
CA ASP C 47 14.39 38.94 3.80
C ASP C 47 14.79 39.80 4.95
N TYR C 48 16.02 40.27 4.87
CA TYR C 48 16.60 41.04 5.94
C TYR C 48 16.77 42.50 5.65
N ILE C 49 16.37 42.96 4.48
CA ILE C 49 16.51 44.35 4.13
C ILE C 49 15.11 44.83 3.87
N CYS C 50 14.66 45.97 4.44
CA CYS C 50 13.30 46.44 4.20
C CYS C 50 13.29 47.95 4.18
N TRP C 51 12.40 48.56 3.38
CA TRP C 51 12.39 50.00 3.29
C TRP C 51 11.10 50.76 3.53
N VAL C 52 11.29 51.88 4.19
CA VAL C 52 10.22 52.81 4.52
C VAL C 52 10.54 54.25 4.18
N ARG C 53 9.51 55.10 4.14
CA ARG C 53 9.70 56.53 3.94
C ARG C 53 8.78 57.37 4.80
N GLN C 54 9.17 58.61 5.08
CA GLN C 54 8.20 59.54 5.66
C GLN C 54 8.45 60.95 5.18
N ALA C 55 7.42 61.63 4.71
CA ALA C 55 7.61 63.00 4.31
C ALA C 55 7.90 63.72 5.61
N PRO C 56 8.69 64.78 5.65
CA PRO C 56 8.93 65.47 6.88
C PRO C 56 7.62 65.89 7.48
N GLY C 57 7.45 65.67 8.78
CA GLY C 57 6.22 66.05 9.48
C GLY C 57 5.11 65.00 9.38
N LYS C 58 5.35 63.93 8.62
CA LYS C 58 4.37 62.88 8.42
C LYS C 58 4.83 61.58 9.05
N GLY C 59 3.88 60.66 9.21
CA GLY C 59 4.21 59.37 9.77
C GLY C 59 4.87 58.49 8.75
N LEU C 60 5.21 57.29 9.16
CA LEU C 60 5.96 56.39 8.34
C LEU C 60 5.07 55.48 7.51
N GLU C 61 5.48 55.22 6.27
CA GLU C 61 4.76 54.27 5.45
C GLU C 61 5.73 53.34 4.76
N TRP C 62 5.22 52.17 4.44
CA TRP C 62 5.99 51.16 3.73
C TRP C 62 6.18 51.49 2.27
N ILE C 63 7.39 51.34 1.73
CA ILE C 63 7.52 51.51 0.28
C ILE C 63 7.66 50.14 -0.35
N GLY C 64 8.46 49.29 0.25
CA GLY C 64 8.69 47.98 -0.28
C GLY C 64 9.67 47.27 0.60
N CYS C 65 10.08 46.03 0.25
CA CYS C 65 10.97 45.26 1.12
C CYS C 65 11.88 44.37 0.28
N ILE C 66 12.98 43.90 0.87
CA ILE C 66 13.96 43.13 0.12
C ILE C 66 14.47 41.78 0.66
N TYR C 67 14.38 40.81 -0.25
CA TYR C 67 14.81 39.43 -0.06
C TYR C 67 15.95 39.18 -0.98
N SER C 68 17.04 38.64 -0.44
CA SER C 68 18.23 38.46 -1.27
C SER C 68 18.46 37.15 -2.04
N ASP C 69 17.72 36.07 -1.81
CA ASP C 69 17.99 34.86 -2.59
C ASP C 69 17.57 35.02 -4.05
N TYR C 70 16.47 35.70 -4.25
CA TYR C 70 15.88 35.92 -5.56
C TYR C 70 15.21 37.26 -5.53
N GLY C 71 15.30 38.03 -6.61
CA GLY C 71 14.65 39.31 -6.53
C GLY C 71 13.14 39.22 -6.33
N PHE C 72 12.71 39.69 -5.16
CA PHE C 72 11.30 39.76 -4.80
C PHE C 72 10.87 41.21 -4.90
N SER C 73 9.64 41.43 -5.31
CA SER C 73 9.11 42.78 -5.42
C SER C 73 8.75 43.39 -4.07
N PHE C 74 7.82 42.78 -3.37
CA PHE C 74 7.40 43.32 -2.08
C PHE C 74 7.07 44.77 -2.13
N PHE C 75 6.10 45.20 -2.91
CA PHE C 75 5.84 46.62 -2.91
C PHE C 75 4.48 46.91 -2.39
N ALA C 76 4.34 48.09 -1.83
CA ALA C 76 3.05 48.56 -1.41
C ALA C 76 2.22 48.69 -2.65
N THR C 77 0.91 48.48 -2.55
CA THR C 77 0.07 48.65 -3.74
C THR C 77 0.40 49.98 -4.34
N TRP C 78 0.48 51.00 -3.52
CA TRP C 78 0.89 52.27 -4.04
C TRP C 78 2.30 52.29 -4.65
N ALA C 79 3.27 51.81 -3.92
CA ALA C 79 4.66 51.93 -4.33
C ALA C 79 5.00 51.22 -5.61
N LYS C 80 4.37 50.09 -5.86
CA LYS C 80 4.72 49.24 -6.98
C LYS C 80 4.67 49.90 -8.33
N ASP C 81 3.89 50.97 -8.52
CA ASP C 81 3.89 51.53 -9.86
C ASP C 81 5.14 52.35 -10.16
N ARG C 82 5.77 52.94 -9.13
CA ARG C 82 6.96 53.76 -9.37
C ARG C 82 8.24 53.15 -8.78
N PHE C 83 8.08 52.13 -7.94
CA PHE C 83 9.22 51.55 -7.25
C PHE C 83 9.59 50.20 -7.88
N SER C 84 10.80 50.15 -8.44
CA SER C 84 11.33 48.97 -9.12
C SER C 84 12.12 48.14 -8.12
N GLY C 85 12.59 46.97 -8.55
CA GLY C 85 13.31 46.08 -7.65
C GLY C 85 14.72 46.54 -7.36
N SER C 86 15.50 45.64 -6.78
CA SER C 86 16.81 45.99 -6.31
C SER C 86 17.92 44.99 -6.56
N LYS C 87 19.14 45.52 -6.55
CA LYS C 87 20.37 44.73 -6.61
C LYS C 87 20.64 44.28 -5.22
N THR C 88 21.04 43.03 -5.04
CA THR C 88 21.36 42.54 -3.70
C THR C 88 22.71 41.84 -3.61
N SER C 89 23.77 42.63 -3.45
CA SER C 89 25.11 42.10 -3.32
C SER C 89 25.29 41.77 -1.85
N SER C 90 26.39 41.13 -1.47
CA SER C 90 26.53 40.78 -0.05
C SER C 90 26.61 42.00 0.84
N THR C 91 27.07 43.14 0.36
CA THR C 91 27.07 44.29 1.23
C THR C 91 26.26 45.45 0.71
N THR C 92 25.92 45.48 -0.57
CA THR C 92 25.22 46.66 -1.05
C THR C 92 23.90 46.37 -1.73
N VAL C 93 22.89 47.10 -1.31
CA VAL C 93 21.58 46.95 -1.91
C VAL C 93 21.10 48.25 -2.54
N THR C 94 20.62 48.15 -3.78
CA THR C 94 20.21 49.36 -4.48
C THR C 94 18.77 49.32 -4.94
N LEU C 95 18.04 50.39 -4.63
CA LEU C 95 16.60 50.55 -4.89
C LEU C 95 16.25 51.49 -5.99
N GLN C 96 15.76 51.01 -7.12
CA GLN C 96 15.53 51.99 -8.17
C GLN C 96 14.13 52.57 -8.23
N GLY C 97 14.00 53.89 -8.09
CA GLY C 97 12.69 54.51 -8.27
C GLY C 97 12.66 55.23 -9.62
N THR C 98 11.51 55.23 -10.31
CA THR C 98 11.38 55.94 -11.58
C THR C 98 10.04 56.67 -11.66
N GLY C 99 9.96 57.75 -12.47
CA GLY C 99 8.69 58.44 -12.62
C GLY C 99 8.40 59.18 -11.33
N LEU C 100 9.48 59.62 -10.69
CA LEU C 100 9.41 60.27 -9.40
C LEU C 100 8.86 61.66 -9.54
N THR C 101 8.09 62.07 -8.54
CA THR C 101 7.54 63.41 -8.48
C THR C 101 7.85 64.12 -7.17
N ALA C 102 7.50 65.39 -7.08
CA ALA C 102 7.81 66.20 -5.91
C ALA C 102 7.22 65.64 -4.63
N ALA C 103 6.08 65.01 -4.76
CA ALA C 103 5.35 64.42 -3.64
C ALA C 103 6.09 63.26 -3.01
N ASP C 104 7.13 62.77 -3.67
CA ASP C 104 7.89 61.65 -3.17
C ASP C 104 8.98 62.11 -2.21
N THR C 105 9.08 63.43 -1.95
CA THR C 105 10.08 63.90 -1.02
C THR C 105 9.83 63.29 0.35
N ALA C 106 10.89 62.72 0.91
CA ALA C 106 10.84 62.07 2.20
C ALA C 106 12.19 61.73 2.72
N THR C 107 12.22 61.42 3.99
CA THR C 107 13.41 60.84 4.53
C THR C 107 13.22 59.35 4.36
N TYR C 108 14.19 58.70 3.76
CA TYR C 108 14.11 57.27 3.50
C TYR C 108 15.00 56.52 4.45
N PHE C 109 14.55 55.34 4.84
CA PHE C 109 15.35 54.52 5.74
C PHE C 109 15.45 53.04 5.34
N CYS C 110 16.66 52.48 5.54
CA CYS C 110 17.02 51.08 5.42
C CYS C 110 16.90 50.46 6.82
N VAL C 111 16.11 49.41 6.92
CA VAL C 111 15.94 48.71 8.18
C VAL C 111 16.21 47.22 8.04
N LYS C 112 16.90 46.65 9.02
CA LYS C 112 17.15 45.23 9.04
C LYS C 112 15.94 44.59 9.61
N THR C 113 15.53 43.53 8.97
CA THR C 113 14.36 42.83 9.41
C THR C 113 14.41 41.35 9.67
N TYR C 114 13.54 40.89 10.56
CA TYR C 114 13.28 39.47 10.77
C TYR C 114 11.76 39.36 10.66
N VAL C 115 11.25 40.40 10.02
CA VAL C 115 9.86 40.73 9.84
C VAL C 115 9.03 39.79 9.05
N SER C 116 9.53 39.28 7.95
CA SER C 116 8.66 38.47 7.15
C SER C 116 8.61 37.02 7.52
N ARG C 117 7.39 36.56 7.69
CA ARG C 117 7.13 35.15 7.90
C ARG C 117 7.01 34.62 6.49
N PHE C 118 7.63 33.47 6.16
CA PHE C 118 7.72 32.95 4.79
C PHE C 118 6.78 31.89 4.22
N GLY C 119 5.69 31.55 4.86
CA GLY C 119 4.87 30.55 4.19
C GLY C 119 4.23 31.35 3.08
N TYR C 120 3.33 30.79 2.27
CA TYR C 120 2.84 31.69 1.21
C TYR C 120 2.18 32.90 1.84
N TYR C 121 1.60 32.70 3.02
CA TYR C 121 0.94 33.77 3.64
C TYR C 121 1.95 34.52 4.46
N ILE C 122 2.48 35.57 3.85
CA ILE C 122 3.53 36.40 4.41
C ILE C 122 2.97 37.37 5.43
N ARG C 123 3.66 37.45 6.56
CA ARG C 123 3.22 38.35 7.64
C ARG C 123 4.31 39.27 8.08
N TRP C 124 3.92 40.41 8.66
CA TRP C 124 4.83 41.42 9.18
C TRP C 124 4.95 41.43 10.69
N ASP C 125 6.11 41.01 11.19
CA ASP C 125 6.36 40.99 12.63
C ASP C 125 7.83 41.14 13.06
N TYR C 126 8.15 42.25 13.74
CA TYR C 126 9.49 42.57 14.29
C TYR C 126 10.62 43.04 13.34
N PHE C 127 10.74 44.38 13.27
CA PHE C 127 11.78 45.13 12.57
C PHE C 127 12.86 45.29 13.60
N ASP C 128 14.14 45.35 13.22
CA ASP C 128 15.19 45.49 14.22
C ASP C 128 16.07 46.74 14.07
N LEU C 129 17.16 46.64 13.32
CA LEU C 129 18.14 47.71 13.15
C LEU C 129 17.79 48.80 12.16
N TRP C 130 17.90 50.04 12.59
CA TRP C 130 17.64 51.14 11.66
C TRP C 130 18.91 51.87 11.27
N GLY C 131 18.96 52.27 9.99
CA GLY C 131 20.03 53.13 9.49
C GLY C 131 19.68 54.59 9.72
N PRO C 132 20.61 55.52 9.55
CA PRO C 132 20.37 56.94 9.64
C PRO C 132 19.42 57.22 8.53
N GLY C 133 18.57 58.21 8.63
CA GLY C 133 17.73 58.45 7.46
C GLY C 133 18.48 59.27 6.46
N THR C 134 18.04 59.20 5.20
CA THR C 134 18.62 60.02 4.15
C THR C 134 17.56 60.88 3.54
N LEU C 135 17.87 62.14 3.29
CA LEU C 135 16.83 62.99 2.71
C LEU C 135 16.88 63.04 1.22
N VAL C 136 15.74 62.71 0.64
CA VAL C 136 15.54 62.71 -0.78
C VAL C 136 14.51 63.76 -1.15
N ILE C 137 14.91 64.66 -2.03
CA ILE C 137 14.04 65.74 -2.50
C ILE C 137 13.88 65.53 -3.99
N VAL C 138 12.65 65.62 -4.53
CA VAL C 138 12.40 65.41 -5.96
C VAL C 138 11.90 66.72 -6.55
N VAL D 5 -5.26 47.60 7.65
CA VAL D 5 -5.57 48.94 8.09
C VAL D 5 -5.36 48.98 9.60
N MET D 6 -4.86 50.13 10.09
CA MET D 6 -4.58 50.40 11.50
C MET D 6 -5.02 51.80 11.85
N THR D 7 -5.56 51.96 13.05
CA THR D 7 -5.90 53.25 13.61
C THR D 7 -5.13 53.45 14.89
N GLN D 8 -5.26 54.62 15.47
CA GLN D 8 -4.47 54.96 16.64
C GLN D 8 -5.10 56.05 17.50
N THR D 9 -4.73 56.04 18.77
CA THR D 9 -5.12 57.06 19.74
C THR D 9 -4.84 58.44 19.10
N PRO D 10 -5.64 59.48 19.39
CA PRO D 10 -5.50 60.82 18.85
C PRO D 10 -4.10 61.37 19.03
N SER D 11 -3.69 62.19 18.07
CA SER D 11 -2.37 62.79 18.07
C SER D 11 -1.93 63.78 19.16
N PRO D 12 -2.77 64.65 19.77
CA PRO D 12 -2.36 65.64 20.76
C PRO D 12 -2.18 65.09 22.16
N VAL D 13 -1.15 64.30 22.38
CA VAL D 13 -0.94 63.65 23.65
C VAL D 13 0.16 64.30 24.46
N SER D 14 -0.04 64.43 25.75
CA SER D 14 0.96 65.02 26.60
C SER D 14 0.91 64.41 27.97
N ALA D 15 2.00 64.56 28.71
CA ALA D 15 2.01 64.10 30.08
C ALA D 15 2.98 64.91 30.92
N ALA D 16 2.71 64.95 32.22
CA ALA D 16 3.60 65.59 33.17
C ALA D 16 4.76 64.64 33.41
N VAL D 17 5.88 65.15 33.89
CA VAL D 17 6.97 64.23 34.21
C VAL D 17 6.66 63.45 35.47
N GLY D 18 6.82 62.14 35.37
CA GLY D 18 6.54 61.19 36.44
C GLY D 18 5.20 60.51 36.14
N GLY D 19 5.00 59.27 36.57
CA GLY D 19 3.71 58.65 36.25
C GLY D 19 3.65 58.20 34.79
N THR D 20 2.43 58.09 34.24
CA THR D 20 2.21 57.54 32.90
C THR D 20 1.44 58.41 31.92
N VAL D 21 1.48 57.94 30.67
CA VAL D 21 0.75 58.46 29.52
C VAL D 21 0.00 57.28 28.90
N SER D 22 -1.20 57.52 28.35
CA SER D 22 -1.96 56.44 27.71
C SER D 22 -1.87 56.48 26.19
N ILE D 23 -1.32 55.42 25.61
CA ILE D 23 -1.14 55.29 24.19
C ILE D 23 -1.79 53.99 23.68
N SER D 24 -2.54 54.03 22.59
CA SER D 24 -3.15 52.79 22.09
C SER D 24 -3.26 52.74 20.56
N CYS D 25 -3.35 51.50 20.01
CA CYS D 25 -3.52 51.19 18.57
C CYS D 25 -4.58 50.13 18.36
N GLN D 26 -5.21 50.18 17.19
CA GLN D 26 -6.16 49.14 16.85
C GLN D 26 -6.20 48.78 15.36
N SER D 27 -6.20 47.50 15.04
CA SER D 27 -6.31 47.09 13.65
C SER D 27 -7.75 46.85 13.22
N SER D 28 -7.97 46.82 11.91
CA SER D 28 -9.30 46.49 11.43
C SER D 28 -9.58 45.00 11.44
N LYS D 29 -8.52 44.19 11.35
CA LYS D 29 -8.63 42.74 11.34
C LYS D 29 -7.66 42.20 12.36
N SER D 30 -8.03 41.13 13.04
CA SER D 30 -7.13 40.58 14.02
C SER D 30 -5.86 40.16 13.35
N VAL D 31 -4.77 40.37 14.04
CA VAL D 31 -3.44 40.01 13.59
C VAL D 31 -3.32 38.51 13.45
N HIS D 32 -2.56 38.05 12.42
CA HIS D 32 -2.34 36.64 12.16
C HIS D 32 -2.08 35.85 13.43
N ASN D 33 -1.28 36.40 14.30
CA ASN D 33 -1.00 35.77 15.55
C ASN D 33 -0.89 36.87 16.57
N GLU D 34 -1.63 36.74 17.66
CA GLU D 34 -1.71 37.75 18.70
C GLU D 34 -0.39 38.01 19.41
N ASN D 35 0.63 37.19 19.14
CA ASN D 35 1.93 37.35 19.72
C ASN D 35 2.86 38.07 18.76
N PHE D 36 2.29 38.68 17.71
CA PHE D 36 3.03 39.47 16.72
C PHE D 36 2.79 40.91 17.09
N LEU D 37 3.83 41.72 17.16
CA LEU D 37 3.63 43.11 17.62
C LEU D 37 4.86 43.97 17.49
N SER D 38 4.70 45.24 17.08
CA SER D 38 5.82 46.17 17.22
C SER D 38 5.44 47.60 17.64
N TRP D 39 5.96 48.04 18.79
CA TRP D 39 5.78 49.41 19.26
C TRP D 39 7.12 50.06 19.17
N TYR D 40 7.14 51.27 18.72
CA TYR D 40 8.37 51.99 18.55
C TYR D 40 8.15 53.47 18.64
N GLN D 41 9.22 54.22 18.79
CA GLN D 41 9.07 55.66 18.85
C GLN D 41 10.10 56.38 18.02
N GLN D 42 9.74 57.56 17.58
CA GLN D 42 10.66 58.37 16.84
C GLN D 42 10.80 59.77 17.39
N LYS D 43 11.98 60.09 17.91
CA LYS D 43 12.18 61.45 18.37
C LYS D 43 12.40 62.20 17.09
N PRO D 44 11.97 63.45 16.95
CA PRO D 44 12.16 64.21 15.75
C PRO D 44 13.62 64.25 15.38
N GLY D 45 13.90 64.02 14.10
CA GLY D 45 15.25 64.05 13.59
C GLY D 45 16.01 62.73 13.78
N GLN D 46 15.38 61.79 14.46
CA GLN D 46 16.03 60.52 14.73
C GLN D 46 15.46 59.39 13.92
N ARG D 47 16.25 58.35 13.75
CA ARG D 47 15.75 57.15 13.13
C ARG D 47 14.89 56.44 14.17
N PRO D 48 13.90 55.64 13.79
CA PRO D 48 13.03 54.90 14.70
C PRO D 48 13.75 53.94 15.63
N LYS D 49 13.24 53.84 16.86
CA LYS D 49 13.76 52.92 17.87
C LYS D 49 12.69 51.94 18.31
N LEU D 50 12.98 50.65 18.20
CA LEU D 50 12.00 49.64 18.63
C LEU D 50 11.95 49.55 20.14
N LEU D 51 10.74 49.56 20.68
CA LEU D 51 10.56 49.45 22.10
C LEU D 51 10.05 48.08 22.52
N ILE D 52 8.87 47.74 22.03
CA ILE D 52 8.14 46.55 22.48
C ILE D 52 7.80 45.64 21.32
N TYR D 53 8.00 44.35 21.45
CA TYR D 53 7.65 43.49 20.36
C TYR D 53 7.12 42.13 20.74
N ARG D 54 6.45 41.51 19.80
CA ARG D 54 5.84 40.20 20.00
C ARG D 54 4.98 40.22 21.24
N ALA D 55 5.18 39.28 22.15
CA ALA D 55 4.36 39.24 23.35
C ALA D 55 4.88 40.21 24.41
N SER D 56 4.80 41.49 24.08
CA SER D 56 5.23 42.61 24.89
C SER D 56 6.65 42.51 25.46
N THR D 57 7.60 42.11 24.63
CA THR D 57 9.00 41.94 24.97
C THR D 57 9.76 43.21 24.73
N LEU D 58 10.65 43.61 25.64
CA LEU D 58 11.41 44.81 25.32
C LEU D 58 12.62 44.52 24.47
N ALA D 59 12.82 45.38 23.50
CA ALA D 59 13.92 45.30 22.56
C ALA D 59 15.14 46.07 22.98
N SER D 60 16.29 45.54 22.64
CA SER D 60 17.56 46.25 22.72
C SER D 60 17.86 47.06 23.97
N GLY D 61 17.48 46.59 25.15
CA GLY D 61 17.85 47.32 26.36
C GLY D 61 17.02 48.57 26.64
N VAL D 62 15.92 48.80 25.93
CA VAL D 62 15.17 50.00 26.20
C VAL D 62 14.72 49.94 27.65
N PRO D 63 14.38 51.06 28.29
CA PRO D 63 14.00 51.11 29.68
C PRO D 63 12.86 50.19 30.02
N SER D 64 12.94 49.66 31.23
CA SER D 64 11.97 48.74 31.81
C SER D 64 10.63 49.42 32.04
N ARG D 65 10.65 50.74 31.92
CA ARG D 65 9.52 51.63 32.08
C ARG D 65 8.48 51.45 30.96
N PHE D 66 8.89 50.88 29.83
CA PHE D 66 7.97 50.71 28.71
C PHE D 66 7.16 49.44 28.85
N LYS D 67 5.85 49.58 28.87
CA LYS D 67 4.94 48.46 29.07
C LYS D 67 3.86 48.40 28.01
N GLY D 68 3.33 47.22 27.75
CA GLY D 68 2.22 47.14 26.84
C GLY D 68 1.59 45.78 26.86
N SER D 69 0.45 45.67 26.22
CA SER D 69 -0.32 44.42 26.17
C SER D 69 -1.39 44.46 25.11
N GLY D 70 -2.04 43.32 24.87
CA GLY D 70 -3.18 43.29 23.96
C GLY D 70 -3.29 41.98 23.22
N SER D 71 -4.29 41.92 22.36
CA SER D 71 -4.57 40.72 21.56
C SER D 71 -5.50 41.06 20.41
N GLY D 72 -5.61 40.16 19.43
CA GLY D 72 -6.60 40.39 18.38
C GLY D 72 -6.26 41.67 17.66
N THR D 73 -7.21 42.60 17.70
CA THR D 73 -7.06 43.87 17.05
C THR D 73 -6.57 44.99 17.96
N GLN D 74 -6.58 44.86 19.28
CA GLN D 74 -6.24 46.06 20.05
C GLN D 74 -5.14 45.86 21.07
N PHE D 75 -4.18 46.80 21.02
CA PHE D 75 -3.01 46.80 21.88
C PHE D 75 -2.74 48.17 22.49
N THR D 76 -2.14 48.17 23.67
CA THR D 76 -1.79 49.42 24.34
C THR D 76 -0.33 49.50 24.77
N LEU D 77 0.07 50.75 25.00
CA LEU D 77 1.36 51.21 25.47
C LEU D 77 1.26 52.24 26.56
N THR D 78 2.08 52.06 27.56
CA THR D 78 2.18 53.08 28.57
C THR D 78 3.60 53.06 29.04
N ILE D 79 4.08 54.19 29.51
CA ILE D 79 5.44 54.26 30.00
C ILE D 79 5.44 54.78 31.41
N SER D 80 6.03 54.06 32.35
CA SER D 80 6.07 54.60 33.70
C SER D 80 7.07 55.71 33.80
N ASP D 81 6.87 56.57 34.80
CA ASP D 81 7.77 57.64 35.09
C ASP D 81 8.25 58.36 33.87
N VAL D 82 7.28 58.80 33.09
CA VAL D 82 7.55 59.45 31.83
C VAL D 82 8.42 60.65 32.02
N GLN D 83 9.38 60.78 31.14
CA GLN D 83 10.31 61.88 31.17
C GLN D 83 10.03 62.85 30.06
N CYS D 84 10.51 64.07 30.19
CA CYS D 84 10.36 65.04 29.13
C CYS D 84 11.18 64.62 27.93
N ASP D 85 12.16 63.81 28.21
CA ASP D 85 13.10 63.33 27.23
C ASP D 85 12.55 62.11 26.50
N ASP D 86 11.34 61.67 26.86
CA ASP D 86 10.71 60.56 26.18
C ASP D 86 9.80 61.15 25.12
N ALA D 87 9.75 62.48 25.02
CA ALA D 87 8.85 63.01 24.03
C ALA D 87 9.26 62.45 22.70
N ALA D 88 8.29 61.95 21.98
CA ALA D 88 8.52 61.31 20.69
C ALA D 88 7.20 61.10 20.01
N THR D 89 7.24 60.79 18.73
CA THR D 89 5.99 60.39 18.11
C THR D 89 5.93 58.87 18.28
N TYR D 90 4.84 58.36 18.81
CA TYR D 90 4.72 56.94 19.09
C TYR D 90 3.92 56.21 18.06
N TYR D 91 4.42 55.03 17.71
CA TYR D 91 3.87 54.17 16.68
C TYR D 91 3.70 52.69 17.00
N CYS D 92 2.76 52.06 16.28
CA CYS D 92 2.54 50.61 16.19
C CYS D 92 2.85 50.17 14.78
N ALA D 93 3.25 48.92 14.68
CA ALA D 93 3.48 48.26 13.42
C ALA D 93 3.20 46.79 13.53
N GLY D 94 2.96 46.21 12.37
CA GLY D 94 2.70 44.81 12.20
C GLY D 94 1.44 44.64 11.40
N GLY D 95 1.23 43.45 10.89
CA GLY D 95 0.06 43.19 10.08
C GLY D 95 0.29 42.02 9.14
N ASP D 96 -0.67 41.75 8.29
CA ASP D 96 -0.54 40.63 7.39
C ASP D 96 -0.28 41.27 6.03
N ILE D 97 0.50 40.64 5.14
CA ILE D 97 0.77 41.34 3.87
C ILE D 97 -0.43 41.35 2.97
N GLN D 98 -1.23 40.29 3.03
CA GLN D 98 -2.36 40.20 2.16
C GLN D 98 -3.46 41.15 2.58
N SER D 99 -3.53 41.43 3.88
CA SER D 99 -4.58 42.29 4.39
C SER D 99 -4.29 43.77 4.18
N SER D 100 -3.03 44.20 4.32
CA SER D 100 -2.81 45.63 4.18
C SER D 100 -1.41 46.08 3.79
N ASP D 101 -1.35 47.24 3.14
CA ASP D 101 -0.10 47.89 2.81
C ASP D 101 0.36 48.73 3.99
N ASP D 102 -0.58 49.15 4.81
CA ASP D 102 -0.22 49.97 5.93
C ASP D 102 0.08 49.06 7.07
N VAL D 103 1.34 48.97 7.42
CA VAL D 103 1.78 48.09 8.47
C VAL D 103 2.38 48.92 9.56
N PHE D 104 2.15 50.23 9.45
CA PHE D 104 2.63 51.20 10.41
C PHE D 104 1.46 52.12 10.76
N GLY D 105 1.44 52.65 11.97
CA GLY D 105 0.41 53.62 12.35
C GLY D 105 0.78 55.02 11.86
N GLY D 106 -0.10 56.01 12.08
CA GLY D 106 0.19 57.39 11.65
C GLY D 106 1.14 58.11 12.60
N GLY D 107 1.05 57.76 13.88
CA GLY D 107 1.84 58.36 14.92
C GLY D 107 1.07 59.31 15.81
N THR D 108 1.30 59.18 17.11
CA THR D 108 0.67 60.06 18.08
C THR D 108 1.76 60.88 18.71
N GLU D 109 1.57 62.18 18.85
CA GLU D 109 2.63 62.99 19.41
C GLU D 109 2.53 63.02 20.89
N VAL D 110 3.57 62.58 21.56
CA VAL D 110 3.55 62.59 23.00
C VAL D 110 4.57 63.59 23.54
N VAL D 111 4.07 64.62 24.24
CA VAL D 111 4.85 65.71 24.83
C VAL D 111 5.34 65.28 26.21
N SER E 60 -29.34 -18.49 -25.95
CA SER E 60 -29.68 -17.08 -25.97
C SER E 60 -28.57 -16.29 -26.68
N LEU E 61 -28.84 -15.82 -27.92
CA LEU E 61 -27.91 -15.05 -28.75
C LEU E 61 -28.29 -13.61 -28.82
N TYR E 62 -27.34 -12.79 -28.45
CA TYR E 62 -27.49 -11.37 -28.42
C TYR E 62 -27.08 -10.83 -29.77
N LYS E 63 -27.88 -9.93 -30.30
CA LYS E 63 -27.62 -9.36 -31.62
C LYS E 63 -27.50 -10.47 -32.65
N GLY E 64 -28.26 -11.55 -32.50
CA GLY E 64 -28.21 -12.65 -33.44
C GLY E 64 -27.03 -13.64 -33.26
N VAL E 65 -25.82 -13.10 -33.05
CA VAL E 65 -24.59 -13.91 -32.97
C VAL E 65 -23.78 -14.02 -31.68
N TYR E 66 -24.15 -13.36 -30.59
CA TYR E 66 -23.28 -13.46 -29.42
C TYR E 66 -23.84 -14.35 -28.31
N GLU E 67 -23.12 -15.40 -28.00
CA GLU E 67 -23.52 -16.38 -27.01
C GLU E 67 -22.72 -16.20 -25.77
N LEU E 68 -23.30 -16.44 -24.61
CA LEU E 68 -22.52 -16.40 -23.40
C LEU E 68 -22.03 -17.76 -23.03
N GLN E 69 -20.72 -17.93 -23.02
CA GLN E 69 -20.21 -19.21 -22.65
C GLN E 69 -20.05 -19.02 -21.18
N THR E 70 -20.12 -20.07 -20.41
CA THR E 70 -19.82 -19.88 -19.02
C THR E 70 -18.77 -20.86 -18.67
N LEU E 71 -17.65 -20.34 -18.22
CA LEU E 71 -16.55 -21.24 -17.88
C LEU E 71 -16.33 -21.18 -16.41
N GLU E 72 -15.92 -22.31 -15.87
CA GLU E 72 -15.65 -22.38 -14.47
C GLU E 72 -14.23 -22.85 -14.27
N LEU E 73 -13.56 -22.27 -13.30
CA LEU E 73 -12.16 -22.55 -13.04
C LEU E 73 -11.85 -23.69 -12.10
N ASN E 74 -10.76 -24.40 -12.39
CA ASN E 74 -10.29 -25.44 -11.50
C ASN E 74 -9.41 -24.79 -10.52
N MET E 75 -9.99 -24.18 -9.52
CA MET E 75 -9.20 -23.44 -8.55
C MET E 75 -8.18 -24.34 -7.88
N GLU E 76 -8.51 -25.60 -7.75
CA GLU E 76 -7.66 -26.62 -7.16
C GLU E 76 -6.31 -26.74 -7.86
N THR E 77 -6.24 -26.35 -9.13
CA THR E 77 -5.05 -26.46 -9.97
C THR E 77 -3.92 -25.60 -9.45
N LEU E 78 -4.30 -24.59 -8.67
CA LEU E 78 -3.40 -23.61 -8.08
C LEU E 78 -2.81 -24.02 -6.70
N ASN E 79 -3.17 -25.24 -6.17
CA ASN E 79 -2.82 -25.75 -4.84
C ASN E 79 -1.32 -25.79 -4.53
N MET E 80 -0.43 -25.97 -5.53
CA MET E 80 1.01 -26.05 -5.32
C MET E 80 1.71 -24.69 -5.28
N THR E 81 0.99 -23.61 -5.59
CA THR E 81 1.66 -22.30 -5.57
C THR E 81 1.04 -21.33 -4.57
N MET E 82 -0.25 -21.44 -4.28
CA MET E 82 -0.89 -20.48 -3.39
C MET E 82 -1.98 -21.16 -2.55
N PRO E 83 -2.15 -20.81 -1.26
CA PRO E 83 -3.17 -21.35 -0.37
C PRO E 83 -4.59 -21.12 -0.89
N LEU E 84 -5.49 -22.07 -0.65
CA LEU E 84 -6.88 -21.91 -1.10
C LEU E 84 -7.88 -22.20 0.00
N SER E 85 -8.97 -21.46 0.05
CA SER E 85 -9.93 -21.70 1.12
C SER E 85 -11.25 -22.34 0.63
N CYS E 86 -11.71 -23.39 1.35
CA CYS E 86 -12.93 -24.14 1.09
C CYS E 86 -13.65 -24.38 2.41
N THR E 87 -14.95 -24.27 2.39
CA THR E 87 -15.75 -24.54 3.56
C THR E 87 -16.44 -25.83 3.31
N LYS E 88 -16.57 -26.69 4.32
CA LYS E 88 -17.30 -27.91 4.08
C LYS E 88 -18.65 -27.71 4.77
N ASN E 89 -18.82 -28.27 5.99
CA ASN E 89 -20.05 -28.16 6.76
C ASN E 89 -19.99 -26.93 7.67
N ASN E 90 -21.01 -26.75 8.51
CA ASN E 90 -21.20 -25.61 9.38
C ASN E 90 -20.27 -25.47 10.58
N SER E 91 -19.42 -26.45 10.86
CA SER E 91 -18.48 -26.24 11.95
C SER E 91 -17.04 -26.37 11.49
N HIS E 92 -16.81 -26.91 10.30
CA HIS E 92 -15.43 -27.06 9.81
C HIS E 92 -15.18 -26.46 8.44
N HIS E 93 -14.21 -25.55 8.45
CA HIS E 93 -13.80 -24.79 7.28
C HIS E 93 -12.30 -24.94 7.22
N TYR E 94 -11.70 -24.84 6.05
CA TYR E 94 -10.26 -25.02 6.02
C TYR E 94 -9.55 -24.37 4.84
N ILE E 95 -8.24 -24.31 4.97
CA ILE E 95 -7.35 -23.81 3.96
C ILE E 95 -6.39 -24.90 3.49
N MET E 96 -6.31 -25.08 2.18
CA MET E 96 -5.37 -26.02 1.63
C MET E 96 -4.06 -25.29 1.70
N VAL E 97 -2.99 -25.94 2.11
CA VAL E 97 -1.73 -25.24 2.10
C VAL E 97 -0.78 -26.03 1.23
N GLY E 98 -1.37 -26.73 0.27
CA GLY E 98 -0.59 -27.53 -0.67
C GLY E 98 -1.39 -28.70 -1.23
N ASN E 99 -0.63 -29.63 -1.86
CA ASN E 99 -1.11 -30.88 -2.50
C ASN E 99 -1.18 -32.03 -1.45
N GLU E 100 -0.79 -31.78 -0.16
CA GLU E 100 -0.78 -32.76 0.94
C GLU E 100 -1.29 -32.19 2.27
N THR E 101 -0.65 -31.12 2.74
CA THR E 101 -0.91 -30.51 4.04
C THR E 101 -2.00 -29.47 4.00
N GLY E 102 -2.79 -29.37 5.07
CA GLY E 102 -3.84 -28.35 5.15
C GLY E 102 -3.85 -27.60 6.50
N LEU E 103 -4.88 -26.76 6.66
CA LEU E 103 -5.14 -25.96 7.87
C LEU E 103 -6.63 -25.91 8.21
N GLU E 104 -6.98 -26.35 9.41
CA GLU E 104 -8.38 -26.42 9.84
C GLU E 104 -8.81 -25.26 10.70
N LEU E 105 -9.98 -24.76 10.39
CA LEU E 105 -10.65 -23.69 11.10
C LEU E 105 -11.93 -24.25 11.71
N THR E 106 -11.99 -24.37 13.02
CA THR E 106 -13.19 -24.99 13.61
C THR E 106 -13.99 -24.07 14.50
N LEU E 107 -15.30 -24.15 14.33
CA LEU E 107 -16.22 -23.37 15.13
C LEU E 107 -16.78 -24.26 16.21
N THR E 108 -16.36 -24.01 17.43
CA THR E 108 -16.72 -24.84 18.55
C THR E 108 -17.01 -24.03 19.78
N ASN E 109 -17.67 -24.65 20.78
CA ASN E 109 -17.90 -24.06 22.09
C ASN E 109 -16.93 -24.65 23.16
N THR E 110 -15.94 -25.50 22.74
CA THR E 110 -14.93 -26.18 23.55
C THR E 110 -13.66 -25.37 23.76
N SER E 111 -13.24 -25.29 25.01
CA SER E 111 -12.06 -24.55 25.43
C SER E 111 -10.83 -25.39 25.13
N ILE E 112 -10.50 -25.53 23.87
CA ILE E 112 -9.41 -26.40 23.49
C ILE E 112 -8.10 -25.90 24.02
N ILE E 113 -7.86 -24.61 23.87
CA ILE E 113 -6.60 -24.04 24.33
C ILE E 113 -6.79 -23.11 25.51
N ASN E 114 -6.24 -23.52 26.66
CA ASN E 114 -6.35 -22.75 27.88
C ASN E 114 -5.05 -22.00 28.16
N HIS E 115 -4.17 -22.02 27.18
CA HIS E 115 -2.88 -21.39 27.29
C HIS E 115 -2.96 -19.91 27.01
N LYS E 116 -3.47 -19.20 28.02
CA LYS E 116 -3.65 -17.75 27.94
C LYS E 116 -2.28 -17.14 27.66
N PHE E 117 -1.28 -17.71 28.29
CA PHE E 117 0.06 -17.29 27.99
C PHE E 117 0.52 -18.22 26.90
N CYS E 118 0.78 -17.68 25.71
CA CYS E 118 1.20 -18.47 24.56
C CYS E 118 2.71 -18.42 24.44
N ASN E 119 3.29 -19.59 24.38
CA ASN E 119 4.72 -19.69 24.32
C ASN E 119 5.20 -19.53 22.87
N LEU E 120 5.22 -18.24 22.42
CA LEU E 120 5.60 -17.79 21.06
C LEU E 120 7.06 -17.43 20.95
N SER E 121 7.80 -17.62 22.01
CA SER E 121 9.19 -17.32 21.91
C SER E 121 9.69 -18.23 20.84
N ASP E 122 10.50 -17.70 19.95
CA ASP E 122 11.11 -18.46 18.87
C ASP E 122 10.12 -19.07 17.87
N ALA E 123 8.83 -18.68 17.92
CA ALA E 123 7.81 -19.23 17.03
C ALA E 123 8.10 -19.00 15.58
N HIS E 124 8.71 -17.87 15.28
CA HIS E 124 9.00 -17.52 13.92
C HIS E 124 10.48 -17.68 13.62
N LYS E 125 11.20 -18.36 14.51
CA LYS E 125 12.65 -18.46 14.34
C LYS E 125 13.30 -19.83 14.50
N LYS E 126 13.06 -20.54 15.61
CA LYS E 126 13.84 -21.76 15.82
C LYS E 126 13.25 -23.00 15.23
N ASN E 127 11.94 -23.05 15.13
CA ASN E 127 11.37 -24.25 14.59
C ASN E 127 10.13 -23.94 13.82
N LEU E 128 10.27 -23.94 12.51
CA LEU E 128 9.15 -23.68 11.68
C LEU E 128 8.76 -25.03 11.22
N TYR E 129 7.64 -25.51 11.72
CA TYR E 129 7.22 -26.87 11.43
C TYR E 129 6.83 -26.88 9.98
N ASP E 130 6.27 -25.75 9.61
CA ASP E 130 5.88 -25.42 8.29
C ASP E 130 5.97 -23.93 8.24
N HIS E 131 6.99 -23.40 7.58
CA HIS E 131 7.21 -21.98 7.57
C HIS E 131 6.13 -21.25 6.80
N ALA E 132 5.55 -21.94 5.82
CA ALA E 132 4.51 -21.34 5.05
C ALA E 132 3.30 -21.24 5.93
N LEU E 133 3.09 -22.28 6.72
CA LEU E 133 1.93 -22.30 7.57
C LEU E 133 2.02 -21.27 8.66
N MET E 134 3.21 -21.08 9.24
CA MET E 134 3.31 -20.08 10.29
C MET E 134 3.06 -18.71 9.71
N SER E 135 3.47 -18.49 8.46
CA SER E 135 3.23 -17.20 7.85
C SER E 135 1.73 -16.97 7.64
N ILE E 136 1.00 -18.01 7.24
CA ILE E 136 -0.45 -17.90 7.04
C ILE E 136 -1.17 -17.61 8.33
N ILE E 137 -0.79 -18.29 9.39
CA ILE E 137 -1.43 -18.08 10.66
C ILE E 137 -1.14 -16.66 11.15
N SER E 138 0.09 -16.20 11.00
CA SER E 138 0.43 -14.87 11.43
C SER E 138 -0.33 -13.81 10.66
N THR E 139 -0.53 -13.98 9.34
CA THR E 139 -1.27 -12.97 8.60
C THR E 139 -2.72 -12.94 9.05
N PHE E 140 -3.28 -14.09 9.42
CA PHE E 140 -4.64 -14.06 9.94
C PHE E 140 -4.72 -13.13 11.10
N HIS E 141 -3.81 -13.31 12.04
CA HIS E 141 -3.79 -12.49 13.23
C HIS E 141 -3.64 -11.02 12.93
N LEU E 142 -2.69 -10.71 12.06
CA LEU E 142 -2.32 -9.36 11.74
C LEU E 142 -3.40 -8.57 11.03
N SER E 143 -4.30 -9.23 10.32
CA SER E 143 -5.35 -8.49 9.66
C SER E 143 -6.56 -8.18 10.57
N ILE E 144 -6.55 -8.68 11.82
CA ILE E 144 -7.65 -8.41 12.75
C ILE E 144 -7.45 -7.02 13.35
N PRO E 145 -8.38 -6.07 13.25
CA PRO E 145 -8.21 -4.74 13.81
C PRO E 145 -8.18 -4.86 15.33
N ASN E 146 -7.38 -4.02 16.02
CA ASN E 146 -7.20 -3.97 17.50
C ASN E 146 -6.98 -5.37 18.11
N GLU E 151 -7.17 -8.57 19.90
CA GLU E 151 -6.88 -8.00 21.22
C GLU E 151 -6.22 -9.02 22.17
N ALA E 152 -6.64 -10.30 22.10
CA ALA E 152 -6.17 -11.42 22.90
C ALA E 152 -6.35 -12.71 22.12
N MET E 153 -5.53 -13.69 22.47
CA MET E 153 -5.55 -15.02 21.90
C MET E 153 -4.84 -15.99 22.82
N SER E 154 -5.25 -17.24 22.77
CA SER E 154 -4.55 -18.29 23.51
C SER E 154 -3.93 -19.14 22.44
N CYS E 155 -2.77 -19.80 22.70
CA CYS E 155 -2.10 -20.66 21.70
C CYS E 155 -0.98 -21.49 22.28
N ASP E 156 -0.43 -22.39 21.46
CA ASP E 156 0.72 -23.18 21.87
C ASP E 156 1.85 -23.22 20.82
N PHE E 157 1.74 -24.07 19.79
CA PHE E 157 2.75 -24.23 18.74
C PHE E 157 4.10 -24.84 19.13
N ASN E 158 4.19 -25.48 20.28
CA ASN E 158 5.45 -26.12 20.65
C ASN E 158 5.46 -27.62 20.41
N GLY E 159 6.18 -28.02 19.38
CA GLY E 159 6.26 -29.40 18.93
C GLY E 159 5.19 -29.66 17.90
N GLY E 160 4.08 -30.18 18.35
CA GLY E 160 2.94 -30.36 17.49
C GLY E 160 1.98 -29.32 17.95
N LYS E 161 0.68 -29.59 17.89
CA LYS E 161 -0.27 -28.60 18.36
C LYS E 161 -0.02 -27.28 17.67
N ILE E 162 0.08 -27.29 16.35
CA ILE E 162 0.38 -26.04 15.72
C ILE E 162 -0.93 -25.35 15.54
N SER E 163 -1.32 -24.68 16.62
CA SER E 163 -2.60 -24.04 16.69
C SER E 163 -2.73 -22.87 17.63
N VAL E 164 -3.75 -22.08 17.29
CA VAL E 164 -4.23 -20.90 18.01
C VAL E 164 -5.74 -20.86 18.20
N GLN E 165 -6.15 -20.39 19.36
CA GLN E 165 -7.55 -20.22 19.69
C GLN E 165 -7.97 -18.81 19.95
N TYR E 166 -8.94 -18.38 19.19
CA TYR E 166 -9.49 -17.07 19.41
C TYR E 166 -10.80 -17.21 20.16
N ASN E 167 -10.93 -16.48 21.30
CA ASN E 167 -12.09 -16.47 22.17
C ASN E 167 -12.92 -15.20 21.90
N LEU E 168 -14.22 -15.38 21.63
CA LEU E 168 -15.17 -14.34 21.34
C LEU E 168 -15.90 -14.06 22.63
N SER E 169 -15.53 -12.97 23.26
CA SER E 169 -15.99 -12.60 24.58
C SER E 169 -16.32 -11.14 24.66
N HIS E 170 -17.49 -10.83 25.17
CA HIS E 170 -17.93 -9.46 25.31
C HIS E 170 -18.92 -9.33 26.47
N SER E 171 -18.78 -8.24 27.28
CA SER E 171 -19.64 -7.89 28.42
C SER E 171 -21.03 -7.46 27.92
N ASN E 178 -23.02 -4.59 25.00
CA ASN E 178 -23.66 -4.99 23.76
C ASN E 178 -23.61 -3.79 22.78
N HIS E 179 -22.69 -3.86 21.79
CA HIS E 179 -22.46 -2.82 20.77
C HIS E 179 -21.71 -3.45 19.60
N CYS E 180 -21.48 -2.66 18.53
CA CYS E 180 -20.70 -3.05 17.34
C CYS E 180 -19.25 -2.65 17.53
N GLY E 181 -18.35 -3.29 16.79
CA GLY E 181 -16.92 -3.00 16.93
C GLY E 181 -16.26 -3.73 18.12
N THR E 182 -16.82 -4.87 18.53
CA THR E 182 -16.32 -5.67 19.63
C THR E 182 -15.17 -6.54 19.18
N VAL E 183 -14.55 -7.22 20.14
CA VAL E 183 -13.41 -8.07 19.80
C VAL E 183 -13.88 -9.23 18.93
N ALA E 184 -15.10 -9.71 19.21
CA ALA E 184 -15.68 -10.78 18.44
C ALA E 184 -15.89 -10.33 17.02
N ASN E 185 -16.33 -9.09 16.86
CA ASN E 185 -16.59 -8.60 15.52
C ASN E 185 -15.30 -8.61 14.72
N GLY E 186 -14.21 -8.21 15.35
CA GLY E 186 -12.93 -8.14 14.67
C GLY E 186 -12.47 -9.50 14.16
N VAL E 187 -12.48 -10.51 15.03
CA VAL E 187 -11.97 -11.78 14.56
C VAL E 187 -12.87 -12.38 13.50
N LEU E 188 -14.17 -12.17 13.64
CA LEU E 188 -15.08 -12.72 12.69
C LEU E 188 -14.95 -12.08 11.34
N GLN E 189 -14.67 -10.80 11.28
CA GLN E 189 -14.51 -10.20 9.98
C GLN E 189 -13.33 -10.79 9.26
N THR E 190 -12.23 -10.99 9.97
CA THR E 190 -11.06 -11.52 9.30
C THR E 190 -11.32 -12.95 8.87
N PHE E 191 -11.94 -13.71 9.76
CA PHE E 191 -12.28 -15.09 9.51
C PHE E 191 -13.13 -15.24 8.29
N MET E 192 -14.17 -14.43 8.22
CA MET E 192 -15.06 -14.46 7.10
C MET E 192 -14.33 -14.15 5.82
N ARG E 193 -13.50 -13.11 5.82
CA ARG E 193 -12.87 -12.75 4.58
C ARG E 193 -11.94 -13.83 4.08
N MET E 194 -11.22 -14.50 4.96
CA MET E 194 -10.28 -15.48 4.47
C MET E 194 -10.97 -16.80 4.14
N ALA E 195 -12.27 -16.88 4.40
CA ALA E 195 -13.05 -18.05 4.17
C ALA E 195 -14.25 -17.61 3.36
N TRP E 196 -14.04 -16.54 2.62
CA TRP E 196 -15.01 -15.88 1.79
C TRP E 196 -15.46 -16.73 0.63
N GLY E 197 -16.74 -16.62 0.28
CA GLY E 197 -17.31 -17.41 -0.82
C GLY E 197 -18.11 -18.55 -0.18
N GLY E 198 -18.23 -18.43 1.12
CA GLY E 198 -18.91 -19.31 2.03
C GLY E 198 -18.92 -18.51 3.30
N SER E 199 -18.85 -19.18 4.43
CA SER E 199 -18.84 -18.52 5.72
C SER E 199 -19.99 -17.56 5.94
N TYR E 200 -21.18 -17.98 5.54
CA TYR E 200 -22.39 -17.20 5.78
C TYR E 200 -23.05 -17.90 6.93
N ILE E 201 -22.38 -18.94 7.35
CA ILE E 201 -22.83 -19.78 8.39
C ILE E 201 -22.56 -19.08 9.66
N ALA E 202 -23.60 -18.98 10.44
CA ALA E 202 -23.58 -18.23 11.66
C ALA E 202 -23.20 -16.80 11.34
N LEU E 203 -23.69 -16.27 10.21
CA LEU E 203 -23.45 -14.90 9.84
C LEU E 203 -24.45 -14.06 10.53
N ASP E 204 -24.25 -13.90 11.81
CA ASP E 204 -25.21 -13.20 12.60
C ASP E 204 -24.92 -11.72 12.54
N SER E 205 -25.33 -11.13 11.42
CA SER E 205 -25.07 -9.73 11.15
C SER E 205 -26.18 -9.10 10.33
N GLY E 206 -26.33 -7.80 10.43
CA GLY E 206 -27.31 -7.12 9.60
C GLY E 206 -26.67 -6.83 8.25
N CYS E 207 -27.48 -6.36 7.28
CA CYS E 207 -26.98 -6.05 5.95
C CYS E 207 -26.25 -4.71 5.96
N GLY E 208 -25.02 -4.74 5.50
CA GLY E 208 -24.12 -3.61 5.44
C GLY E 208 -23.39 -3.38 6.76
N ASN E 209 -23.72 -4.15 7.78
CA ASN E 209 -23.12 -3.90 9.06
C ASN E 209 -21.82 -4.66 9.24
N TRP E 210 -20.83 -4.18 8.53
CA TRP E 210 -19.51 -4.79 8.46
C TRP E 210 -18.95 -5.05 9.84
N ASP E 211 -19.11 -4.12 10.76
CA ASP E 211 -18.56 -4.24 12.10
C ASP E 211 -19.45 -4.78 13.21
N CYS E 212 -20.62 -5.36 12.87
CA CYS E 212 -21.60 -5.87 13.83
C CYS E 212 -21.71 -7.39 13.64
N ILE E 213 -20.67 -8.03 13.12
CA ILE E 213 -20.80 -9.45 12.86
C ILE E 213 -20.53 -10.29 14.07
N MET E 214 -21.52 -11.03 14.52
CA MET E 214 -21.43 -11.91 15.65
C MET E 214 -21.58 -13.32 15.14
N THR E 215 -21.27 -14.29 15.97
CA THR E 215 -21.48 -15.68 15.56
C THR E 215 -22.10 -16.43 16.70
N SER E 216 -22.35 -17.70 16.49
CA SER E 216 -22.95 -18.52 17.51
C SER E 216 -21.95 -19.17 18.48
N TYR E 217 -20.75 -19.42 18.02
CA TYR E 217 -19.76 -20.10 18.86
C TYR E 217 -18.78 -19.18 19.53
N GLN E 218 -18.38 -19.53 20.75
CA GLN E 218 -17.40 -18.73 21.45
C GLN E 218 -15.96 -18.97 20.99
N TYR E 219 -15.62 -20.11 20.35
CA TYR E 219 -14.21 -20.25 19.98
C TYR E 219 -13.96 -20.60 18.51
N LEU E 220 -12.89 -20.01 18.00
CA LEU E 220 -12.33 -20.34 16.69
C LEU E 220 -10.95 -20.92 16.80
N ILE E 221 -10.84 -22.20 16.49
CA ILE E 221 -9.53 -22.82 16.59
C ILE E 221 -8.93 -23.10 15.24
N ILE E 222 -7.73 -22.58 15.07
CA ILE E 222 -6.98 -22.69 13.84
C ILE E 222 -5.82 -23.64 14.07
N GLN E 223 -5.82 -24.78 13.38
CA GLN E 223 -4.81 -25.83 13.61
C GLN E 223 -4.32 -26.58 12.37
N ASN E 224 -3.05 -27.09 12.38
CA ASN E 224 -2.45 -27.88 11.30
C ASN E 224 -3.21 -29.21 11.04
N THR E 225 -3.39 -29.58 9.72
CA THR E 225 -4.07 -30.83 9.29
C THR E 225 -3.15 -31.61 8.37
N THR E 226 -3.51 -32.85 8.10
CA THR E 226 -2.72 -33.73 7.23
C THR E 226 -3.36 -34.00 5.88
N TRP E 227 -4.36 -33.21 5.48
CA TRP E 227 -4.98 -33.47 4.19
C TRP E 227 -5.35 -32.23 3.41
N GLU E 228 -5.35 -32.39 2.09
CA GLU E 228 -5.74 -31.38 1.12
C GLU E 228 -7.13 -31.56 0.46
N ASP E 229 -7.71 -32.77 0.51
CA ASP E 229 -8.89 -33.10 -0.28
C ASP E 229 -10.32 -33.10 0.27
N HIS E 230 -10.57 -32.68 1.49
CA HIS E 230 -11.95 -32.79 1.97
C HIS E 230 -12.83 -31.60 1.60
N CYS E 231 -13.07 -31.39 0.29
CA CYS E 231 -13.81 -30.22 -0.23
C CYS E 231 -15.04 -30.65 -1.00
N GLN E 232 -16.15 -30.23 -0.44
CA GLN E 232 -17.50 -30.44 -0.90
C GLN E 232 -18.18 -29.17 -0.44
N PHE E 233 -19.46 -28.98 -0.73
CA PHE E 233 -20.23 -27.78 -0.30
C PHE E 233 -19.83 -26.50 -1.01
N SER E 234 -18.55 -26.14 -0.93
CA SER E 234 -18.00 -24.97 -1.58
C SER E 234 -16.84 -25.34 -2.52
N ARG E 235 -15.99 -24.36 -2.81
CA ARG E 235 -14.88 -24.45 -3.74
C ARG E 235 -13.64 -23.84 -3.07
N PRO E 236 -12.42 -24.39 -3.22
CA PRO E 236 -11.21 -23.90 -2.63
C PRO E 236 -10.71 -22.70 -3.34
N SER E 237 -11.27 -21.57 -3.01
CA SER E 237 -10.95 -20.35 -3.70
C SER E 237 -9.67 -19.68 -3.19
N PRO E 238 -8.81 -19.15 -4.06
CA PRO E 238 -7.59 -18.44 -3.71
C PRO E 238 -7.88 -17.04 -3.16
N ILE E 239 -9.13 -16.58 -3.31
CA ILE E 239 -9.48 -15.22 -2.98
C ILE E 239 -9.29 -14.97 -1.50
N GLY E 240 -9.67 -15.91 -0.67
CA GLY E 240 -9.61 -15.70 0.76
C GLY E 240 -8.23 -15.25 1.24
N TYR E 241 -7.21 -16.03 0.94
CA TYR E 241 -5.88 -15.66 1.42
C TYR E 241 -5.40 -14.39 0.74
N LEU E 242 -5.63 -14.25 -0.56
CA LEU E 242 -5.15 -13.04 -1.18
C LEU E 242 -5.79 -11.80 -0.57
N GLY E 243 -7.10 -11.87 -0.31
CA GLY E 243 -7.82 -10.76 0.28
C GLY E 243 -7.33 -10.46 1.67
N LEU E 244 -6.98 -11.49 2.43
CA LEU E 244 -6.49 -11.34 3.79
C LEU E 244 -5.31 -10.42 3.84
N LEU E 245 -4.44 -10.51 2.83
CA LEU E 245 -3.21 -9.74 2.80
C LEU E 245 -3.31 -8.44 2.00
N SER E 246 -4.47 -8.11 1.45
CA SER E 246 -4.63 -6.89 0.64
C SER E 246 -4.76 -5.63 1.50
N GLN E 247 -3.65 -5.31 2.19
CA GLN E 247 -3.51 -4.22 3.15
C GLN E 247 -2.90 -3.03 2.43
N GLY F 276 -4.09 -18.29 -29.95
CA GLY F 276 -5.12 -18.70 -28.96
C GLY F 276 -4.99 -17.91 -27.65
N GLY F 277 -4.05 -16.97 -27.63
CA GLY F 277 -3.79 -16.16 -26.46
C GLY F 277 -3.35 -17.09 -25.36
N TYR F 278 -3.95 -16.96 -24.20
CA TYR F 278 -3.60 -17.84 -23.11
C TYR F 278 -4.64 -18.95 -23.00
N CYS F 279 -4.26 -20.17 -23.41
CA CYS F 279 -5.12 -21.35 -23.44
C CYS F 279 -5.01 -22.10 -22.11
N LEU F 280 -6.14 -22.46 -21.57
CA LEU F 280 -6.16 -23.20 -20.33
C LEU F 280 -6.67 -24.58 -20.59
N THR F 281 -5.97 -25.55 -20.06
CA THR F 281 -6.30 -26.93 -20.30
C THR F 281 -7.35 -27.49 -19.37
N ARG F 282 -7.68 -28.75 -19.58
CA ARG F 282 -8.72 -29.47 -18.83
C ARG F 282 -8.35 -29.68 -17.38
N TRP F 283 -7.09 -29.52 -17.09
CA TRP F 283 -6.58 -29.66 -15.75
C TRP F 283 -6.60 -28.31 -15.02
N MET F 284 -6.93 -27.24 -15.74
CA MET F 284 -6.95 -25.87 -15.23
C MET F 284 -8.39 -25.34 -15.14
N LEU F 285 -9.26 -25.85 -15.99
CA LEU F 285 -10.65 -25.47 -16.01
C LEU F 285 -11.36 -26.61 -15.31
N ILE F 286 -12.48 -26.34 -14.66
CA ILE F 286 -13.10 -27.46 -13.95
C ILE F 286 -14.20 -28.05 -14.78
N GLU F 287 -14.16 -29.38 -14.97
CA GLU F 287 -15.18 -30.07 -15.74
C GLU F 287 -15.35 -29.43 -17.10
N ALA F 288 -14.23 -29.17 -17.74
CA ALA F 288 -14.20 -28.56 -19.04
C ALA F 288 -12.97 -29.01 -19.78
N GLU F 289 -13.06 -28.98 -21.09
CA GLU F 289 -11.97 -29.29 -21.99
C GLU F 289 -11.12 -28.05 -22.17
N LEU F 290 -10.07 -28.15 -22.94
CA LEU F 290 -9.19 -26.99 -23.11
C LEU F 290 -9.90 -25.89 -23.87
N LYS F 291 -9.70 -24.65 -23.43
CA LYS F 291 -10.29 -23.49 -24.06
C LYS F 291 -9.24 -22.43 -24.41
N CYS F 292 -9.44 -21.75 -25.57
CA CYS F 292 -8.60 -20.70 -26.13
C CYS F 292 -9.48 -19.59 -26.65
N PHE F 293 -8.85 -18.50 -27.01
CA PHE F 293 -9.54 -17.34 -27.55
C PHE F 293 -8.64 -16.54 -28.48
N GLY F 294 -9.19 -15.64 -29.29
CA GLY F 294 -8.32 -14.85 -30.15
C GLY F 294 -7.50 -13.84 -29.35
N ASN F 295 -6.33 -13.48 -29.88
CA ASN F 295 -5.40 -12.57 -29.23
C ASN F 295 -5.93 -11.18 -28.95
N THR F 296 -7.00 -10.79 -29.60
CA THR F 296 -7.54 -9.48 -29.31
C THR F 296 -7.89 -9.38 -27.84
N ALA F 297 -8.47 -10.45 -27.30
CA ALA F 297 -8.89 -10.44 -25.92
C ALA F 297 -7.69 -10.37 -24.97
N VAL F 298 -6.55 -10.95 -25.32
CA VAL F 298 -5.47 -10.87 -24.37
C VAL F 298 -4.93 -9.46 -24.39
N ALA F 299 -4.89 -8.85 -25.58
CA ALA F 299 -4.43 -7.49 -25.69
C ALA F 299 -5.33 -6.56 -24.90
N LYS F 300 -6.64 -6.80 -24.97
CA LYS F 300 -7.61 -5.99 -24.24
C LYS F 300 -7.50 -6.17 -22.72
N CYS F 301 -7.21 -7.41 -22.23
CA CYS F 301 -6.97 -7.74 -20.83
C CYS F 301 -5.76 -6.95 -20.32
N ASN F 302 -4.69 -6.97 -21.08
CA ASN F 302 -3.50 -6.27 -20.64
C ASN F 302 -3.65 -4.74 -20.65
N GLU F 303 -4.40 -4.20 -21.61
CA GLU F 303 -4.63 -2.76 -21.70
C GLU F 303 -5.70 -2.18 -20.77
N LYS F 304 -6.78 -2.91 -20.55
CA LYS F 304 -7.88 -2.44 -19.73
C LYS F 304 -7.60 -2.68 -18.26
N HIS F 305 -8.16 -1.84 -17.41
CA HIS F 305 -7.96 -2.00 -15.99
C HIS F 305 -9.21 -2.45 -15.27
N ASP F 306 -9.00 -3.00 -14.07
CA ASP F 306 -10.02 -3.48 -13.14
C ASP F 306 -10.92 -4.62 -13.65
N GLU F 307 -10.30 -5.59 -14.34
CA GLU F 307 -10.95 -6.80 -14.84
C GLU F 307 -10.58 -8.04 -14.01
N GLU F 308 -11.54 -8.59 -13.26
CA GLU F 308 -11.27 -9.70 -12.32
C GLU F 308 -10.68 -10.94 -12.96
N PHE F 309 -11.11 -11.27 -14.17
CA PHE F 309 -10.56 -12.47 -14.78
C PHE F 309 -9.06 -12.35 -15.08
N CYS F 310 -8.50 -11.10 -15.28
CA CYS F 310 -7.09 -10.86 -15.62
C CYS F 310 -6.25 -11.24 -14.44
N ASP F 311 -6.74 -10.98 -13.23
CA ASP F 311 -5.94 -11.32 -12.08
C ASP F 311 -5.88 -12.83 -11.98
N MET F 312 -6.99 -13.49 -12.28
CA MET F 312 -6.95 -14.94 -12.22
C MET F 312 -5.99 -15.47 -13.28
N LEU F 313 -5.96 -14.87 -14.46
CA LEU F 313 -5.05 -15.39 -15.47
C LEU F 313 -3.61 -15.23 -15.03
N ARG F 314 -3.32 -14.11 -14.40
CA ARG F 314 -1.96 -13.90 -13.93
C ARG F 314 -1.61 -14.99 -12.92
N LEU F 315 -2.55 -15.36 -12.04
CA LEU F 315 -2.27 -16.42 -11.06
C LEU F 315 -2.07 -17.76 -11.73
N PHE F 316 -2.82 -18.06 -12.78
CA PHE F 316 -2.66 -19.34 -13.43
C PHE F 316 -1.32 -19.45 -14.09
N ASP F 317 -0.86 -18.37 -14.75
CA ASP F 317 0.43 -18.42 -15.41
C ASP F 317 1.53 -18.47 -14.35
N PHE F 318 1.33 -17.75 -13.26
CA PHE F 318 2.29 -17.72 -12.18
C PHE F 318 2.49 -19.11 -11.62
N ASN F 319 1.38 -19.80 -11.32
CA ASN F 319 1.42 -21.16 -10.80
C ASN F 319 2.14 -22.07 -11.77
N LYS F 320 1.78 -21.98 -13.05
CA LYS F 320 2.40 -22.81 -14.05
C LYS F 320 3.89 -22.69 -14.03
N GLN F 321 4.38 -21.45 -14.06
CA GLN F 321 5.81 -21.30 -14.11
C GLN F 321 6.46 -21.64 -12.79
N ALA F 322 5.83 -21.28 -11.68
CA ALA F 322 6.47 -21.51 -10.41
C ALA F 322 6.81 -22.96 -10.22
N ILE F 323 5.93 -23.86 -10.64
CA ILE F 323 6.21 -25.26 -10.46
C ILE F 323 7.17 -25.78 -11.50
N GLN F 324 7.02 -25.36 -12.76
CA GLN F 324 7.90 -25.83 -13.81
C GLN F 324 9.34 -25.47 -13.53
N ARG F 325 9.57 -24.32 -12.92
CA ARG F 325 10.93 -23.92 -12.61
C ARG F 325 11.39 -24.51 -11.27
N LEU F 326 10.51 -24.56 -10.27
CA LEU F 326 10.91 -25.02 -8.96
C LEU F 326 11.34 -26.46 -8.92
N LYS F 327 10.52 -27.37 -9.46
CA LYS F 327 10.90 -28.78 -9.47
C LYS F 327 11.36 -29.25 -8.09
N ALA F 328 10.59 -28.96 -7.06
CA ALA F 328 11.02 -29.27 -5.72
C ALA F 328 9.84 -29.33 -4.79
N PRO F 329 9.99 -29.97 -3.61
CA PRO F 329 9.06 -29.97 -2.49
C PRO F 329 8.94 -28.61 -1.81
N ALA F 330 9.88 -27.70 -2.08
CA ALA F 330 9.90 -26.37 -1.44
C ALA F 330 8.93 -25.44 -2.16
N GLN F 331 7.67 -25.79 -2.05
CA GLN F 331 6.55 -25.16 -2.72
C GLN F 331 5.85 -24.10 -1.90
N MET F 332 5.16 -23.21 -2.59
CA MET F 332 4.29 -22.20 -2.01
C MET F 332 5.00 -21.32 -1.03
N SER F 333 6.23 -20.94 -1.33
CA SER F 333 6.88 -20.08 -0.39
C SER F 333 6.03 -18.87 -0.27
N ILE F 334 5.73 -18.52 0.96
CA ILE F 334 4.84 -17.44 1.19
C ILE F 334 5.43 -16.14 0.74
N GLN F 335 6.71 -15.94 0.94
CA GLN F 335 7.26 -14.68 0.50
C GLN F 335 7.16 -14.53 -1.01
N LEU F 336 7.30 -15.62 -1.75
CA LEU F 336 7.25 -15.48 -3.19
C LEU F 336 5.84 -15.18 -3.64
N ILE F 337 4.87 -15.88 -3.08
CA ILE F 337 3.52 -15.60 -3.50
C ILE F 337 3.10 -14.23 -3.05
N ASN F 338 3.53 -13.76 -1.89
CA ASN F 338 3.08 -12.44 -1.46
C ASN F 338 3.57 -11.38 -2.40
N LYS F 339 4.80 -11.52 -2.87
CA LYS F 339 5.33 -10.53 -3.77
C LYS F 339 4.62 -10.61 -5.10
N ALA F 340 4.33 -11.82 -5.56
CA ALA F 340 3.62 -11.97 -6.80
C ALA F 340 2.26 -11.34 -6.69
N VAL F 341 1.62 -11.49 -5.55
CA VAL F 341 0.33 -10.92 -5.38
C VAL F 341 0.41 -9.42 -5.43
N ASN F 342 1.39 -8.84 -4.76
CA ASN F 342 1.44 -7.39 -4.81
C ASN F 342 1.59 -6.92 -6.25
N ALA F 343 2.35 -7.67 -7.04
CA ALA F 343 2.62 -7.37 -8.43
C ALA F 343 1.47 -7.71 -9.40
N LEU F 344 0.72 -8.75 -9.11
CA LEU F 344 -0.29 -9.25 -10.04
C LEU F 344 -1.74 -8.95 -9.72
N ILE F 345 -2.06 -8.76 -8.45
CA ILE F 345 -3.44 -8.66 -7.99
C ILE F 345 -3.90 -7.28 -7.58
N ASN F 346 -5.07 -6.88 -8.09
CA ASN F 346 -5.62 -5.60 -7.73
C ASN F 346 -6.44 -5.71 -6.43
N ASP F 347 -5.89 -5.15 -5.35
CA ASP F 347 -6.46 -5.22 -4.01
C ASP F 347 -7.83 -4.57 -3.94
N GLN F 348 -8.08 -3.64 -4.85
CA GLN F 348 -9.33 -2.94 -4.83
C GLN F 348 -10.43 -3.80 -5.41
N LEU F 349 -10.09 -4.72 -6.31
CA LEU F 349 -11.17 -5.51 -6.85
C LEU F 349 -11.66 -6.40 -5.75
N ILE F 350 -10.72 -6.88 -4.94
CA ILE F 350 -11.10 -7.77 -3.86
C ILE F 350 -11.90 -7.02 -2.81
N MET F 351 -11.42 -5.85 -2.41
CA MET F 351 -12.16 -5.17 -1.37
C MET F 351 -13.52 -4.71 -1.82
N LYS F 352 -13.66 -4.25 -3.06
CA LYS F 352 -14.96 -3.80 -3.51
C LYS F 352 -15.94 -4.94 -3.51
N ASN F 353 -15.47 -6.11 -3.90
CA ASN F 353 -16.36 -7.24 -4.00
C ASN F 353 -16.79 -7.68 -2.61
N HIS F 354 -15.89 -7.59 -1.62
CA HIS F 354 -16.23 -7.97 -0.26
C HIS F 354 -17.21 -6.99 0.34
N LEU F 355 -17.07 -5.72 0.00
CA LEU F 355 -18.00 -4.78 0.53
C LEU F 355 -19.35 -4.92 -0.18
N ARG F 356 -19.37 -5.29 -1.45
CA ARG F 356 -20.67 -5.50 -2.07
C ARG F 356 -21.39 -6.62 -1.35
N ASP F 357 -20.65 -7.64 -0.95
CA ASP F 357 -21.22 -8.76 -0.24
C ASP F 357 -21.83 -8.30 1.08
N ILE F 358 -21.10 -7.53 1.88
CA ILE F 358 -21.69 -7.15 3.16
C ILE F 358 -22.92 -6.31 2.95
N MET F 359 -22.93 -5.51 1.90
CA MET F 359 -24.04 -4.63 1.56
C MET F 359 -25.23 -5.28 0.83
N CYS F 360 -25.20 -6.63 0.59
CA CYS F 360 -26.23 -7.42 -0.07
C CYS F 360 -26.39 -6.96 -1.52
N ILE F 361 -25.27 -6.57 -2.10
CA ILE F 361 -25.19 -6.14 -3.45
C ILE F 361 -24.58 -7.30 -4.16
N PRO F 362 -25.08 -7.75 -5.30
CA PRO F 362 -24.54 -8.88 -5.97
C PRO F 362 -23.06 -8.69 -6.13
N TYR F 363 -22.34 -9.76 -5.95
CA TYR F 363 -20.89 -9.73 -6.03
C TYR F 363 -20.42 -11.00 -6.68
N CYS F 364 -19.19 -11.01 -7.22
CA CYS F 364 -18.66 -12.18 -7.91
C CYS F 364 -17.64 -12.94 -7.09
N ASN F 365 -17.85 -14.21 -7.00
CA ASN F 365 -16.71 -15.00 -6.61
C ASN F 365 -16.09 -15.36 -7.95
N TYR F 366 -14.93 -16.01 -7.99
CA TYR F 366 -14.25 -16.23 -9.29
C TYR F 366 -14.44 -17.60 -9.85
N SER F 367 -15.38 -18.37 -9.34
CA SER F 367 -15.51 -19.65 -9.99
C SER F 367 -15.99 -19.50 -11.39
N LYS F 368 -16.97 -18.61 -11.63
CA LYS F 368 -17.47 -18.53 -12.99
C LYS F 368 -17.43 -17.15 -13.56
N TYR F 369 -17.20 -17.16 -14.86
CA TYR F 369 -17.20 -15.97 -15.69
C TYR F 369 -18.10 -16.12 -16.91
N TRP F 370 -18.64 -14.98 -17.34
CA TRP F 370 -19.43 -14.85 -18.54
C TRP F 370 -18.55 -14.56 -19.73
N TYR F 371 -18.73 -15.26 -20.82
CA TYR F 371 -17.92 -15.03 -21.99
C TYR F 371 -18.74 -14.70 -23.18
N LEU F 372 -19.11 -13.45 -23.33
CA LEU F 372 -19.94 -13.17 -24.49
C LEU F 372 -18.97 -13.43 -25.64
N ASN F 373 -19.38 -14.28 -26.61
CA ASN F 373 -18.55 -14.80 -27.68
C ASN F 373 -19.32 -14.86 -29.01
N HIS F 374 -18.72 -14.33 -30.11
CA HIS F 374 -19.30 -14.36 -31.46
C HIS F 374 -19.17 -15.79 -31.93
N THR F 375 -20.29 -16.38 -32.29
CA THR F 375 -20.34 -17.80 -32.58
C THR F 375 -19.75 -18.23 -33.91
N THR F 376 -19.51 -17.30 -34.83
CA THR F 376 -18.96 -17.72 -36.11
C THR F 376 -17.50 -17.34 -36.17
N THR F 377 -17.14 -16.22 -35.55
CA THR F 377 -15.76 -15.79 -35.62
C THR F 377 -14.93 -16.25 -34.43
N GLY F 378 -15.58 -16.68 -33.34
CA GLY F 378 -14.88 -17.12 -32.14
C GLY F 378 -14.32 -15.95 -31.39
N ARG F 379 -14.99 -14.83 -31.52
CA ARG F 379 -14.50 -13.63 -30.90
C ARG F 379 -15.01 -13.54 -29.51
N THR F 380 -14.13 -13.72 -28.57
CA THR F 380 -14.54 -13.77 -27.18
C THR F 380 -14.18 -12.45 -26.53
N SER F 381 -15.17 -11.86 -25.88
CA SER F 381 -15.02 -10.60 -25.18
C SER F 381 -14.25 -10.83 -23.92
N LEU F 382 -13.78 -9.76 -23.29
CA LEU F 382 -13.10 -10.03 -22.06
C LEU F 382 -14.15 -10.62 -21.15
N PRO F 383 -13.89 -11.73 -20.47
CA PRO F 383 -14.82 -12.37 -19.59
C PRO F 383 -15.28 -11.41 -18.52
N LYS F 384 -16.54 -11.46 -18.21
CA LYS F 384 -17.07 -10.63 -17.14
C LYS F 384 -17.26 -11.62 -16.03
N CYS F 385 -17.28 -11.20 -14.76
CA CYS F 385 -17.50 -12.14 -13.66
C CYS F 385 -19.00 -12.37 -13.49
N TRP F 386 -19.35 -13.53 -12.99
CA TRP F 386 -20.74 -13.84 -12.78
C TRP F 386 -21.15 -13.61 -11.32
N LEU F 387 -21.98 -12.59 -11.15
CA LEU F 387 -22.48 -12.11 -9.87
C LEU F 387 -23.45 -13.10 -9.25
N VAL F 388 -23.34 -13.19 -7.94
CA VAL F 388 -24.12 -14.04 -7.07
C VAL F 388 -24.95 -13.22 -6.11
N SER F 389 -26.20 -13.63 -5.99
CA SER F 389 -27.22 -13.01 -5.19
C SER F 389 -27.81 -13.96 -4.18
N ASN F 390 -27.69 -13.67 -2.87
CA ASN F 390 -28.20 -14.51 -1.76
C ASN F 390 -27.70 -15.96 -1.88
N GLY F 391 -26.42 -16.16 -2.28
CA GLY F 391 -25.79 -17.48 -2.43
C GLY F 391 -26.15 -18.20 -3.75
N SER F 392 -26.74 -17.51 -4.71
CA SER F 392 -27.11 -18.14 -5.98
C SER F 392 -26.87 -17.25 -7.19
N TYR F 393 -26.48 -17.83 -8.29
CA TYR F 393 -26.21 -17.03 -9.46
C TYR F 393 -27.40 -16.30 -10.04
N LEU F 394 -27.15 -15.08 -10.48
CA LEU F 394 -28.13 -14.27 -11.18
C LEU F 394 -28.26 -14.75 -12.63
N ASN F 395 -29.43 -14.48 -13.27
CA ASN F 395 -29.73 -14.88 -14.65
C ASN F 395 -29.22 -13.83 -15.64
N GLU F 396 -29.24 -14.18 -16.96
CA GLU F 396 -28.90 -13.31 -18.10
C GLU F 396 -29.83 -12.11 -18.16
N THR F 397 -30.97 -12.25 -17.50
CA THR F 397 -31.97 -11.25 -17.32
C THR F 397 -31.40 -10.11 -16.50
N HIS F 398 -30.67 -10.46 -15.43
CA HIS F 398 -30.13 -9.49 -14.50
C HIS F 398 -28.94 -8.82 -15.12
N PHE F 399 -28.31 -9.54 -16.01
CA PHE F 399 -27.15 -9.06 -16.73
C PHE F 399 -27.56 -8.60 -18.10
N SER F 400 -28.85 -8.49 -18.37
CA SER F 400 -29.28 -8.13 -19.70
C SER F 400 -28.65 -6.87 -20.19
N ASP F 401 -28.55 -5.87 -19.35
CA ASP F 401 -28.00 -4.62 -19.82
C ASP F 401 -26.53 -4.73 -20.09
N ASP F 402 -25.80 -5.46 -19.23
CA ASP F 402 -24.37 -5.57 -19.40
C ASP F 402 -24.04 -6.37 -20.65
N ILE F 403 -24.88 -7.36 -20.91
CA ILE F 403 -24.69 -8.24 -22.04
C ILE F 403 -24.96 -7.48 -23.32
N GLU F 404 -26.05 -6.72 -23.36
CA GLU F 404 -26.36 -5.96 -24.56
C GLU F 404 -25.29 -4.92 -24.83
N GLN F 405 -24.76 -4.29 -23.78
CA GLN F 405 -23.75 -3.28 -23.97
C GLN F 405 -22.49 -3.93 -24.50
N GLN F 406 -22.13 -5.10 -23.98
CA GLN F 406 -20.94 -5.71 -24.48
C GLN F 406 -21.13 -6.15 -25.91
N ALA F 407 -22.32 -6.62 -26.27
CA ALA F 407 -22.53 -7.04 -27.64
C ALA F 407 -22.33 -5.86 -28.58
N ASP F 408 -22.79 -4.67 -28.18
CA ASP F 408 -22.62 -3.49 -29.01
C ASP F 408 -21.14 -3.14 -29.12
N ASN F 409 -20.41 -3.33 -28.03
CA ASN F 409 -18.99 -3.01 -28.04
C ASN F 409 -18.25 -3.97 -28.96
N MET F 410 -18.66 -5.25 -28.96
CA MET F 410 -18.01 -6.24 -29.79
C MET F 410 -18.23 -5.90 -31.26
N ILE F 411 -19.44 -5.47 -31.59
CA ILE F 411 -19.73 -5.11 -32.97
C ILE F 411 -18.90 -3.93 -33.39
N THR F 412 -18.82 -2.92 -32.51
CA THR F 412 -18.08 -1.71 -32.79
C THR F 412 -16.62 -2.01 -33.04
N GLU F 413 -16.04 -2.87 -32.20
CA GLU F 413 -14.65 -3.22 -32.36
C GLU F 413 -14.42 -4.02 -33.64
N MET F 414 -15.33 -4.93 -33.98
CA MET F 414 -15.18 -5.71 -35.22
C MET F 414 -15.23 -4.87 -36.50
N LEU F 415 -16.11 -3.84 -36.55
CA LEU F 415 -16.29 -2.92 -37.67
C LEU F 415 -15.12 -1.93 -37.71
N GLN G 17 -48.00 -8.41 26.46
CA GLN G 17 -48.76 -9.47 25.82
C GLN G 17 -49.07 -9.10 24.33
N LEU G 18 -49.76 -10.02 23.62
CA LEU G 18 -50.23 -9.91 22.24
C LEU G 18 -51.73 -10.16 22.23
N GLU G 19 -52.46 -9.24 21.65
CA GLU G 19 -53.90 -9.33 21.61
C GLU G 19 -54.40 -9.45 20.19
N GLU G 20 -55.37 -10.32 19.96
CA GLU G 20 -55.87 -10.50 18.60
C GLU G 20 -57.18 -9.75 18.37
N SER G 21 -57.41 -9.36 17.14
CA SER G 21 -58.66 -8.78 16.67
C SER G 21 -58.79 -8.99 15.16
N GLY G 22 -59.97 -8.74 14.58
CA GLY G 22 -60.13 -8.90 13.14
C GLY G 22 -60.55 -10.31 12.70
N GLY G 23 -61.02 -11.14 13.62
CA GLY G 23 -61.43 -12.50 13.24
C GLY G 23 -62.91 -12.49 12.88
N GLY G 24 -63.56 -13.67 12.87
CA GLY G 24 -64.96 -13.74 12.48
C GLY G 24 -65.12 -14.46 11.15
N LEU G 25 -66.35 -14.48 10.63
CA LEU G 25 -66.60 -15.21 9.40
C LEU G 25 -66.66 -14.27 8.20
N VAL G 26 -66.01 -14.68 7.11
CA VAL G 26 -66.02 -13.96 5.86
C VAL G 26 -66.45 -14.91 4.75
N GLN G 27 -66.76 -14.36 3.62
CA GLN G 27 -67.18 -15.14 2.47
C GLN G 27 -65.99 -15.57 1.66
N THR G 28 -66.20 -16.61 0.86
CA THR G 28 -65.13 -17.10 0.00
C THR G 28 -64.95 -16.16 -1.17
N GLU G 29 -63.79 -16.29 -1.81
CA GLU G 29 -63.36 -15.43 -2.91
C GLU G 29 -63.35 -14.00 -2.36
N GLY G 30 -62.94 -13.89 -1.10
CA GLY G 30 -62.94 -12.63 -0.38
C GLY G 30 -61.60 -12.19 0.18
N SER G 31 -61.67 -11.40 1.24
CA SER G 31 -60.49 -10.86 1.89
C SER G 31 -60.76 -10.62 3.36
N LEU G 32 -59.67 -10.57 4.12
CA LEU G 32 -59.74 -10.28 5.55
C LEU G 32 -58.42 -9.83 6.10
N THR G 33 -58.42 -8.72 6.80
CA THR G 33 -57.19 -8.29 7.42
C THR G 33 -57.20 -8.63 8.90
N LEU G 34 -56.19 -9.37 9.35
CA LEU G 34 -56.13 -9.78 10.74
C LEU G 34 -55.27 -8.81 11.51
N THR G 35 -55.60 -8.58 12.75
CA THR G 35 -54.83 -7.62 13.52
C THR G 35 -54.29 -8.15 14.86
N CYS G 36 -53.04 -7.75 15.20
CA CYS G 36 -52.39 -8.04 16.49
C CYS G 36 -51.93 -6.74 17.13
N THR G 37 -52.25 -6.61 18.40
CA THR G 37 -51.90 -5.42 19.11
C THR G 37 -50.95 -5.70 20.27
N ALA G 38 -49.92 -4.86 20.35
CA ALA G 38 -48.93 -4.90 21.39
C ALA G 38 -49.52 -4.44 22.70
N SER G 39 -49.12 -5.08 23.78
CA SER G 39 -49.56 -4.65 25.10
C SER G 39 -48.38 -4.62 26.05
N GLY G 40 -48.08 -3.45 26.60
CA GLY G 40 -46.93 -3.28 27.50
C GLY G 40 -45.64 -3.06 26.70
N PHE G 41 -45.30 -4.06 25.89
CA PHE G 41 -44.14 -4.04 25.01
C PHE G 41 -44.47 -3.53 23.65
N SER G 42 -43.97 -2.35 23.30
CA SER G 42 -44.27 -1.80 21.99
C SER G 42 -43.35 -2.50 21.02
N PHE G 43 -43.65 -2.41 19.74
CA PHE G 43 -42.84 -3.06 18.75
C PHE G 43 -41.64 -2.22 18.37
N SER G 44 -40.53 -2.91 18.14
CA SER G 44 -39.29 -2.30 17.65
C SER G 44 -39.31 -2.53 16.16
N ASN G 45 -38.23 -2.17 15.46
CA ASN G 45 -38.16 -2.29 14.02
C ASN G 45 -37.64 -3.68 13.57
N ASN G 46 -37.46 -4.57 14.51
CA ASN G 46 -36.95 -5.90 14.23
C ASN G 46 -38.02 -6.93 13.87
N ASP G 47 -37.55 -8.17 13.59
CA ASP G 47 -38.44 -9.26 13.19
C ASP G 47 -39.00 -9.93 14.40
N TYR G 48 -39.89 -9.20 15.06
CA TYR G 48 -40.45 -9.65 16.31
C TYR G 48 -41.88 -10.07 16.23
N ILE G 49 -42.49 -10.00 15.07
CA ILE G 49 -43.89 -10.37 14.93
C ILE G 49 -43.90 -11.48 13.93
N CYS G 50 -44.57 -12.63 14.19
CA CYS G 50 -44.58 -13.72 13.23
C CYS G 50 -45.93 -14.43 13.28
N TRP G 51 -46.37 -14.97 12.14
CA TRP G 51 -47.69 -15.59 12.13
C TRP G 51 -47.82 -17.01 11.62
N VAL G 52 -48.69 -17.72 12.32
CA VAL G 52 -49.03 -19.10 12.02
C VAL G 52 -50.54 -19.36 11.99
N ARG G 53 -50.92 -20.49 11.41
CA ARG G 53 -52.33 -20.91 11.42
C ARG G 53 -52.47 -22.41 11.63
N GLN G 54 -53.63 -22.83 12.14
CA GLN G 54 -53.94 -24.26 12.10
C GLN G 54 -55.43 -24.49 11.92
N ALA G 55 -55.79 -25.33 10.97
CA ALA G 55 -57.19 -25.62 10.82
C ALA G 55 -57.54 -26.38 12.08
N PRO G 56 -58.75 -26.31 12.61
CA PRO G 56 -59.09 -27.05 13.80
C PRO G 56 -58.81 -28.53 13.54
N GLY G 57 -58.16 -29.18 14.49
CA GLY G 57 -57.86 -30.61 14.37
C GLY G 57 -56.56 -30.89 13.61
N LYS G 58 -55.94 -29.85 13.09
CA LYS G 58 -54.71 -29.97 12.31
C LYS G 58 -53.53 -29.36 13.02
N GLY G 59 -52.33 -29.71 12.56
CA GLY G 59 -51.14 -29.15 13.15
C GLY G 59 -50.90 -27.75 12.65
N LEU G 60 -49.83 -27.15 13.13
CA LEU G 60 -49.55 -25.77 12.85
C LEU G 60 -48.68 -25.61 11.62
N GLU G 61 -48.97 -24.58 10.83
CA GLU G 61 -48.12 -24.25 9.71
C GLU G 61 -47.84 -22.77 9.65
N TRP G 62 -46.72 -22.43 9.05
CA TRP G 62 -46.31 -21.06 8.87
C TRP G 62 -47.11 -20.36 7.79
N ILE G 63 -47.56 -19.13 8.04
CA ILE G 63 -48.19 -18.39 6.95
C ILE G 63 -47.22 -17.35 6.44
N GLY G 64 -46.58 -16.67 7.36
CA GLY G 64 -45.66 -15.63 6.99
C GLY G 64 -45.12 -15.00 8.25
N CYS G 65 -44.27 -13.96 8.13
CA CYS G 65 -43.64 -13.38 9.33
C CYS G 65 -43.41 -11.88 9.12
N ILE G 66 -43.22 -11.15 10.22
CA ILE G 66 -43.11 -9.70 10.13
C ILE G 66 -41.93 -8.96 10.80
N TYR G 67 -41.31 -8.14 9.97
CA TYR G 67 -40.19 -7.28 10.30
C TYR G 67 -40.64 -5.85 10.19
N SER G 68 -40.40 -5.08 11.24
CA SER G 68 -40.90 -3.71 11.23
C SER G 68 -40.06 -2.55 10.68
N ASP G 69 -38.77 -2.71 10.39
CA ASP G 69 -38.02 -1.56 9.86
C ASP G 69 -38.45 -1.23 8.43
N TYR G 70 -38.72 -2.26 7.66
CA TYR G 70 -39.11 -2.16 6.27
C TYR G 70 -40.06 -3.27 5.97
N GLY G 71 -41.08 -3.04 5.17
CA GLY G 71 -41.96 -4.15 4.92
C GLY G 71 -41.29 -5.32 4.21
N PHE G 72 -41.20 -6.43 4.94
CA PHE G 72 -40.67 -7.67 4.43
C PHE G 72 -41.82 -8.60 4.16
N SER G 73 -41.71 -9.42 3.13
CA SER G 73 -42.75 -10.38 2.81
C SER G 73 -42.75 -11.59 3.72
N PHE G 74 -41.67 -12.34 3.73
CA PHE G 74 -41.61 -13.54 4.57
C PHE G 74 -42.80 -14.43 4.41
N PHE G 75 -43.07 -14.94 3.23
CA PHE G 75 -44.23 -15.80 3.14
C PHE G 75 -43.86 -17.19 2.81
N ALA G 76 -44.69 -18.11 3.24
CA ALA G 76 -44.51 -19.49 2.86
C ALA G 76 -44.70 -19.55 1.37
N THR G 77 -44.03 -20.47 0.68
CA THR G 77 -44.22 -20.58 -0.76
C THR G 77 -45.71 -20.66 -1.00
N TRP G 78 -46.39 -21.47 -0.24
CA TRP G 78 -47.82 -21.49 -0.36
C TRP G 78 -48.52 -20.17 -0.06
N ALA G 79 -48.22 -19.59 1.08
CA ALA G 79 -48.94 -18.43 1.55
C ALA G 79 -48.82 -17.22 0.67
N LYS G 80 -47.66 -17.03 0.05
CA LYS G 80 -47.37 -15.83 -0.71
C LYS G 80 -48.35 -15.50 -1.79
N ASP G 81 -49.08 -16.47 -2.35
CA ASP G 81 -49.97 -16.08 -3.43
C ASP G 81 -51.24 -15.40 -2.91
N ARG G 82 -51.67 -15.71 -1.69
CA ARG G 82 -52.89 -15.09 -1.15
C ARG G 82 -52.62 -14.16 0.03
N PHE G 83 -51.42 -14.22 0.58
CA PHE G 83 -51.09 -13.45 1.77
C PHE G 83 -50.23 -12.24 1.41
N SER G 84 -50.77 -11.05 1.64
CA SER G 84 -50.12 -9.78 1.34
C SER G 84 -49.37 -9.29 2.57
N GLY G 85 -48.62 -8.21 2.44
CA GLY G 85 -47.81 -7.71 3.54
C GLY G 85 -48.64 -7.03 4.62
N SER G 86 -47.94 -6.33 5.50
CA SER G 86 -48.58 -5.74 6.65
C SER G 86 -48.17 -4.34 7.05
N LYS G 87 -49.06 -3.70 7.78
CA LYS G 87 -48.81 -2.40 8.40
C LYS G 87 -48.09 -2.68 9.67
N THR G 88 -47.09 -1.88 9.99
CA THR G 88 -46.36 -2.09 11.24
C THR G 88 -46.20 -0.82 12.06
N SER G 89 -47.22 -0.48 12.83
CA SER G 89 -47.17 0.70 13.69
C SER G 89 -46.51 0.25 14.98
N SER G 90 -46.21 1.17 15.90
CA SER G 90 -45.54 0.74 17.12
C SER G 90 -46.38 -0.22 17.95
N THR G 91 -47.70 -0.15 17.87
CA THR G 91 -48.45 -1.12 18.63
C THR G 91 -49.34 -2.00 17.80
N THR G 92 -49.63 -1.63 16.56
CA THR G 92 -50.57 -2.45 15.82
C THR G 92 -50.05 -2.96 14.49
N VAL G 93 -50.22 -4.25 14.28
CA VAL G 93 -49.80 -4.86 13.04
C VAL G 93 -50.97 -5.49 12.31
N THR G 94 -51.08 -5.19 11.01
CA THR G 94 -52.23 -5.70 10.26
C THR G 94 -51.81 -6.52 9.06
N LEU G 95 -52.40 -7.70 8.94
CA LEU G 95 -52.12 -8.71 7.90
C LEU G 95 -53.16 -8.85 6.85
N GLN G 96 -52.90 -8.43 5.62
CA GLN G 96 -54.00 -8.54 4.68
C GLN G 96 -54.04 -9.82 3.85
N GLY G 97 -55.12 -10.59 3.95
CA GLY G 97 -55.26 -11.76 3.08
C GLY G 97 -56.29 -11.45 1.99
N THR G 98 -56.08 -11.95 0.77
CA THR G 98 -57.05 -11.75 -0.32
C THR G 98 -57.25 -13.03 -1.12
N GLY G 99 -58.41 -13.19 -1.77
CA GLY G 99 -58.62 -14.37 -2.60
C GLY G 99 -58.79 -15.57 -1.68
N LEU G 100 -59.36 -15.29 -0.51
CA LEU G 100 -59.53 -16.28 0.53
C LEU G 100 -60.61 -17.25 0.17
N THR G 101 -60.40 -18.50 0.56
CA THR G 101 -61.37 -19.56 0.35
C THR G 101 -61.72 -20.29 1.63
N ALA G 102 -62.70 -21.19 1.56
CA ALA G 102 -63.18 -21.92 2.74
C ALA G 102 -62.09 -22.72 3.42
N ALA G 103 -61.16 -23.21 2.63
CA ALA G 103 -60.04 -24.03 3.09
C ALA G 103 -59.09 -23.25 3.98
N ASP G 104 -59.22 -21.93 4.02
CA ASP G 104 -58.35 -21.11 4.81
C ASP G 104 -58.85 -21.00 6.24
N THR G 105 -59.97 -21.65 6.56
CA THR G 105 -60.47 -21.59 7.93
C THR G 105 -59.44 -22.18 8.88
N ALA G 106 -59.14 -21.40 9.92
CA ALA G 106 -58.15 -21.77 10.91
C ALA G 106 -58.17 -20.88 12.10
N THR G 107 -57.53 -21.34 13.14
CA THR G 107 -57.28 -20.47 14.24
C THR G 107 -55.94 -19.83 13.91
N TYR G 108 -55.89 -18.52 13.96
CA TYR G 108 -54.68 -17.79 13.64
C TYR G 108 -54.04 -17.25 14.88
N PHE G 109 -52.72 -17.24 14.89
CA PHE G 109 -52.00 -16.71 16.05
C PHE G 109 -50.84 -15.75 15.71
N CYS G 110 -50.72 -14.70 16.54
CA CYS G 110 -49.64 -13.73 16.59
C CYS G 110 -48.63 -14.22 17.63
N VAL G 111 -47.39 -14.36 17.21
CA VAL G 111 -46.34 -14.79 18.11
C VAL G 111 -45.15 -13.85 18.08
N LYS G 112 -44.60 -13.55 19.26
CA LYS G 112 -43.42 -12.72 19.35
C LYS G 112 -42.25 -13.59 19.09
N THR G 113 -41.36 -13.09 18.28
CA THR G 113 -40.20 -13.86 17.93
C THR G 113 -38.83 -13.25 18.10
N TYR G 114 -37.84 -14.13 18.31
CA TYR G 114 -36.43 -13.77 18.26
C TYR G 114 -35.84 -14.78 17.30
N VAL G 115 -36.76 -15.32 16.53
CA VAL G 115 -36.62 -16.40 15.60
C VAL G 115 -35.72 -16.20 14.43
N SER G 116 -35.78 -15.05 13.79
CA SER G 116 -34.99 -14.92 12.61
C SER G 116 -33.59 -14.47 12.81
N ARG G 117 -32.69 -15.23 12.22
CA ARG G 117 -31.29 -14.89 12.18
C ARG G 117 -31.19 -14.03 10.94
N PHE G 118 -30.50 -12.88 10.98
CA PHE G 118 -30.47 -11.90 9.87
C PHE G 118 -29.38 -11.82 8.82
N GLY G 119 -28.49 -12.77 8.71
CA GLY G 119 -27.52 -12.60 7.64
C GLY G 119 -28.34 -12.89 6.40
N TYR G 120 -27.77 -12.89 5.20
CA TYR G 120 -28.71 -13.14 4.09
C TYR G 120 -29.35 -14.51 4.28
N TYR G 121 -28.62 -15.42 4.90
CA TYR G 121 -29.15 -16.71 5.07
C TYR G 121 -29.93 -16.72 6.37
N ILE G 122 -31.23 -16.51 6.22
CA ILE G 122 -32.16 -16.40 7.31
C ILE G 122 -32.52 -17.76 7.87
N ARG G 123 -32.50 -17.85 9.20
CA ARG G 123 -32.82 -19.11 9.87
C ARG G 123 -33.89 -18.95 10.90
N TRP G 124 -34.57 -20.06 11.20
CA TRP G 124 -35.64 -20.11 12.19
C TRP G 124 -35.24 -20.77 13.50
N ASP G 125 -35.13 -19.97 14.56
CA ASP G 125 -34.77 -20.48 15.87
C ASP G 125 -35.29 -19.69 17.07
N TYR G 126 -36.18 -20.29 17.86
CA TYR G 126 -36.78 -19.72 19.10
C TYR G 126 -37.88 -18.64 19.00
N PHE G 127 -39.13 -19.13 19.07
CA PHE G 127 -40.36 -18.37 19.13
C PHE G 127 -40.59 -18.15 20.61
N ASP G 128 -41.20 -17.05 21.03
CA ASP G 128 -41.40 -16.84 22.46
C ASP G 128 -42.87 -16.70 22.91
N LEU G 129 -43.39 -15.47 22.92
CA LEU G 129 -44.74 -15.17 23.38
C LEU G 129 -45.88 -15.43 22.43
N TRP G 130 -46.89 -16.14 22.90
CA TRP G 130 -48.05 -16.39 22.05
C TRP G 130 -49.26 -15.59 22.49
N GLY G 131 -50.02 -15.11 21.49
CA GLY G 131 -51.30 -14.46 21.74
C GLY G 131 -52.40 -15.52 21.79
N PRO G 132 -53.61 -15.19 22.23
CA PRO G 132 -54.76 -16.05 22.23
C PRO G 132 -54.99 -16.33 20.79
N GLY G 133 -55.54 -17.46 20.43
CA GLY G 133 -55.81 -17.63 19.00
C GLY G 133 -57.10 -16.95 18.65
N THR G 134 -57.26 -16.63 17.37
CA THR G 134 -58.51 -16.05 16.89
C THR G 134 -59.08 -16.94 15.81
N LEU G 135 -60.38 -17.18 15.85
CA LEU G 135 -60.93 -18.04 14.82
C LEU G 135 -61.44 -17.29 13.63
N VAL G 136 -60.92 -17.69 12.49
CA VAL G 136 -61.28 -17.14 11.21
C VAL G 136 -61.96 -18.20 10.36
N ILE G 137 -63.16 -17.89 9.92
CA ILE G 137 -63.95 -18.78 9.09
C ILE G 137 -64.14 -18.08 7.77
N VAL G 138 -63.96 -18.76 6.62
CA VAL G 138 -64.11 -18.15 5.30
C VAL G 138 -65.28 -18.84 4.59
N VAL H 5 -37.99 -29.64 5.42
CA VAL H 5 -38.95 -30.71 5.67
C VAL H 5 -38.59 -31.32 7.03
N MET H 6 -39.64 -31.72 7.77
CA MET H 6 -39.56 -32.34 9.08
C MET H 6 -40.54 -33.48 9.19
N THR H 7 -40.13 -34.54 9.86
CA THR H 7 -40.99 -35.67 10.18
C THR H 7 -41.05 -35.81 11.68
N GLN H 8 -41.88 -36.74 12.14
CA GLN H 8 -42.10 -36.89 13.55
C GLN H 8 -42.59 -38.28 13.95
N THR H 9 -42.33 -38.64 15.20
CA THR H 9 -42.80 -39.86 15.81
C THR H 9 -44.31 -39.99 15.51
N PRO H 10 -44.87 -41.20 15.34
CA PRO H 10 -46.26 -41.45 15.04
C PRO H 10 -47.19 -40.77 16.02
N SER H 11 -48.35 -40.38 15.51
CA SER H 11 -49.35 -39.67 16.29
C SER H 11 -50.06 -40.35 17.48
N PRO H 12 -50.34 -41.66 17.54
CA PRO H 12 -51.07 -42.31 18.63
C PRO H 12 -50.23 -42.61 19.85
N VAL H 13 -49.82 -41.60 20.59
CA VAL H 13 -48.94 -41.78 21.71
C VAL H 13 -49.67 -41.65 23.04
N SER H 14 -49.32 -42.51 23.98
CA SER H 14 -49.95 -42.46 25.29
C SER H 14 -48.97 -42.89 26.34
N ALA H 15 -49.27 -42.52 27.58
CA ALA H 15 -48.45 -42.97 28.68
C ALA H 15 -49.26 -43.06 29.96
N ALA H 16 -48.82 -43.91 30.88
CA ALA H 16 -49.40 -44.02 32.19
C ALA H 16 -48.91 -42.85 33.01
N VAL H 17 -49.61 -42.49 34.07
CA VAL H 17 -49.10 -41.42 34.91
C VAL H 17 -47.91 -41.91 35.73
N GLY H 18 -46.83 -41.14 35.68
CA GLY H 18 -45.57 -41.42 36.35
C GLY H 18 -44.59 -41.96 35.30
N GLY H 19 -43.29 -41.74 35.48
CA GLY H 19 -42.38 -42.24 34.45
C GLY H 19 -42.39 -41.36 33.20
N THR H 20 -42.04 -41.94 32.05
CA THR H 20 -41.87 -41.19 30.80
C THR H 20 -42.66 -41.67 29.59
N VAL H 21 -42.63 -40.82 28.58
CA VAL H 21 -43.18 -41.02 27.24
C VAL H 21 -42.06 -40.72 26.25
N SER H 22 -42.01 -41.45 25.12
CA SER H 22 -40.98 -41.20 24.11
C SER H 22 -41.49 -40.39 22.92
N ILE H 23 -40.92 -39.22 22.72
CA ILE H 23 -41.30 -38.32 21.65
C ILE H 23 -40.08 -37.95 20.80
N SER H 24 -40.18 -37.98 19.49
CA SER H 24 -39.01 -37.62 18.67
C SER H 24 -39.39 -36.92 17.35
N CYS H 25 -38.42 -36.13 16.79
CA CYS H 25 -38.52 -35.40 15.51
C CYS H 25 -37.27 -35.60 14.67
N GLN H 26 -37.44 -35.50 13.36
CA GLN H 26 -36.28 -35.55 12.49
C GLN H 26 -36.40 -34.69 11.23
N SER H 27 -35.35 -33.93 10.91
CA SER H 27 -35.37 -33.14 9.69
C SER H 27 -34.77 -33.88 8.50
N SER H 28 -35.06 -33.38 7.31
CA SER H 28 -34.45 -33.97 6.13
C SER H 28 -33.03 -33.50 5.92
N LYS H 29 -32.71 -32.30 6.41
CA LYS H 29 -31.39 -31.71 6.27
C LYS H 29 -30.95 -31.24 7.64
N SER H 30 -29.67 -31.36 7.93
CA SER H 30 -29.21 -30.91 9.23
C SER H 30 -29.48 -29.46 9.38
N VAL H 31 -29.85 -29.10 10.59
CA VAL H 31 -30.14 -27.72 10.97
C VAL H 31 -28.89 -26.87 10.85
N HIS H 32 -29.07 -25.60 10.43
CA HIS H 32 -27.97 -24.65 10.28
C HIS H 32 -26.98 -24.72 11.42
N ASN H 33 -27.50 -24.82 12.63
CA ASN H 33 -26.65 -24.94 13.78
C ASN H 33 -27.36 -25.86 14.72
N GLU H 34 -26.67 -26.88 15.18
CA GLU H 34 -27.22 -27.92 16.03
C GLU H 34 -27.70 -27.43 17.39
N ASN H 35 -27.42 -26.16 17.71
CA ASN H 35 -27.85 -25.57 18.95
C ASN H 35 -29.10 -24.74 18.72
N PHE H 36 -29.75 -24.92 17.56
CA PHE H 36 -31.01 -24.25 17.22
C PHE H 36 -32.09 -25.29 17.45
N LEU H 37 -33.16 -24.93 18.14
CA LEU H 37 -34.18 -25.93 18.47
C LEU H 37 -35.42 -25.36 19.12
N SER H 38 -36.61 -25.87 18.75
CA SER H 38 -37.78 -25.54 19.54
C SER H 38 -38.79 -26.68 19.74
N TRP H 39 -39.02 -27.07 21.00
CA TRP H 39 -40.03 -28.07 21.34
C TRP H 39 -41.10 -27.34 22.07
N TYR H 40 -42.32 -27.66 21.77
CA TYR H 40 -43.44 -27.00 22.37
C TYR H 40 -44.65 -27.90 22.39
N GLN H 41 -45.65 -27.52 23.16
CA GLN H 41 -46.86 -28.33 23.19
C GLN H 41 -48.10 -27.50 23.13
N GLN H 42 -49.16 -28.09 22.63
CA GLN H 42 -50.43 -27.42 22.60
C GLN H 42 -51.55 -28.24 23.18
N LYS H 43 -52.10 -27.77 24.30
CA LYS H 43 -53.22 -28.48 24.85
C LYS H 43 -54.37 -28.04 23.97
N PRO H 44 -55.34 -28.86 23.67
CA PRO H 44 -56.45 -28.47 22.83
C PRO H 44 -57.11 -27.23 23.37
N GLY H 45 -57.39 -26.29 22.48
CA GLY H 45 -58.06 -25.06 22.84
C GLY H 45 -57.10 -23.99 23.37
N GLN H 46 -55.84 -24.35 23.52
CA GLN H 46 -54.86 -23.42 24.06
C GLN H 46 -53.90 -22.92 23.01
N ARG H 47 -53.32 -21.77 23.29
CA ARG H 47 -52.26 -21.27 22.44
C ARG H 47 -51.01 -22.10 22.76
N PRO H 48 -50.07 -22.28 21.84
CA PRO H 48 -48.83 -23.02 22.04
C PRO H 48 -47.96 -22.50 23.18
N LYS H 49 -47.32 -23.44 23.88
CA LYS H 49 -46.39 -23.12 24.96
C LYS H 49 -45.00 -23.68 24.66
N LEU H 50 -43.99 -22.83 24.67
CA LEU H 50 -42.63 -23.29 24.42
C LEU H 50 -42.07 -24.02 25.61
N LEU H 51 -41.50 -25.18 25.37
CA LEU H 51 -40.90 -25.96 26.41
C LEU H 51 -39.39 -25.91 26.40
N ILE H 52 -38.81 -26.39 25.30
CA ILE H 52 -37.37 -26.60 25.19
C ILE H 52 -36.79 -25.85 24.00
N TYR H 53 -35.68 -25.18 24.18
CA TYR H 53 -35.13 -24.50 23.04
C TYR H 53 -33.61 -24.45 22.98
N ARG H 54 -33.10 -24.19 21.80
CA ARG H 54 -31.68 -24.13 21.55
C ARG H 54 -31.00 -25.39 22.06
N ALA H 55 -29.98 -25.26 22.89
CA ALA H 55 -29.29 -26.44 23.39
C ALA H 55 -30.01 -27.02 24.60
N SER H 56 -31.22 -27.51 24.35
CA SER H 56 -32.12 -28.11 25.30
C SER H 56 -32.37 -27.30 26.58
N THR H 57 -32.60 -26.00 26.43
CA THR H 57 -32.84 -25.07 27.51
C THR H 57 -34.31 -24.97 27.81
N LEU H 58 -34.70 -24.95 29.08
CA LEU H 58 -36.13 -24.78 29.32
C LEU H 58 -36.55 -23.35 29.31
N ALA H 59 -37.68 -23.12 28.66
CA ALA H 59 -38.28 -21.81 28.53
C ALA H 59 -39.27 -21.47 29.61
N SER H 60 -39.32 -20.21 29.97
CA SER H 60 -40.36 -19.63 30.80
C SER H 60 -40.82 -20.40 32.04
N GLY H 61 -39.91 -21.04 32.76
CA GLY H 61 -40.33 -21.71 33.99
C GLY H 61 -41.05 -23.04 33.80
N VAL H 62 -41.08 -23.60 32.59
CA VAL H 62 -41.80 -24.85 32.44
C VAL H 62 -41.14 -25.87 33.36
N PRO H 63 -41.83 -26.95 33.73
CA PRO H 63 -41.33 -27.94 34.66
C PRO H 63 -40.00 -28.52 34.24
N SER H 64 -39.19 -28.81 35.24
CA SER H 64 -37.87 -29.40 35.12
C SER H 64 -37.92 -30.81 34.57
N ARG H 65 -39.13 -31.34 34.54
CA ARG H 65 -39.47 -32.67 34.06
C ARG H 65 -39.28 -32.80 32.55
N PHE H 66 -39.27 -31.67 31.83
CA PHE H 66 -39.12 -31.72 30.38
C PHE H 66 -37.67 -31.80 29.97
N LYS H 67 -37.32 -32.84 29.23
CA LYS H 67 -35.95 -33.10 28.83
C LYS H 67 -35.83 -33.34 27.34
N GLY H 68 -34.68 -33.05 26.77
CA GLY H 68 -34.48 -33.39 25.38
C GLY H 68 -33.04 -33.22 24.97
N SER H 69 -32.73 -33.70 23.78
CA SER H 69 -31.37 -33.67 23.24
C SER H 69 -31.33 -33.96 21.76
N GLY H 70 -30.18 -33.78 21.14
CA GLY H 70 -30.02 -34.16 19.74
C GLY H 70 -29.04 -33.28 19.00
N SER H 71 -28.88 -33.56 17.72
CA SER H 71 -27.97 -32.82 16.86
C SER H 71 -28.29 -33.09 15.40
N GLY H 72 -27.75 -32.27 14.50
CA GLY H 72 -27.92 -32.60 13.08
C GLY H 72 -29.38 -32.59 12.75
N THR H 73 -29.86 -33.73 12.27
CA THR H 73 -31.24 -33.89 11.89
C THR H 73 -32.13 -34.48 12.97
N GLN H 74 -31.62 -35.09 14.04
CA GLN H 74 -32.57 -35.77 14.92
C GLN H 74 -32.48 -35.37 16.38
N PHE H 75 -33.66 -35.07 16.93
CA PHE H 75 -33.82 -34.64 18.30
C PHE H 75 -34.94 -35.37 19.02
N THR H 76 -34.80 -35.51 20.33
CA THR H 76 -35.82 -36.16 21.13
C THR H 76 -36.29 -35.33 22.33
N LEU H 77 -37.48 -35.74 22.80
CA LEU H 77 -38.19 -35.23 23.95
C LEU H 77 -38.74 -36.31 24.83
N THR H 78 -38.57 -36.12 26.11
CA THR H 78 -39.20 -37.01 27.03
C THR H 78 -39.56 -36.19 28.24
N ILE H 79 -40.58 -36.59 28.95
CA ILE H 79 -40.97 -35.87 30.13
C ILE H 79 -41.01 -36.79 31.31
N SER H 80 -40.31 -36.50 32.39
CA SER H 80 -40.39 -37.38 33.53
C SER H 80 -41.70 -37.21 34.25
N ASP H 81 -42.09 -38.24 34.98
CA ASP H 81 -43.27 -38.22 35.79
C ASP H 81 -44.44 -37.59 35.10
N VAL H 82 -44.73 -38.13 33.93
CA VAL H 82 -45.77 -37.62 33.09
C VAL H 82 -47.09 -37.61 33.81
N GLN H 83 -47.81 -36.52 33.64
CA GLN H 83 -49.11 -36.36 34.25
C GLN H 83 -50.19 -36.48 33.22
N CYS H 84 -51.41 -36.76 33.67
CA CYS H 84 -52.54 -36.80 32.75
C CYS H 84 -52.81 -35.40 32.23
N ASP H 85 -52.35 -34.43 32.99
CA ASP H 85 -52.55 -33.04 32.70
C ASP H 85 -51.50 -32.52 31.74
N ASP H 86 -50.57 -33.40 31.31
CA ASP H 86 -49.58 -33.01 30.34
C ASP H 86 -50.09 -33.43 28.98
N ALA H 87 -51.28 -34.02 28.93
CA ALA H 87 -51.73 -34.45 27.63
C ALA H 87 -51.78 -33.23 26.76
N ALA H 88 -51.21 -33.36 25.58
CA ALA H 88 -51.11 -32.26 24.64
C ALA H 88 -50.66 -32.79 23.31
N THR H 89 -50.78 -32.00 22.27
CA THR H 89 -50.17 -32.42 21.03
C THR H 89 -48.76 -31.85 21.07
N TYR H 90 -47.75 -32.69 20.85
CA TYR H 90 -46.38 -32.24 20.94
C TYR H 90 -45.75 -32.00 19.60
N TYR H 91 -44.99 -30.91 19.56
CA TYR H 91 -44.34 -30.40 18.36
C TYR H 91 -42.87 -30.00 18.45
N CYS H 92 -42.19 -30.06 17.29
CA CYS H 92 -40.87 -29.50 17.03
C CYS H 92 -41.01 -28.37 16.04
N ALA H 93 -40.08 -27.45 16.13
CA ALA H 93 -39.95 -26.36 15.19
C ALA H 93 -38.51 -25.94 15.05
N GLY H 94 -38.27 -25.27 13.94
CA GLY H 94 -36.98 -24.73 13.60
C GLY H 94 -36.63 -25.19 12.20
N GLY H 95 -35.65 -24.54 11.62
CA GLY H 95 -35.24 -24.89 10.26
C GLY H 95 -34.58 -23.72 9.57
N ASP H 96 -34.25 -23.88 8.32
CA ASP H 96 -33.58 -22.81 7.60
C ASP H 96 -34.64 -22.25 6.67
N ILE H 97 -34.63 -20.95 6.37
CA ILE H 97 -35.73 -20.45 5.52
C ILE H 97 -35.57 -20.88 4.09
N GLN H 98 -34.34 -21.01 3.64
CA GLN H 98 -34.13 -21.38 2.26
C GLN H 98 -34.44 -22.84 2.02
N SER H 99 -34.27 -23.66 3.06
CA SER H 99 -34.51 -25.07 2.91
C SER H 99 -35.98 -25.45 2.97
N SER H 100 -36.78 -24.79 3.83
CA SER H 100 -38.17 -25.22 3.91
C SER H 100 -39.18 -24.20 4.41
N ASP H 101 -40.41 -24.38 3.97
CA ASP H 101 -41.53 -23.59 4.46
C ASP H 101 -42.08 -24.21 5.72
N ASP H 102 -41.89 -25.51 5.87
CA ASP H 102 -42.40 -26.17 7.03
C ASP H 102 -41.36 -26.10 8.09
N VAL H 103 -41.62 -25.29 9.10
CA VAL H 103 -40.68 -25.09 10.16
C VAL H 103 -41.30 -25.57 11.44
N PHE H 104 -42.41 -26.28 11.28
CA PHE H 104 -43.15 -26.86 12.38
C PHE H 104 -43.45 -28.32 12.04
N GLY H 105 -43.54 -29.18 13.04
CA GLY H 105 -43.93 -30.57 12.80
C GLY H 105 -45.46 -30.70 12.68
N GLY H 106 -45.95 -31.91 12.40
CA GLY H 106 -47.40 -32.13 12.28
C GLY H 106 -48.08 -32.23 13.64
N GLY H 107 -47.36 -32.76 14.61
CA GLY H 107 -47.87 -32.97 15.95
C GLY H 107 -48.16 -34.41 16.27
N THR H 108 -47.74 -34.82 17.46
CA THR H 108 -48.00 -36.18 17.92
C THR H 108 -48.93 -36.06 19.11
N GLU H 109 -49.97 -36.87 19.17
CA GLU H 109 -50.89 -36.75 20.27
C GLU H 109 -50.44 -37.56 21.43
N VAL H 110 -50.22 -36.91 22.56
CA VAL H 110 -49.79 -37.65 23.72
C VAL H 110 -50.87 -37.63 24.79
N VAL H 111 -51.40 -38.82 25.13
CA VAL H 111 -52.47 -39.04 26.11
C VAL H 111 -51.84 -39.16 27.50
N SER I 60 18.99 -0.28 -38.93
CA SER I 60 17.85 -1.17 -39.08
C SER I 60 16.54 -0.37 -38.98
N LEU I 61 15.85 -0.18 -40.13
CA LEU I 61 14.60 0.57 -40.23
C LEU I 61 13.42 -0.34 -40.44
N TYR I 62 12.48 -0.21 -39.56
CA TYR I 62 11.28 -0.98 -39.55
C TYR I 62 10.26 -0.26 -40.39
N LYS I 63 9.58 -1.01 -41.24
CA LYS I 63 8.59 -0.43 -42.15
C LYS I 63 9.22 0.67 -42.97
N GLY I 64 10.49 0.55 -43.33
CA GLY I 64 11.16 1.55 -44.12
C GLY I 64 11.67 2.79 -43.34
N VAL I 65 10.84 3.33 -42.45
CA VAL I 65 11.14 4.56 -41.72
C VAL I 65 11.34 4.58 -40.21
N TYR I 66 11.21 3.47 -39.49
CA TYR I 66 11.35 3.58 -38.04
C TYR I 66 12.66 3.03 -37.49
N GLU I 67 13.43 3.90 -36.88
CA GLU I 67 14.74 3.55 -36.36
C GLU I 67 14.67 3.45 -34.86
N LEU I 68 15.43 2.57 -34.27
CA LEU I 68 15.48 2.52 -32.83
C LEU I 68 16.62 3.33 -32.30
N GLN I 69 16.31 4.37 -31.55
CA GLN I 69 17.38 5.15 -31.02
C GLN I 69 17.60 4.46 -29.71
N THR I 70 18.77 4.52 -29.18
CA THR I 70 18.92 3.96 -27.86
C THR I 70 19.52 5.01 -27.01
N LEU I 71 18.81 5.39 -25.98
CA LEU I 71 19.31 6.43 -25.11
C LEU I 71 19.62 5.85 -23.78
N GLU I 72 20.64 6.41 -23.15
CA GLU I 72 21.02 5.95 -21.86
C GLU I 72 20.99 7.11 -20.90
N LEU I 73 20.53 6.85 -19.69
CA LEU I 73 20.37 7.89 -18.70
C LEU I 73 21.55 8.18 -17.80
N ASN I 74 21.71 9.45 -17.44
CA ASN I 74 22.73 9.84 -16.49
C ASN I 74 22.13 9.72 -15.15
N MET I 75 22.10 8.51 -14.64
CA MET I 75 21.45 8.27 -13.36
C MET I 75 22.09 9.11 -12.27
N GLU I 76 23.36 9.39 -12.41
CA GLU I 76 24.14 10.19 -11.49
C GLU I 76 23.56 11.58 -11.29
N THR I 77 22.80 12.08 -12.27
CA THR I 77 22.23 13.43 -12.27
C THR I 77 21.22 13.59 -11.16
N LEU I 78 20.69 12.47 -10.69
CA LEU I 78 19.69 12.39 -9.64
C LEU I 78 20.27 12.33 -8.20
N ASN I 79 21.62 12.37 -8.03
CA ASN I 79 22.36 12.20 -6.77
C ASN I 79 21.96 13.17 -5.65
N MET I 80 21.49 14.41 -5.96
CA MET I 80 21.12 15.41 -4.96
C MET I 80 19.68 15.27 -4.48
N THR I 81 18.88 14.40 -5.08
CA THR I 81 17.50 14.27 -4.62
C THR I 81 17.14 12.87 -4.12
N MET I 82 17.79 11.83 -4.64
CA MET I 82 17.43 10.47 -4.23
C MET I 82 18.68 9.58 -4.20
N PRO I 83 18.82 8.65 -3.23
CA PRO I 83 19.92 7.71 -3.12
C PRO I 83 20.06 6.80 -4.34
N LEU I 84 21.30 6.48 -4.71
CA LEU I 84 21.51 5.60 -5.87
C LEU I 84 22.46 4.44 -5.56
N SER I 85 22.20 3.28 -6.11
CA SER I 85 23.08 2.15 -5.81
C SER I 85 23.96 1.73 -6.99
N CYS I 86 25.27 1.50 -6.72
CA CYS I 86 26.29 1.08 -7.68
C CYS I 86 27.15 0.02 -7.01
N THR I 87 27.51 -0.98 -7.78
CA THR I 87 28.37 -2.03 -7.30
C THR I 87 29.70 -1.81 -7.96
N LYS I 88 30.80 -2.01 -7.25
CA LYS I 88 32.07 -1.87 -7.92
C LYS I 88 32.59 -3.30 -8.12
N ASN I 89 33.51 -3.76 -7.26
CA ASN I 89 34.08 -5.10 -7.32
C ASN I 89 33.23 -6.08 -6.49
N ASN I 90 33.69 -7.32 -6.38
CA ASN I 90 33.01 -8.42 -5.73
C ASN I 90 32.92 -8.40 -4.21
N SER I 91 33.57 -7.45 -3.54
CA SER I 91 33.38 -7.39 -2.10
C SER I 91 32.84 -6.04 -1.65
N HIS I 92 32.88 -5.03 -2.52
CA HIS I 92 32.39 -3.71 -2.13
C HIS I 92 31.35 -3.12 -3.07
N HIS I 93 30.20 -2.83 -2.47
CA HIS I 93 29.03 -2.30 -3.14
C HIS I 93 28.62 -1.10 -2.34
N TYR I 94 27.96 -0.13 -2.94
CA TYR I 94 27.60 1.03 -2.15
C TYR I 94 26.43 1.83 -2.67
N ILE I 95 25.94 2.70 -1.81
CA ILE I 95 24.88 3.63 -2.10
C ILE I 95 25.37 5.08 -1.98
N MET I 96 25.10 5.86 -3.01
CA MET I 96 25.44 7.26 -2.97
C MET I 96 24.36 7.85 -2.13
N VAL I 97 24.66 8.74 -1.20
CA VAL I 97 23.59 9.35 -0.45
C VAL I 97 23.70 10.84 -0.65
N GLY I 98 24.24 11.21 -1.80
CA GLY I 98 24.39 12.61 -2.16
C GLY I 98 25.54 12.85 -3.13
N ASN I 99 25.91 14.14 -3.26
CA ASN I 99 26.98 14.68 -4.10
C ASN I 99 28.35 14.65 -3.35
N GLU I 100 28.38 14.19 -2.06
CA GLU I 100 29.57 14.10 -1.20
C GLU I 100 29.65 12.80 -0.38
N THR I 101 28.62 12.55 0.43
CA THR I 101 28.56 11.43 1.36
C THR I 101 28.00 10.16 0.75
N GLY I 102 28.52 9.01 1.17
CA GLY I 102 28.02 7.73 0.68
C GLY I 102 27.75 6.71 1.81
N LEU I 103 27.43 5.48 1.39
CA LEU I 103 27.17 4.33 2.26
C LEU I 103 27.76 3.04 1.69
N GLU I 104 28.64 2.39 2.44
CA GLU I 104 29.32 1.19 1.99
C GLU I 104 28.72 -0.10 2.49
N LEU I 105 28.59 -1.04 1.59
CA LEU I 105 28.08 -2.38 1.84
C LEU I 105 29.22 -3.37 1.57
N THR I 106 29.74 -4.01 2.60
CA THR I 106 30.88 -4.89 2.37
C THR I 106 30.63 -6.34 2.68
N LEU I 107 31.11 -7.19 1.77
CA LEU I 107 30.99 -8.63 1.93
C LEU I 107 32.30 -9.16 2.45
N THR I 108 32.29 -9.56 3.70
CA THR I 108 33.49 -9.99 4.37
C THR I 108 33.24 -11.19 5.24
N ASN I 109 34.33 -11.89 5.65
CA ASN I 109 34.28 -12.97 6.62
C ASN I 109 34.78 -12.51 8.02
N THR I 110 35.06 -11.18 8.21
CA THR I 110 35.54 -10.52 9.42
C THR I 110 34.44 -10.06 10.36
N SER I 111 34.60 -10.42 11.63
CA SER I 111 33.65 -10.09 12.68
C SER I 111 33.87 -8.65 13.11
N ILE I 112 33.49 -7.72 12.26
CA ILE I 112 33.77 -6.32 12.53
C ILE I 112 33.01 -5.85 13.75
N ILE I 113 31.74 -6.20 13.83
CA ILE I 113 30.93 -5.76 14.95
C ILE I 113 30.53 -6.91 15.85
N ASN I 114 31.04 -6.88 17.08
CA ASN I 114 30.76 -7.92 18.06
C ASN I 114 29.73 -7.44 19.07
N HIS I 115 29.14 -6.31 18.77
CA HIS I 115 28.16 -5.70 19.63
C HIS I 115 26.80 -6.31 19.42
N LYS I 116 26.64 -7.50 19.99
CA LYS I 116 25.40 -8.27 19.89
C LYS I 116 24.29 -7.42 20.47
N PHE I 117 24.62 -6.72 21.54
CA PHE I 117 23.69 -5.77 22.08
C PHE I 117 24.03 -4.47 21.42
N CYS I 118 23.10 -3.93 20.62
CA CYS I 118 23.30 -2.70 19.89
C CYS I 118 22.69 -1.55 20.66
N ASN I 119 23.50 -0.56 20.89
CA ASN I 119 23.07 0.58 21.66
C ASN I 119 22.31 1.58 20.76
N LEU I 120 21.03 1.22 20.46
CA LEU I 120 20.09 1.95 19.60
C LEU I 120 19.23 2.92 20.36
N SER I 121 19.45 3.04 21.64
CA SER I 121 18.66 3.96 22.38
C SER I 121 18.97 5.29 21.74
N ASP I 122 17.94 6.07 21.51
CA ASP I 122 18.07 7.40 20.95
C ASP I 122 18.67 7.46 19.53
N ALA I 123 18.79 6.30 18.85
CA ALA I 123 19.37 6.24 17.51
C ALA I 123 18.62 7.06 16.50
N HIS I 124 17.33 7.14 16.66
CA HIS I 124 16.50 7.86 15.73
C HIS I 124 16.04 9.17 16.33
N LYS I 125 16.64 9.58 17.45
CA LYS I 125 16.17 10.77 18.13
C LYS I 125 17.20 11.82 18.57
N LYS I 126 18.24 11.41 19.31
CA LYS I 126 19.11 12.45 19.88
C LYS I 126 20.24 12.88 18.99
N ASN I 127 20.72 11.99 18.16
CA ASN I 127 21.83 12.38 17.33
C ASN I 127 21.75 11.71 16.00
N LEU I 128 21.31 12.46 15.02
CA LEU I 128 21.23 11.91 13.70
C LEU I 128 22.43 12.49 13.04
N TYR I 129 23.41 11.64 12.79
CA TYR I 129 24.67 12.09 12.24
C TYR I 129 24.37 12.52 10.83
N ASP I 130 23.47 11.79 10.26
CA ASP I 130 22.92 11.99 8.97
C ASP I 130 21.55 11.38 9.06
N HIS I 131 20.53 12.23 9.12
CA HIS I 131 19.18 11.73 9.31
C HIS I 131 18.70 10.99 8.09
N ALA I 132 19.21 11.36 6.93
CA ALA I 132 18.81 10.69 5.73
C ALA I 132 19.42 9.32 5.75
N LEU I 133 20.65 9.26 6.23
CA LEU I 133 21.34 7.99 6.26
C LEU I 133 20.71 7.04 7.25
N MET I 134 20.30 7.55 8.42
CA MET I 134 19.70 6.64 9.38
C MET I 134 18.40 6.11 8.83
N SER I 135 17.69 6.93 8.05
CA SER I 135 16.45 6.46 7.47
C SER I 135 16.71 5.35 6.45
N ILE I 136 17.77 5.48 5.65
CA ILE I 136 18.13 4.48 4.66
C ILE I 136 18.50 3.15 5.31
N ILE I 137 19.29 3.23 6.36
CA ILE I 137 19.71 2.04 7.05
C ILE I 137 18.51 1.35 7.67
N SER I 138 17.62 2.12 8.28
CA SER I 138 16.45 1.56 8.89
C SER I 138 15.54 0.88 7.87
N THR I 139 15.37 1.47 6.68
CA THR I 139 14.52 0.81 5.69
C THR I 139 15.14 -0.49 5.22
N PHE I 140 16.47 -0.55 5.16
CA PHE I 140 17.07 -1.83 4.79
C PHE I 140 16.64 -2.89 5.74
N HIS I 141 16.74 -2.60 7.02
CA HIS I 141 16.38 -3.56 8.04
C HIS I 141 14.92 -3.97 7.95
N LEU I 142 14.06 -2.98 7.81
CA LEU I 142 12.64 -3.17 7.82
C LEU I 142 12.11 -3.99 6.65
N SER I 143 12.80 -4.00 5.52
CA SER I 143 12.31 -4.78 4.41
C SER I 143 12.75 -6.26 4.47
N ILE I 144 13.56 -6.65 5.47
CA ILE I 144 13.98 -8.04 5.62
C ILE I 144 12.86 -8.83 6.29
N PRO I 145 12.32 -9.92 5.71
CA PRO I 145 11.25 -10.68 6.33
C PRO I 145 11.80 -11.34 7.59
N ASN I 146 10.98 -11.49 8.65
CA ASN I 146 11.32 -12.11 9.95
C ASN I 146 12.67 -11.59 10.52
N GLU I 151 16.11 -11.14 11.72
CA GLU I 151 15.89 -11.84 13.00
C GLU I 151 16.85 -11.36 14.10
N ALA I 152 18.11 -11.04 13.74
CA ALA I 152 19.17 -10.56 14.62
C ALA I 152 20.14 -9.72 13.82
N MET I 153 20.83 -8.83 14.53
CA MET I 153 21.85 -7.95 13.99
C MET I 153 22.73 -7.43 15.10
N SER I 154 23.97 -7.13 14.77
CA SER I 154 24.85 -6.50 15.73
C SER I 154 25.09 -5.12 15.17
N CYS I 155 25.33 -4.10 16.02
CA CYS I 155 25.55 -2.71 15.55
C CYS I 155 26.07 -1.78 16.63
N ASP I 156 26.42 -0.56 16.24
CA ASP I 156 26.83 0.44 17.20
C ASP I 156 26.16 1.81 16.99
N PHE I 157 26.64 2.64 16.04
CA PHE I 157 26.12 3.98 15.76
C PHE I 157 26.30 5.06 16.82
N ASN I 158 27.17 4.86 17.79
CA ASN I 158 27.40 5.89 18.79
C ASN I 158 28.65 6.72 18.53
N GLY I 159 28.44 7.95 18.08
CA GLY I 159 29.50 8.85 17.69
C GLY I 159 29.80 8.69 16.22
N GLY I 160 30.79 7.89 15.93
CA GLY I 160 31.09 7.56 14.56
C GLY I 160 30.65 6.15 14.44
N LYS I 161 31.34 5.35 13.63
CA LYS I 161 30.93 3.96 13.52
C LYS I 161 29.47 3.87 13.15
N ILE I 162 29.05 4.60 12.13
CA ILE I 162 27.65 4.56 11.85
C ILE I 162 27.43 3.36 10.98
N SER I 163 27.31 2.23 11.66
CA SER I 163 27.22 0.96 11.02
C SER I 163 26.51 -0.15 11.76
N VAL I 164 26.06 -1.10 10.93
CA VAL I 164 25.42 -2.35 11.30
C VAL I 164 25.97 -3.57 10.59
N GLN I 165 26.04 -4.66 11.32
CA GLN I 165 26.49 -5.94 10.79
C GLN I 165 25.46 -7.02 10.83
N TYR I 166 25.22 -7.57 9.67
CA TYR I 166 24.30 -8.68 9.59
C TYR I 166 25.12 -9.96 9.44
N ASN I 167 24.86 -10.94 10.34
CA ASN I 167 25.53 -12.24 10.37
C ASN I 167 24.62 -13.30 9.74
N LEU I 168 25.16 -14.05 8.76
CA LEU I 168 24.47 -15.08 8.03
C LEU I 168 24.88 -16.38 8.67
N SER I 169 23.96 -16.93 9.45
CA SER I 169 24.21 -18.09 10.28
C SER I 169 23.04 -19.04 10.23
N HIS I 170 23.34 -20.30 9.98
CA HIS I 170 22.33 -21.33 9.90
C HIS I 170 22.91 -22.70 10.29
N SER I 171 22.14 -23.49 11.08
CA SER I 171 22.47 -24.84 11.53
C SER I 171 22.44 -25.82 10.34
N ASN I 178 19.73 -27.18 6.95
CA ASN I 178 19.93 -26.85 5.55
C ASN I 178 18.56 -26.88 4.84
N HIS I 179 17.99 -25.70 4.55
CA HIS I 179 16.70 -25.50 3.90
C HIS I 179 16.63 -24.07 3.35
N CYS I 180 15.52 -23.74 2.64
CA CYS I 180 15.24 -22.40 2.10
C CYS I 180 14.43 -21.60 3.11
N GLY I 181 14.45 -20.28 3.00
CA GLY I 181 13.74 -19.44 3.95
C GLY I 181 14.50 -19.21 5.26
N THR I 182 15.83 -19.29 5.22
CA THR I 182 16.69 -19.09 6.37
C THR I 182 16.93 -17.62 6.62
N VAL I 183 17.60 -17.32 7.73
CA VAL I 183 17.84 -15.92 8.07
C VAL I 183 18.78 -15.31 7.04
N ALA I 184 19.72 -16.12 6.54
CA ALA I 184 20.64 -15.67 5.54
C ALA I 184 19.89 -15.34 4.27
N ASN I 185 18.89 -16.15 3.94
CA ASN I 185 18.15 -15.91 2.72
C ASN I 185 17.47 -14.56 2.81
N GLY I 186 16.91 -14.25 3.97
CA GLY I 186 16.20 -13.01 4.16
C GLY I 186 17.08 -11.78 3.94
N VAL I 187 18.24 -11.75 4.60
CA VAL I 187 19.05 -10.56 4.45
C VAL I 187 19.58 -10.43 3.04
N LEU I 188 19.90 -11.54 2.42
CA LEU I 188 20.42 -11.50 1.09
C LEU I 188 19.41 -11.03 0.09
N GLN I 189 18.14 -11.38 0.27
CA GLN I 189 17.17 -10.90 -0.68
C GLN I 189 17.06 -9.41 -0.61
N THR I 190 17.06 -8.85 0.59
CA THR I 190 16.92 -7.41 0.69
C THR I 190 18.14 -6.73 0.12
N PHE I 191 19.30 -7.28 0.46
CA PHE I 191 20.57 -6.76 0.00
C PHE I 191 20.64 -6.73 -1.50
N MET I 192 20.28 -7.83 -2.12
CA MET I 192 20.27 -7.92 -3.54
C MET I 192 19.36 -6.89 -4.15
N ARG I 193 18.15 -6.76 -3.63
CA ARG I 193 17.23 -5.85 -4.26
C ARG I 193 17.71 -4.42 -4.19
N MET I 194 18.30 -4.02 -3.08
CA MET I 194 18.70 -2.63 -2.98
C MET I 194 20.01 -2.37 -3.72
N ALA I 195 20.61 -3.41 -4.25
CA ALA I 195 21.87 -3.33 -4.95
C ALA I 195 21.66 -4.03 -6.28
N TRP I 196 20.41 -3.99 -6.71
CA TRP I 196 19.92 -4.61 -7.91
C TRP I 196 20.48 -3.97 -9.15
N GLY I 197 20.74 -4.79 -10.18
CA GLY I 197 21.31 -4.31 -11.44
C GLY I 197 22.79 -4.68 -11.43
N GLY I 198 23.12 -5.47 -10.43
CA GLY I 198 24.41 -6.01 -10.12
C GLY I 198 24.09 -7.02 -9.06
N SER I 199 24.99 -7.21 -8.12
CA SER I 199 24.80 -8.15 -7.03
C SER I 199 24.42 -9.55 -7.47
N TYR I 200 25.09 -10.03 -8.50
CA TYR I 200 24.90 -11.40 -8.96
C TYR I 200 26.11 -12.14 -8.44
N ILE I 201 26.92 -11.37 -7.76
CA ILE I 201 28.13 -11.82 -7.21
C ILE I 201 27.79 -12.57 -5.98
N ALA I 202 28.31 -13.78 -5.94
CA ALA I 202 28.01 -14.71 -4.90
C ALA I 202 26.50 -14.93 -4.87
N LEU I 203 25.87 -14.97 -6.06
CA LEU I 203 24.45 -15.24 -6.15
C LEU I 203 24.28 -16.72 -6.13
N ASP I 204 24.45 -17.27 -4.96
CA ASP I 204 24.40 -18.69 -4.83
C ASP I 204 22.98 -19.14 -4.65
N SER I 205 22.26 -19.16 -5.77
CA SER I 205 20.85 -19.49 -5.78
C SER I 205 20.45 -20.18 -7.06
N GLY I 206 19.37 -20.95 -7.00
CA GLY I 206 18.86 -21.58 -8.21
C GLY I 206 17.97 -20.58 -8.93
N CYS I 207 17.56 -20.90 -10.17
CA CYS I 207 16.70 -20.02 -10.95
C CYS I 207 15.26 -20.11 -10.45
N GLY I 208 14.72 -18.96 -10.13
CA GLY I 208 13.37 -18.79 -9.61
C GLY I 208 13.31 -19.01 -8.10
N ASN I 209 14.41 -19.39 -7.49
CA ASN I 209 14.37 -19.70 -6.09
C ASN I 209 14.64 -18.49 -5.23
N TRP I 210 13.65 -17.63 -5.22
CA TRP I 210 13.69 -16.34 -4.54
C TRP I 210 14.14 -16.48 -3.10
N ASP I 211 13.64 -17.49 -2.41
CA ASP I 211 13.96 -17.69 -1.00
C ASP I 211 15.09 -18.65 -0.63
N CYS I 212 15.92 -19.07 -1.61
CA CYS I 212 17.01 -20.02 -1.41
C CYS I 212 18.33 -19.32 -1.70
N ILE I 213 18.38 -18.00 -1.56
CA ILE I 213 19.60 -17.31 -1.91
C ILE I 213 20.61 -17.31 -0.81
N MET I 214 21.75 -17.93 -1.04
CA MET I 214 22.85 -18.01 -0.11
C MET I 214 23.99 -17.21 -0.68
N THR I 215 25.00 -16.95 0.13
CA THR I 215 26.16 -16.27 -0.38
C THR I 215 27.39 -16.93 0.15
N SER I 216 28.55 -16.43 -0.22
CA SER I 216 29.79 -16.99 0.23
C SER I 216 30.30 -16.44 1.56
N TYR I 217 29.97 -15.21 1.87
CA TYR I 217 30.47 -14.58 3.09
C TYR I 217 29.50 -14.62 4.25
N GLN I 218 30.04 -14.76 5.46
CA GLN I 218 29.18 -14.76 6.63
C GLN I 218 28.74 -13.35 7.08
N TYR I 219 29.45 -12.27 6.70
CA TYR I 219 28.97 -10.98 7.19
C TYR I 219 28.75 -9.91 6.12
N LEU I 220 27.70 -9.13 6.35
CA LEU I 220 27.39 -7.93 5.59
C LEU I 220 27.46 -6.69 6.45
N ILE I 221 28.44 -5.86 6.20
CA ILE I 221 28.57 -4.66 7.00
C ILE I 221 28.20 -3.42 6.23
N ILE I 222 27.27 -2.70 6.80
CA ILE I 222 26.72 -1.49 6.23
C ILE I 222 27.22 -0.31 7.04
N GLN I 223 28.03 0.57 6.42
CA GLN I 223 28.66 1.67 7.15
C GLN I 223 28.78 3.00 6.38
N ASN I 224 28.79 4.15 7.10
CA ASN I 224 28.95 5.50 6.53
C ASN I 224 30.31 5.68 5.81
N THR I 225 30.32 6.37 4.62
CA THR I 225 31.54 6.67 3.81
C THR I 225 31.62 8.16 3.56
N THR I 226 32.78 8.60 3.07
CA THR I 226 33.00 10.01 2.77
C THR I 226 33.07 10.34 1.29
N TRP I 227 32.60 9.43 0.43
CA TRP I 227 32.67 9.72 -1.00
C TRP I 227 31.46 9.26 -1.79
N GLU I 228 31.21 9.99 -2.88
CA GLU I 228 30.17 9.71 -3.85
C GLU I 228 30.62 9.10 -5.19
N ASP I 229 31.91 9.21 -5.54
CA ASP I 229 32.38 8.88 -6.88
C ASP I 229 33.05 7.56 -7.26
N HIS I 230 33.14 6.57 -6.38
CA HIS I 230 33.87 5.37 -6.79
C HIS I 230 33.02 4.35 -7.54
N CYS I 231 32.52 4.73 -8.74
CA CYS I 231 31.60 3.90 -9.54
C CYS I 231 32.17 3.57 -10.89
N GLN I 232 32.37 2.29 -11.05
CA GLN I 232 32.88 1.61 -12.21
C GLN I 232 32.14 0.30 -12.18
N PHE I 233 32.34 -0.59 -13.14
CA PHE I 233 31.69 -1.93 -13.17
C PHE I 233 30.19 -1.87 -13.47
N SER I 234 29.44 -1.14 -12.64
CA SER I 234 28.02 -0.94 -12.81
C SER I 234 27.65 0.55 -12.93
N ARG I 235 26.40 0.86 -12.63
CA ARG I 235 25.80 2.18 -12.75
C ARG I 235 25.03 2.48 -11.46
N PRO I 236 25.03 3.70 -10.91
CA PRO I 236 24.36 4.08 -9.70
C PRO I 236 22.90 4.24 -9.94
N SER I 237 22.20 3.15 -9.94
CA SER I 237 20.78 3.16 -10.26
C SER I 237 19.90 3.54 -9.08
N PRO I 238 18.87 4.36 -9.27
CA PRO I 238 17.91 4.76 -8.26
C PRO I 238 16.93 3.63 -7.91
N ILE I 239 16.93 2.57 -8.73
CA ILE I 239 15.95 1.51 -8.59
C ILE I 239 16.09 0.82 -7.26
N GLY I 240 17.32 0.55 -6.85
CA GLY I 240 17.53 -0.20 -5.63
C GLY I 240 16.80 0.37 -4.44
N TYR I 241 17.03 1.63 -4.12
CA TYR I 241 16.38 2.21 -2.95
C TYR I 241 14.88 2.31 -3.17
N LEU I 242 14.44 2.70 -4.36
CA LEU I 242 13.01 2.81 -4.52
C LEU I 242 12.34 1.47 -4.35
N GLY I 243 12.93 0.41 -4.88
CA GLY I 243 12.38 -0.93 -4.77
C GLY I 243 12.36 -1.40 -3.34
N LEU I 244 13.39 -1.04 -2.57
CA LEU I 244 13.49 -1.42 -1.17
C LEU I 244 12.26 -0.99 -0.40
N LEU I 245 11.74 0.19 -0.73
CA LEU I 245 10.60 0.74 -0.02
C LEU I 245 9.25 0.48 -0.66
N SER I 246 9.20 -0.27 -1.76
CA SER I 246 7.94 -0.54 -2.47
C SER I 246 7.13 -1.65 -1.78
N GLN I 247 6.65 -1.33 -0.56
CA GLN I 247 5.93 -2.19 0.36
C GLN I 247 4.43 -1.93 0.18
N GLY J 276 8.66 20.21 -27.65
CA GLY J 276 9.68 19.16 -27.45
C GLY J 276 9.33 18.24 -26.28
N GLY J 277 8.18 18.49 -25.68
CA GLY J 277 7.71 17.72 -24.53
C GLY J 277 8.72 17.94 -23.42
N TYR J 278 9.16 16.87 -22.81
CA TYR J 278 10.14 16.99 -21.77
C TYR J 278 11.53 16.68 -22.33
N CYS J 279 12.35 17.73 -22.50
CA CYS J 279 13.69 17.65 -23.08
C CYS J 279 14.71 17.43 -21.96
N LEU J 280 15.59 16.50 -22.19
CA LEU J 280 16.63 16.21 -21.22
C LEU J 280 17.96 16.60 -21.79
N THR J 281 18.72 17.30 -21.00
CA THR J 281 20.00 17.82 -21.45
C THR J 281 21.14 16.83 -21.32
N ARG J 282 22.32 17.28 -21.74
CA ARG J 282 23.54 16.48 -21.76
C ARG J 282 24.03 16.14 -20.37
N TRP J 283 23.52 16.85 -19.40
CA TRP J 283 23.87 16.63 -18.02
C TRP J 283 22.91 15.63 -17.37
N MET J 284 21.85 15.25 -18.10
CA MET J 284 20.80 14.33 -17.64
C MET J 284 20.87 13.00 -18.36
N LEU J 285 21.37 13.02 -19.58
CA LEU J 285 21.53 11.82 -20.39
C LEU J 285 22.99 11.47 -20.27
N ILE J 286 23.35 10.20 -20.37
CA ILE J 286 24.77 9.91 -20.20
C ILE J 286 25.45 9.78 -21.54
N GLU J 287 26.54 10.52 -21.73
CA GLU J 287 27.29 10.48 -22.98
C GLU J 287 26.37 10.72 -24.16
N ALA J 288 25.55 11.74 -24.02
CA ALA J 288 24.61 12.13 -25.04
C ALA J 288 24.35 13.60 -24.96
N GLU J 289 23.97 14.17 -26.08
CA GLU J 289 23.58 15.56 -26.20
C GLU J 289 22.13 15.70 -25.80
N LEU J 290 21.61 16.91 -25.83
CA LEU J 290 20.23 17.10 -25.41
C LEU J 290 19.28 16.45 -26.39
N LYS J 291 18.24 15.80 -25.85
CA LYS J 291 17.23 15.13 -26.66
C LYS J 291 15.81 15.60 -26.29
N CYS J 292 14.94 15.71 -27.31
CA CYS J 292 13.54 16.13 -27.24
C CYS J 292 12.71 15.21 -28.12
N PHE J 293 11.41 15.35 -28.00
CA PHE J 293 10.48 14.57 -28.79
C PHE J 293 9.16 15.32 -28.99
N GLY J 294 8.32 14.90 -29.92
CA GLY J 294 7.05 15.61 -30.10
C GLY J 294 6.11 15.35 -28.92
N ASN J 295 5.22 16.31 -28.67
CA ASN J 295 4.27 16.25 -27.55
C ASN J 295 3.31 15.08 -27.57
N THR J 296 3.16 14.42 -28.69
CA THR J 296 2.27 13.28 -28.71
C THR J 296 2.76 12.26 -27.71
N ALA J 297 4.07 12.05 -27.65
CA ALA J 297 4.62 11.07 -26.76
C ALA J 297 4.42 11.44 -25.30
N VAL J 298 4.43 12.73 -24.95
CA VAL J 298 4.25 13.01 -23.54
C VAL J 298 2.81 12.77 -23.19
N ALA J 299 1.90 13.11 -24.11
CA ALA J 299 0.50 12.88 -23.87
C ALA J 299 0.23 11.38 -23.70
N LYS J 300 0.88 10.56 -24.53
CA LYS J 300 0.73 9.11 -24.45
C LYS J 300 1.31 8.53 -23.15
N CYS J 301 2.45 9.08 -22.64
CA CYS J 301 3.07 8.71 -21.37
C CYS J 301 2.10 8.98 -20.22
N ASN J 302 1.51 10.18 -20.23
CA ASN J 302 0.60 10.51 -19.16
C ASN J 302 -0.70 9.69 -19.18
N GLU J 303 -1.20 9.36 -20.38
CA GLU J 303 -2.43 8.56 -20.51
C GLU J 303 -2.29 7.05 -20.34
N LYS J 304 -1.18 6.48 -20.82
CA LYS J 304 -0.96 5.05 -20.76
C LYS J 304 -0.42 4.65 -19.41
N HIS J 305 -0.71 3.44 -18.99
CA HIS J 305 -0.21 2.95 -17.73
C HIS J 305 0.85 1.87 -17.88
N ASP J 306 1.62 1.70 -16.81
CA ASP J 306 2.69 0.71 -16.66
C ASP J 306 3.87 0.83 -17.64
N GLU J 307 4.30 2.06 -17.89
CA GLU J 307 5.45 2.39 -18.73
C GLU J 307 6.68 2.82 -17.90
N GLU J 308 7.72 2.01 -17.87
CA GLU J 308 8.88 2.25 -16.99
C GLU J 308 9.59 3.59 -17.24
N PHE J 309 9.67 4.01 -18.49
CA PHE J 309 10.36 5.27 -18.72
C PHE J 309 9.62 6.47 -18.09
N CYS J 310 8.25 6.40 -17.88
CA CYS J 310 7.45 7.49 -17.34
C CYS J 310 7.83 7.72 -15.91
N ASP J 311 8.14 6.63 -15.19
CA ASP J 311 8.51 6.82 -13.81
C ASP J 311 9.85 7.50 -13.76
N MET J 312 10.74 7.14 -14.68
CA MET J 312 12.02 7.81 -14.67
C MET J 312 11.84 9.29 -15.00
N LEU J 313 10.94 9.62 -15.93
CA LEU J 313 10.77 11.02 -16.25
C LEU J 313 10.26 11.79 -15.05
N ARG J 314 9.35 11.18 -14.32
CA ARG J 314 8.83 11.85 -13.15
C ARG J 314 9.97 12.11 -12.17
N LEU J 315 10.90 11.16 -12.01
CA LEU J 315 12.03 11.37 -11.10
C LEU J 315 12.95 12.47 -11.59
N PHE J 316 13.15 12.56 -12.90
CA PHE J 316 14.05 13.60 -13.39
C PHE J 316 13.46 14.97 -13.16
N ASP J 317 12.15 15.12 -13.39
CA ASP J 317 11.54 16.43 -13.19
C ASP J 317 11.51 16.75 -11.69
N PHE J 318 11.27 15.72 -10.88
CA PHE J 318 11.23 15.88 -9.45
C PHE J 318 12.56 16.39 -8.94
N ASN J 319 13.65 15.76 -9.37
CA ASN J 319 14.99 16.15 -8.98
C ASN J 319 15.26 17.58 -9.40
N LYS J 320 14.93 17.91 -10.65
CA LYS J 320 15.14 19.23 -11.15
C LYS J 320 14.50 20.27 -10.26
N GLN J 321 13.23 20.08 -9.95
CA GLN J 321 12.57 21.08 -9.16
C GLN J 321 13.03 21.07 -7.73
N ALA J 322 13.28 19.89 -7.17
CA ALA J 322 13.63 19.85 -5.78
C ALA J 322 14.85 20.67 -5.49
N ILE J 323 15.83 20.64 -6.37
CA ILE J 323 17.03 21.41 -6.13
C ILE J 323 16.84 22.87 -6.46
N GLN J 324 16.14 23.18 -7.55
CA GLN J 324 15.93 24.57 -7.92
C GLN J 324 15.19 25.33 -6.85
N ARG J 325 14.27 24.66 -6.17
CA ARG J 325 13.54 25.32 -5.12
C ARG J 325 14.30 25.29 -3.78
N LEU J 326 14.95 24.16 -3.48
CA LEU J 326 15.60 24.02 -2.19
C LEU J 326 16.75 24.99 -1.98
N LYS J 327 17.68 25.06 -2.94
CA LYS J 327 18.79 26.00 -2.80
C LYS J 327 19.45 25.88 -1.43
N ALA J 328 19.78 24.67 -1.01
CA ALA J 328 20.31 24.47 0.31
C ALA J 328 21.06 23.17 0.40
N PRO J 329 21.92 22.98 1.41
CA PRO J 329 22.58 21.75 1.80
C PRO J 329 21.62 20.70 2.34
N ALA J 330 20.40 21.10 2.71
CA ALA J 330 19.42 20.19 3.30
C ALA J 330 18.72 19.40 2.20
N GLN J 331 19.50 18.58 1.55
CA GLN J 331 19.15 17.79 0.38
C GLN J 331 18.71 16.39 0.70
N MET J 332 17.95 15.81 -0.22
CA MET J 332 17.54 14.41 -0.20
C MET J 332 16.80 14.04 1.05
N SER J 333 15.94 14.92 1.53
CA SER J 333 15.23 14.54 2.72
C SER J 333 14.50 13.30 2.38
N ILE J 334 14.67 12.31 3.22
CA ILE J 334 14.08 11.03 2.95
C ILE J 334 12.59 11.09 2.98
N GLN J 335 12.02 11.85 3.89
CA GLN J 335 10.58 11.89 3.91
C GLN J 335 10.02 12.49 2.63
N LEU J 336 10.71 13.47 2.05
CA LEU J 336 10.19 14.07 0.85
C LEU J 336 10.28 13.12 -0.32
N ILE J 337 11.40 12.44 -0.44
CA ILE J 337 11.52 11.53 -1.55
C ILE J 337 10.58 10.36 -1.37
N ASN J 338 10.36 9.89 -0.15
CA ASN J 338 9.49 8.74 0.00
C ASN J 338 8.10 9.07 -0.44
N LYS J 339 7.64 10.28 -0.12
CA LYS J 339 6.31 10.65 -0.49
C LYS J 339 6.23 10.82 -2.00
N ALA J 340 7.27 11.40 -2.60
CA ALA J 340 7.29 11.56 -4.03
C ALA J 340 7.24 10.20 -4.69
N VAL J 341 7.94 9.25 -4.13
CA VAL J 341 7.94 7.93 -4.71
C VAL J 341 6.57 7.34 -4.63
N ASN J 342 5.91 7.45 -3.50
CA ASN J 342 4.60 6.85 -3.44
C ASN J 342 3.69 7.45 -4.51
N ALA J 343 3.84 8.75 -4.75
CA ALA J 343 3.07 9.49 -5.72
C ALA J 343 3.48 9.28 -7.18
N LEU J 344 4.76 9.06 -7.43
CA LEU J 344 5.29 9.02 -8.79
C LEU J 344 5.62 7.64 -9.35
N ILE J 345 5.95 6.70 -8.49
CA ILE J 345 6.50 5.41 -8.91
C ILE J 345 5.56 4.23 -8.78
N ASN J 346 5.46 3.44 -9.84
CA ASN J 346 4.62 2.26 -9.80
C ASN J 346 5.41 1.06 -9.22
N ASP J 347 5.04 0.68 -8.00
CA ASP J 347 5.71 -0.37 -7.24
C ASP J 347 5.65 -1.71 -7.93
N GLN J 348 4.64 -1.88 -8.78
CA GLN J 348 4.46 -3.14 -9.45
C GLN J 348 5.44 -3.26 -10.59
N LEU J 349 5.87 -2.15 -11.18
CA LEU J 349 6.78 -2.32 -12.28
C LEU J 349 8.08 -2.80 -11.70
N ILE J 350 8.41 -2.28 -10.52
CA ILE J 350 9.65 -2.69 -9.90
C ILE J 350 9.59 -4.14 -9.47
N MET J 351 8.51 -4.53 -8.81
CA MET J 351 8.48 -5.90 -8.36
C MET J 351 8.42 -6.89 -9.49
N LYS J 352 7.69 -6.60 -10.56
CA LYS J 352 7.61 -7.54 -11.65
C LYS J 352 8.97 -7.73 -12.27
N ASN J 353 9.73 -6.65 -12.37
CA ASN J 353 11.01 -6.74 -13.01
C ASN J 353 11.98 -7.54 -12.15
N HIS J 354 11.87 -7.40 -10.82
CA HIS J 354 12.73 -8.15 -9.92
C HIS J 354 12.38 -9.62 -9.95
N LEU J 355 11.11 -9.93 -10.09
CA LEU J 355 10.76 -11.32 -10.15
C LEU J 355 11.16 -11.90 -11.51
N ARG J 356 11.11 -11.12 -12.58
CA ARG J 356 11.58 -11.68 -13.84
C ARG J 356 13.04 -12.04 -13.72
N ASP J 357 13.79 -11.22 -13.02
CA ASP J 357 15.20 -11.48 -12.81
C ASP J 357 15.41 -12.79 -12.07
N ILE J 358 14.71 -13.00 -10.96
CA ILE J 358 14.97 -14.24 -10.24
C ILE J 358 14.60 -15.43 -11.07
N MET J 359 13.57 -15.29 -11.90
CA MET J 359 13.08 -16.35 -12.78
C MET J 359 13.86 -16.57 -14.09
N CYS J 360 14.97 -15.81 -14.32
CA CYS J 360 15.85 -15.86 -15.50
C CYS J 360 15.06 -15.48 -16.75
N ILE J 361 14.14 -14.56 -16.56
CA ILE J 361 13.32 -14.03 -17.60
C ILE J 361 13.93 -12.68 -17.88
N PRO J 362 14.16 -12.29 -19.13
CA PRO J 362 14.77 -11.03 -19.42
C PRO J 362 14.03 -9.96 -18.69
N TYR J 363 14.78 -9.01 -18.17
CA TYR J 363 14.21 -7.93 -17.40
C TYR J 363 14.96 -6.68 -17.71
N CYS J 364 14.39 -5.50 -17.45
CA CYS J 364 15.03 -4.23 -17.76
C CYS J 364 15.58 -3.53 -16.54
N ASN J 365 16.81 -3.13 -16.65
CA ASN J 365 17.22 -2.13 -15.71
C ASN J 365 16.92 -0.84 -16.47
N TYR J 366 17.07 0.34 -15.86
CA TYR J 366 16.64 1.58 -16.54
C TYR J 366 17.75 2.35 -17.17
N SER J 367 18.92 1.76 -17.33
CA SER J 367 19.91 2.58 -17.99
C SER J 367 19.51 2.83 -19.41
N LYS J 368 19.01 1.83 -20.13
CA LYS J 368 18.71 2.09 -21.52
C LYS J 368 17.30 1.77 -21.91
N TYR J 369 16.83 2.58 -22.83
CA TYR J 369 15.53 2.44 -23.45
C TYR J 369 15.61 2.45 -24.97
N TRP J 370 14.67 1.75 -25.58
CA TRP J 370 14.47 1.70 -27.01
C TRP J 370 13.54 2.79 -27.46
N TYR J 371 13.91 3.51 -28.49
CA TYR J 371 13.06 4.59 -28.96
C TYR J 371 12.71 4.41 -30.39
N LEU J 372 11.69 3.63 -30.67
CA LEU J 372 11.38 3.48 -32.08
C LEU J 372 10.93 4.87 -32.47
N ASN J 373 11.53 5.44 -33.54
CA ASN J 373 11.38 6.83 -33.97
C ASN J 373 11.31 6.93 -35.49
N HIS J 374 10.29 7.68 -36.02
CA HIS J 374 10.12 7.93 -37.46
C HIS J 374 11.19 8.92 -37.83
N THR J 375 12.01 8.54 -38.80
CA THR J 375 13.19 9.31 -39.13
C THR J 375 12.97 10.59 -39.90
N THR J 376 11.79 10.80 -40.47
CA THR J 376 11.57 12.03 -41.22
C THR J 376 10.70 12.96 -40.41
N THR J 377 9.77 12.39 -39.64
CA THR J 377 8.87 13.26 -38.88
C THR J 377 9.34 13.49 -37.45
N GLY J 378 10.29 12.67 -36.96
CA GLY J 378 10.79 12.80 -35.60
C GLY J 378 9.77 12.30 -34.61
N ARG J 379 8.99 11.36 -35.05
CA ARG J 379 7.93 10.86 -34.21
C ARG J 379 8.46 9.75 -33.36
N THR J 380 8.59 10.03 -32.09
CA THR J 380 9.20 9.06 -31.20
C THR J 380 8.10 8.39 -30.40
N SER J 381 8.12 7.07 -30.41
CA SER J 381 7.15 6.25 -29.69
C SER J 381 7.46 6.30 -28.23
N LEU J 382 6.55 5.84 -27.40
CA LEU J 382 6.91 5.86 -26.01
C LEU J 382 8.08 4.91 -25.91
N PRO J 383 9.17 5.28 -25.25
CA PRO J 383 10.33 4.45 -25.10
C PRO J 383 9.97 3.15 -24.44
N LYS J 384 10.55 2.08 -24.92
CA LYS J 384 10.33 0.79 -24.31
C LYS J 384 11.60 0.55 -23.57
N CYS J 385 11.61 -0.28 -22.52
CA CYS J 385 12.85 -0.55 -21.79
C CYS J 385 13.64 -1.64 -22.52
N TRP J 386 14.94 -1.60 -22.36
CA TRP J 386 15.78 -2.58 -23.01
C TRP J 386 16.15 -3.71 -22.05
N LEU J 387 15.58 -4.89 -22.34
CA LEU J 387 15.74 -6.11 -21.56
C LEU J 387 17.13 -6.66 -21.66
N VAL J 388 17.58 -7.19 -20.53
CA VAL J 388 18.86 -7.80 -20.30
C VAL J 388 18.72 -9.28 -19.96
N SER J 389 19.55 -10.06 -20.60
CA SER J 389 19.61 -11.49 -20.50
C SER J 389 20.97 -11.98 -20.07
N ASN J 390 21.05 -12.67 -18.91
CA ASN J 390 22.31 -13.21 -18.34
C ASN J 390 23.39 -12.10 -18.21
N GLY J 391 22.99 -10.87 -17.82
CA GLY J 391 23.89 -9.73 -17.64
C GLY J 391 24.26 -9.01 -18.95
N SER J 392 23.57 -9.29 -20.05
CA SER J 392 23.88 -8.65 -21.32
C SER J 392 22.64 -8.29 -22.13
N TYR J 393 22.68 -7.18 -22.83
CA TYR J 393 21.53 -6.78 -23.60
C TYR J 393 21.13 -7.71 -24.72
N LEU J 394 19.83 -7.87 -24.88
CA LEU J 394 19.25 -8.62 -25.98
C LEU J 394 19.30 -7.79 -27.26
N ASN J 395 19.26 -8.44 -28.44
CA ASN J 395 19.32 -7.81 -29.76
C ASN J 395 17.91 -7.43 -30.23
N GLU J 396 17.83 -6.65 -31.33
CA GLU J 396 16.60 -6.21 -32.03
C GLU J 396 15.84 -7.42 -32.56
N THR J 397 16.58 -8.52 -32.68
CA THR J 397 16.10 -9.82 -33.07
C THR J 397 15.13 -10.33 -32.01
N HIS J 398 15.50 -10.15 -30.74
CA HIS J 398 14.72 -10.67 -29.62
C HIS J 398 13.53 -9.79 -29.41
N PHE J 399 13.69 -8.54 -29.81
CA PHE J 399 12.63 -7.57 -29.71
C PHE J 399 11.96 -7.40 -31.03
N SER J 400 12.23 -8.28 -32.00
CA SER J 400 11.67 -8.10 -33.31
C SER J 400 10.18 -7.97 -33.29
N ASP J 401 9.50 -8.79 -32.50
CA ASP J 401 8.06 -8.73 -32.52
C ASP J 401 7.56 -7.45 -31.89
N ASP J 402 8.20 -7.01 -30.81
CA ASP J 402 7.74 -5.81 -30.12
C ASP J 402 7.97 -4.59 -30.99
N ILE J 403 9.06 -4.61 -31.73
CA ILE J 403 9.44 -3.53 -32.59
C ILE J 403 8.47 -3.44 -33.75
N GLU J 404 8.16 -4.57 -34.37
CA GLU J 404 7.25 -4.55 -35.50
C GLU J 404 5.87 -4.12 -35.06
N GLN J 405 5.45 -4.54 -33.87
CA GLN J 405 4.14 -4.16 -33.39
C GLN J 405 4.09 -2.67 -33.12
N GLN J 406 5.16 -2.13 -32.55
CA GLN J 406 5.13 -0.72 -32.31
C GLN J 406 5.16 0.06 -33.60
N ALA J 407 5.89 -0.44 -34.60
CA ALA J 407 5.93 0.29 -35.86
C ALA J 407 4.53 0.35 -36.46
N ASP J 408 3.75 -0.74 -36.34
CA ASP J 408 2.40 -0.74 -36.87
C ASP J 408 1.54 0.24 -36.09
N ASN J 409 1.76 0.33 -34.79
CA ASN J 409 0.98 1.22 -33.97
C ASN J 409 1.30 2.67 -34.33
N MET J 410 2.57 2.96 -34.63
CA MET J 410 2.96 4.31 -34.98
C MET J 410 2.31 4.71 -36.28
N ILE J 411 2.25 3.79 -37.23
CA ILE J 411 1.63 4.09 -38.51
C ILE J 411 0.15 4.37 -38.32
N THR J 412 -0.50 3.52 -37.52
CA THR J 412 -1.92 3.64 -37.26
C THR J 412 -2.24 4.97 -36.64
N GLU J 413 -1.43 5.39 -35.66
CA GLU J 413 -1.66 6.65 -35.01
C GLU J 413 -1.42 7.83 -35.95
N MET J 414 -0.40 7.74 -36.80
CA MET J 414 -0.13 8.82 -37.75
C MET J 414 -1.25 9.04 -38.79
N LEU J 415 -1.86 7.93 -39.29
CA LEU J 415 -2.95 7.93 -40.26
C LEU J 415 -4.25 8.36 -39.58
N GLN K 17 32.40 -44.53 -6.42
CA GLN K 17 33.42 -44.30 -7.43
C GLN K 17 32.75 -43.96 -8.80
N LEU K 18 33.59 -43.70 -9.82
CA LEU K 18 33.25 -43.41 -11.21
C LEU K 18 33.99 -44.39 -12.09
N GLU K 19 33.27 -45.08 -12.95
CA GLU K 19 33.86 -46.08 -13.81
C GLU K 19 33.71 -45.68 -15.26
N GLU K 20 34.75 -45.87 -16.05
CA GLU K 20 34.69 -45.50 -17.46
C GLU K 20 34.42 -46.70 -18.36
N SER K 21 33.78 -46.43 -19.48
CA SER K 21 33.58 -47.39 -20.56
C SER K 21 33.34 -46.64 -21.87
N GLY K 22 33.36 -47.35 -23.01
CA GLY K 22 33.13 -46.68 -24.29
C GLY K 22 34.40 -46.12 -24.96
N GLY K 23 35.59 -46.54 -24.52
CA GLY K 23 36.81 -46.03 -25.13
C GLY K 23 37.22 -46.95 -26.28
N GLY K 24 38.49 -46.87 -26.71
CA GLY K 24 38.94 -47.68 -27.84
C GLY K 24 39.23 -46.81 -29.05
N LEU K 25 39.53 -47.44 -30.18
CA LEU K 25 39.89 -46.69 -31.37
C LEU K 25 38.72 -46.58 -32.34
N VAL K 26 38.52 -45.37 -32.87
CA VAL K 26 37.52 -45.10 -33.87
C VAL K 26 38.17 -44.42 -35.06
N GLN K 27 37.45 -44.35 -36.14
CA GLN K 27 37.96 -43.75 -37.36
C GLN K 27 37.68 -42.26 -37.35
N THR K 28 38.42 -41.53 -38.17
CA THR K 28 38.22 -40.11 -38.28
C THR K 28 36.98 -39.83 -39.09
N GLU K 29 36.48 -38.59 -38.95
CA GLU K 29 35.24 -38.12 -39.55
C GLU K 29 34.15 -39.05 -39.04
N GLY K 30 34.28 -39.42 -37.77
CA GLY K 30 33.36 -40.36 -37.12
C GLY K 30 32.69 -39.86 -35.87
N SER K 31 32.32 -40.79 -35.01
CA SER K 31 31.62 -40.49 -33.78
C SER K 31 31.95 -41.52 -32.72
N LEU K 32 31.74 -41.13 -31.47
CA LEU K 32 31.94 -42.01 -30.33
C LEU K 32 31.24 -41.52 -29.10
N THR K 33 30.46 -42.39 -28.47
CA THR K 33 29.84 -41.98 -27.25
C THR K 33 30.59 -42.56 -26.06
N LEU K 34 31.02 -41.69 -25.15
CA LEU K 34 31.77 -42.15 -23.99
C LEU K 34 30.85 -42.33 -22.83
N THR K 35 31.13 -43.31 -21.99
CA THR K 35 30.23 -43.55 -20.87
C THR K 35 30.92 -43.57 -19.50
N CYS K 36 30.22 -43.01 -18.48
CA CYS K 36 30.64 -43.03 -17.07
C CYS K 36 29.51 -43.61 -16.22
N THR K 37 29.89 -44.53 -15.36
CA THR K 37 28.92 -45.18 -14.52
C THR K 37 29.18 -44.92 -13.04
N ALA K 38 28.11 -44.58 -12.35
CA ALA K 38 28.10 -44.35 -10.93
C ALA K 38 28.29 -45.65 -10.18
N SER K 39 29.04 -45.59 -9.09
CA SER K 39 29.22 -46.75 -8.25
C SER K 39 29.05 -46.37 -6.79
N GLY K 40 28.07 -46.96 -6.11
CA GLY K 40 27.79 -46.64 -4.72
C GLY K 40 26.91 -45.39 -4.61
N PHE K 41 27.42 -44.29 -5.12
CA PHE K 41 26.73 -43.00 -5.18
C PHE K 41 25.98 -42.82 -6.46
N SER K 42 24.66 -42.81 -6.40
CA SER K 42 23.88 -42.63 -7.60
C SER K 42 23.88 -41.16 -7.91
N PHE K 43 23.52 -40.79 -9.11
CA PHE K 43 23.53 -39.41 -9.49
C PHE K 43 22.24 -38.72 -9.07
N SER K 44 22.38 -37.48 -8.65
CA SER K 44 21.26 -36.60 -8.31
C SER K 44 21.02 -35.77 -9.55
N ASN K 45 20.10 -34.81 -9.48
CA ASN K 45 19.75 -33.98 -10.62
C ASN K 45 20.67 -32.73 -10.76
N ASN K 46 21.68 -32.65 -9.93
CA ASN K 46 22.59 -31.52 -9.92
C ASN K 46 23.77 -31.66 -10.88
N ASP K 47 24.62 -30.61 -10.90
CA ASP K 47 25.78 -30.56 -11.79
C ASP K 47 26.94 -31.26 -11.15
N TYR K 48 26.80 -32.57 -11.08
CA TYR K 48 27.78 -33.39 -10.41
C TYR K 48 28.64 -34.23 -11.32
N ILE K 49 28.43 -34.14 -12.62
CA ILE K 49 29.21 -34.92 -13.55
C ILE K 49 29.92 -33.92 -14.43
N CYS K 50 31.24 -34.01 -14.65
CA CYS K 50 31.92 -33.05 -15.49
C CYS K 50 33.04 -33.74 -16.26
N TRP K 51 33.34 -33.25 -17.47
CA TRP K 51 34.36 -33.93 -18.27
C TRP K 51 35.51 -33.11 -18.83
N VAL K 52 36.65 -33.77 -18.79
CA VAL K 52 37.90 -33.24 -19.30
C VAL K 52 38.65 -34.22 -20.19
N ARG K 53 39.62 -33.69 -20.95
CA ARG K 53 40.49 -34.54 -21.77
C ARG K 53 41.93 -34.06 -21.75
N GLN K 54 42.87 -34.97 -22.01
CA GLN K 54 44.23 -34.51 -22.29
C GLN K 54 44.91 -35.41 -23.31
N ALA K 55 45.50 -34.83 -24.33
CA ALA K 55 46.21 -35.65 -25.28
C ALA K 55 47.39 -36.18 -24.49
N PRO K 56 47.91 -37.37 -24.74
CA PRO K 56 49.04 -37.85 -24.00
C PRO K 56 50.16 -36.84 -24.11
N GLY K 57 50.81 -36.53 -23.00
CA GLY K 57 51.93 -35.59 -22.98
C GLY K 57 51.49 -34.12 -22.88
N LYS K 58 50.18 -33.88 -22.89
CA LYS K 58 49.63 -32.54 -22.83
C LYS K 58 48.87 -32.32 -21.54
N GLY K 59 48.63 -31.04 -21.24
CA GLY K 59 47.89 -30.70 -20.05
C GLY K 59 46.41 -30.93 -20.25
N LEU K 60 45.65 -30.66 -19.22
CA LEU K 60 44.24 -30.94 -19.22
C LEU K 60 43.41 -29.78 -19.72
N GLU K 61 42.36 -30.08 -20.48
CA GLU K 61 41.45 -29.04 -20.89
C GLU K 61 40.01 -29.49 -20.71
N TRP K 62 39.14 -28.53 -20.54
CA TRP K 62 37.73 -28.77 -20.39
C TRP K 62 37.06 -29.15 -21.70
N ILE K 63 36.21 -30.18 -21.69
CA ILE K 63 35.46 -30.45 -22.92
C ILE K 63 34.03 -29.97 -22.73
N GLY K 64 33.48 -30.25 -21.58
CA GLY K 64 32.12 -29.87 -21.30
C GLY K 64 31.75 -30.39 -19.93
N CYS K 65 30.49 -30.19 -19.49
CA CYS K 65 30.12 -30.58 -18.12
C CYS K 65 28.64 -31.01 -18.09
N ILE K 66 28.25 -31.73 -17.05
CA ILE K 66 26.91 -32.29 -16.99
C ILE K 66 26.04 -32.09 -15.73
N TYR K 67 24.84 -31.59 -16.02
CA TYR K 67 23.77 -31.34 -15.05
C TYR K 67 22.64 -32.27 -15.34
N SER K 68 22.19 -32.97 -14.31
CA SER K 68 21.15 -33.97 -14.54
C SER K 68 19.66 -33.61 -14.45
N ASP K 69 19.26 -32.45 -13.96
CA ASP K 69 17.82 -32.16 -13.91
C ASP K 69 17.24 -31.93 -15.31
N TYR K 70 18.02 -31.27 -16.14
CA TYR K 70 17.65 -30.91 -17.49
C TYR K 70 18.89 -30.95 -18.34
N GLY K 71 18.80 -31.42 -19.56
CA GLY K 71 20.02 -31.44 -20.32
C GLY K 71 20.60 -30.05 -20.57
N PHE K 72 21.77 -29.83 -19.98
CA PHE K 72 22.54 -28.61 -20.15
C PHE K 72 23.69 -28.90 -21.07
N SER K 73 24.07 -27.92 -21.88
CA SER K 73 25.18 -28.09 -22.79
C SER K 73 26.53 -27.98 -22.10
N PHE K 74 26.82 -26.85 -21.51
CA PHE K 74 28.10 -26.66 -20.84
C PHE K 74 29.26 -27.05 -21.70
N PHE K 75 29.47 -26.43 -22.84
CA PHE K 75 30.61 -26.85 -23.62
C PHE K 75 31.61 -25.76 -23.75
N ALA K 76 32.85 -26.17 -23.92
CA ALA K 76 33.89 -25.21 -24.19
C ALA K 76 33.57 -24.59 -25.51
N THR K 77 33.94 -23.32 -25.73
CA THR K 77 33.67 -22.71 -27.03
C THR K 77 34.20 -23.65 -28.08
N TRP K 78 35.38 -24.15 -27.89
CA TRP K 78 35.88 -25.13 -28.82
C TRP K 78 35.04 -26.41 -28.91
N ALA K 79 34.77 -27.02 -27.78
CA ALA K 79 34.13 -28.32 -27.75
C ALA K 79 32.75 -28.36 -28.35
N LYS K 80 32.00 -27.28 -28.18
CA LYS K 80 30.59 -27.25 -28.57
C LYS K 80 30.33 -27.59 -30.02
N ASP K 81 31.28 -27.40 -30.93
CA ASP K 81 30.92 -27.71 -32.30
C ASP K 81 30.91 -29.21 -32.58
N ARG K 82 31.72 -30.00 -31.85
CA ARG K 82 31.77 -31.44 -32.09
C ARG K 82 31.20 -32.26 -30.92
N PHE K 83 30.99 -31.62 -29.78
CA PHE K 83 30.55 -32.32 -28.59
C PHE K 83 29.07 -32.05 -28.32
N SER K 84 28.27 -33.13 -28.39
CA SER K 84 26.82 -33.08 -28.20
C SER K 84 26.50 -33.35 -26.74
N GLY K 85 25.23 -33.25 -26.38
CA GLY K 85 24.85 -33.42 -24.99
C GLY K 85 24.86 -34.88 -24.55
N SER K 86 24.24 -35.12 -23.40
CA SER K 86 24.30 -36.43 -22.80
C SER K 86 23.03 -36.97 -22.17
N LYS K 87 23.00 -38.28 -22.06
CA LYS K 87 21.95 -39.01 -21.35
C LYS K 87 22.31 -38.97 -19.91
N THR K 88 21.36 -38.76 -19.03
CA THR K 88 21.65 -38.74 -17.60
C THR K 88 20.72 -39.61 -16.78
N SER K 89 21.00 -40.91 -16.72
CA SER K 89 20.21 -41.85 -15.94
C SER K 89 20.75 -41.78 -14.53
N SER K 90 20.12 -42.44 -13.57
CA SER K 90 20.62 -42.35 -12.20
C SER K 90 22.01 -42.93 -12.05
N THR K 91 22.40 -43.90 -12.87
CA THR K 91 23.75 -44.38 -12.73
C THR K 91 24.59 -44.22 -13.96
N THR K 92 24.00 -43.99 -15.12
CA THR K 92 24.84 -43.95 -16.31
C THR K 92 24.70 -42.66 -17.12
N VAL K 93 25.84 -42.08 -17.44
CA VAL K 93 25.86 -40.88 -18.24
C VAL K 93 26.61 -41.10 -19.55
N THR K 94 26.01 -40.68 -20.65
CA THR K 94 26.64 -40.91 -21.94
C THR K 94 26.85 -39.64 -22.73
N LEU K 95 28.08 -39.47 -23.22
CA LEU K 95 28.55 -38.28 -23.95
C LEU K 95 28.74 -38.46 -25.42
N GLN K 96 27.92 -37.86 -26.25
CA GLN K 96 28.11 -38.16 -27.66
C GLN K 96 29.00 -37.19 -28.42
N GLY K 97 30.10 -37.68 -28.99
CA GLY K 97 30.92 -36.81 -29.84
C GLY K 97 30.68 -37.18 -31.30
N THR K 98 30.69 -36.19 -32.20
CA THR K 98 30.53 -36.46 -33.64
C THR K 98 31.49 -35.62 -34.47
N GLY K 99 31.86 -36.08 -35.68
CA GLY K 99 32.73 -35.28 -36.53
C GLY K 99 34.12 -35.31 -35.93
N LEU K 100 34.42 -36.43 -35.29
CA LEU K 100 35.67 -36.61 -34.58
C LEU K 100 36.82 -36.78 -35.55
N THR K 101 37.96 -36.24 -35.17
CA THR K 101 39.18 -36.37 -35.94
C THR K 101 40.34 -36.91 -35.13
N ALA K 102 41.46 -37.18 -35.79
CA ALA K 102 42.62 -37.79 -35.14
C ALA K 102 43.15 -36.95 -34.00
N ALA K 103 43.02 -35.64 -34.13
CA ALA K 103 43.49 -34.67 -33.15
C ALA K 103 42.72 -34.77 -31.83
N ASP K 104 41.61 -35.49 -31.82
CA ASP K 104 40.81 -35.62 -30.64
C ASP K 104 41.33 -36.74 -29.75
N THR K 105 42.40 -37.43 -30.16
CA THR K 105 42.93 -38.50 -29.33
C THR K 105 43.36 -37.94 -27.98
N ALA K 106 42.89 -38.59 -26.93
CA ALA K 106 43.16 -38.18 -25.57
C ALA K 106 42.73 -39.19 -24.57
N THR K 107 43.23 -39.02 -23.37
CA THR K 107 42.69 -39.78 -22.29
C THR K 107 41.56 -38.92 -21.76
N TYR K 108 40.40 -39.52 -21.63
CA TYR K 108 39.23 -38.80 -21.16
C TYR K 108 38.90 -39.19 -19.75
N PHE K 109 38.41 -38.23 -18.98
CA PHE K 109 38.05 -38.52 -17.60
C PHE K 109 36.68 -37.94 -17.17
N CYS K 110 35.96 -38.74 -16.37
CA CYS K 110 34.73 -38.43 -15.66
C CYS K 110 35.12 -37.97 -14.25
N VAL K 111 34.68 -36.78 -13.89
CA VAL K 111 34.96 -36.24 -12.57
C VAL K 111 33.68 -35.79 -11.87
N LYS K 112 33.59 -36.11 -10.58
CA LYS K 112 32.46 -35.67 -9.79
C LYS K 112 32.74 -34.27 -9.37
N THR K 113 31.74 -33.45 -9.49
CA THR K 113 31.89 -32.07 -9.14
C THR K 113 30.92 -31.43 -8.18
N TYR K 114 31.42 -30.39 -7.49
CA TYR K 114 30.59 -29.50 -6.70
C TYR K 114 30.98 -28.11 -7.19
N VAL K 115 31.55 -28.17 -8.37
CA VAL K 115 32.19 -27.11 -9.11
C VAL K 115 31.34 -25.96 -9.53
N SER K 116 30.15 -26.23 -10.03
CA SER K 116 29.40 -25.11 -10.54
C SER K 116 28.56 -24.38 -9.54
N ARG K 117 28.74 -23.08 -9.54
CA ARG K 117 27.92 -22.19 -8.75
C ARG K 117 26.76 -21.90 -9.68
N PHE K 118 25.51 -21.94 -9.19
CA PHE K 118 24.30 -21.83 -10.03
C PHE K 118 23.52 -20.55 -10.26
N GLY K 119 24.03 -19.39 -9.89
CA GLY K 119 23.21 -18.23 -10.18
C GLY K 119 23.37 -18.09 -11.68
N TYR K 120 22.83 -17.07 -12.34
CA TYR K 120 23.04 -17.10 -13.79
C TYR K 120 24.53 -17.04 -14.07
N TYR K 121 25.26 -16.39 -13.18
CA TYR K 121 26.65 -16.26 -13.41
C TYR K 121 27.33 -17.48 -12.80
N ILE K 122 27.55 -18.45 -13.66
CA ILE K 122 28.12 -19.74 -13.30
C ILE K 122 29.61 -19.64 -13.11
N ARG K 123 30.09 -20.24 -12.02
CA ARG K 123 31.52 -20.22 -11.72
C ARG K 123 32.06 -21.59 -11.48
N TRP K 124 33.37 -21.74 -11.69
CA TRP K 124 34.10 -22.99 -11.49
C TRP K 124 34.93 -23.03 -10.22
N ASP K 125 34.51 -23.84 -9.26
CA ASP K 125 35.22 -23.98 -8.01
C ASP K 125 35.06 -25.33 -7.29
N TYR K 126 36.15 -26.10 -7.18
CA TYR K 126 36.23 -27.42 -6.49
C TYR K 126 35.63 -28.67 -7.16
N PHE K 127 36.53 -29.40 -7.84
CA PHE K 127 36.31 -30.70 -8.46
C PHE K 127 36.64 -31.69 -7.38
N ASP K 128 36.02 -32.86 -7.33
CA ASP K 128 36.32 -33.81 -6.27
C ASP K 128 36.85 -35.18 -6.74
N LEU K 129 35.95 -36.13 -6.98
CA LEU K 129 36.30 -37.50 -7.36
C LEU K 129 36.65 -37.74 -8.81
N TRP K 130 37.78 -38.39 -9.04
CA TRP K 130 38.15 -38.71 -10.41
C TRP K 130 38.01 -40.19 -10.71
N GLY K 131 37.56 -40.48 -11.95
CA GLY K 131 37.51 -41.84 -12.45
C GLY K 131 38.85 -42.20 -13.09
N PRO K 132 39.12 -43.46 -13.41
CA PRO K 132 40.29 -43.91 -14.11
C PRO K 132 40.20 -43.24 -15.44
N GLY K 133 41.28 -42.94 -16.10
CA GLY K 133 41.09 -42.36 -17.42
C GLY K 133 40.85 -43.45 -18.42
N THR K 134 40.23 -43.09 -19.55
CA THR K 134 40.02 -44.04 -20.63
C THR K 134 40.68 -43.52 -21.88
N LEU K 135 41.37 -44.38 -22.61
CA LEU K 135 42.02 -43.88 -23.81
C LEU K 135 41.17 -44.02 -25.03
N VAL K 136 41.01 -42.88 -25.69
CA VAL K 136 40.26 -42.77 -26.91
C VAL K 136 41.19 -42.37 -28.04
N ILE K 137 41.20 -43.18 -29.08
CA ILE K 137 42.03 -42.93 -30.26
C ILE K 137 41.08 -42.75 -31.41
N VAL K 138 41.27 -41.73 -32.28
CA VAL K 138 40.38 -41.48 -33.41
C VAL K 138 41.19 -41.68 -34.70
N VAL L 5 41.34 -16.98 -18.81
CA VAL L 5 42.70 -17.31 -19.21
C VAL L 5 43.52 -17.43 -17.93
N MET L 6 44.47 -18.39 -17.95
CA MET L 6 45.38 -18.70 -16.85
C MET L 6 46.78 -18.95 -17.39
N THR L 7 47.77 -18.48 -16.65
CA THR L 7 49.17 -18.74 -16.93
C THR L 7 49.77 -19.46 -15.75
N GLN L 8 51.03 -19.87 -15.89
CA GLN L 8 51.66 -20.66 -14.87
C GLN L 8 53.18 -20.57 -14.89
N THR L 9 53.78 -20.84 -13.74
CA THR L 9 55.22 -20.92 -13.57
C THR L 9 55.77 -21.83 -14.69
N PRO L 10 56.99 -21.60 -15.20
CA PRO L 10 57.62 -22.36 -16.27
C PRO L 10 57.64 -23.84 -15.97
N SER L 11 57.54 -24.64 -17.03
CA SER L 11 57.51 -26.07 -16.94
C SER L 11 58.72 -26.88 -16.41
N PRO L 12 60.00 -26.51 -16.58
CA PRO L 12 61.16 -27.28 -16.15
C PRO L 12 61.50 -27.12 -14.67
N VAL L 13 60.68 -27.66 -13.80
CA VAL L 13 60.86 -27.47 -12.37
C VAL L 13 61.41 -28.72 -11.70
N SER L 14 62.32 -28.54 -10.78
CA SER L 14 62.89 -29.67 -10.07
C SER L 14 63.24 -29.27 -8.67
N ALA L 15 63.40 -30.27 -7.81
CA ALA L 15 63.84 -30.00 -6.46
C ALA L 15 64.58 -31.20 -5.89
N ALA L 16 65.45 -30.93 -4.92
CA ALA L 16 66.15 -31.95 -4.19
C ALA L 16 65.19 -32.53 -3.19
N VAL L 17 65.44 -33.73 -2.71
CA VAL L 17 64.55 -34.27 -1.67
C VAL L 17 64.82 -33.57 -0.35
N GLY L 18 63.74 -33.11 0.27
CA GLY L 18 63.74 -32.38 1.53
C GLY L 18 63.55 -30.89 1.21
N GLY L 19 62.95 -30.12 2.12
CA GLY L 19 62.77 -28.72 1.77
C GLY L 19 61.62 -28.51 0.78
N THR L 20 61.66 -27.42 0.03
CA THR L 20 60.56 -27.02 -0.86
C THR L 20 60.90 -26.78 -2.32
N VAL L 21 59.83 -26.66 -3.10
CA VAL L 21 59.81 -26.31 -4.51
C VAL L 21 58.84 -25.13 -4.67
N SER L 22 59.14 -24.20 -5.59
CA SER L 22 58.25 -23.06 -5.81
C SER L 22 57.36 -23.22 -7.04
N ILE L 23 56.05 -23.25 -6.82
CA ILE L 23 55.07 -23.42 -7.87
C ILE L 23 54.06 -22.26 -7.84
N SER L 24 53.73 -21.67 -8.97
CA SER L 24 52.74 -20.58 -8.95
C SER L 24 51.86 -20.52 -10.21
N CYS L 25 50.65 -19.90 -10.07
CA CYS L 25 49.67 -19.68 -11.15
C CYS L 25 49.14 -18.25 -11.12
N GLN L 26 48.72 -17.77 -12.28
CA GLN L 26 48.09 -16.47 -12.34
C GLN L 26 46.99 -16.34 -13.39
N SER L 27 45.86 -15.76 -13.02
CA SER L 27 44.79 -15.54 -13.98
C SER L 27 44.88 -14.17 -14.64
N SER L 28 44.18 -14.02 -15.76
CA SER L 28 44.14 -12.72 -16.40
C SER L 28 43.15 -11.78 -15.73
N LYS L 29 42.13 -12.34 -15.09
CA LYS L 29 41.09 -11.58 -14.42
C LYS L 29 40.92 -12.14 -13.03
N SER L 30 40.66 -11.28 -12.06
CA SER L 30 40.50 -11.79 -10.71
C SER L 30 39.35 -12.75 -10.68
N VAL L 31 39.53 -13.78 -9.88
CA VAL L 31 38.52 -14.81 -9.67
C VAL L 31 37.30 -14.23 -9.01
N HIS L 32 36.10 -14.74 -9.40
CA HIS L 32 34.83 -14.29 -8.84
C HIS L 32 34.89 -14.10 -7.35
N ASN L 33 35.52 -15.02 -6.67
CA ASN L 33 35.66 -14.91 -5.25
C ASN L 33 37.02 -15.48 -4.93
N GLU L 34 37.81 -14.72 -4.20
CA GLU L 34 39.18 -15.07 -3.87
C GLU L 34 39.32 -16.32 -3.02
N ASN L 35 38.21 -16.85 -2.54
CA ASN L 35 38.20 -18.06 -1.74
C ASN L 35 37.83 -19.25 -2.61
N PHE L 36 37.88 -19.08 -3.94
CA PHE L 36 37.64 -20.15 -4.92
C PHE L 36 39.00 -20.57 -5.40
N LEU L 37 39.27 -21.88 -5.43
CA LEU L 37 40.62 -22.33 -5.79
C LEU L 37 40.75 -23.82 -5.95
N SER L 38 41.51 -24.28 -6.96
CA SER L 38 41.88 -25.69 -6.98
C SER L 38 43.30 -25.99 -7.45
N TRP L 39 44.11 -26.60 -6.57
CA TRP L 39 45.45 -27.06 -6.91
C TRP L 39 45.39 -28.55 -6.90
N TYR L 40 46.03 -29.15 -7.87
CA TYR L 40 46.02 -30.58 -7.99
C TYR L 40 47.25 -31.06 -8.71
N GLN L 41 47.50 -32.35 -8.64
CA GLN L 41 48.65 -32.88 -9.35
C GLN L 41 48.34 -34.15 -10.07
N GLN L 42 49.09 -34.41 -11.12
CA GLN L 42 48.93 -35.65 -11.85
C GLN L 42 50.23 -36.39 -12.05
N LYS L 43 50.35 -37.56 -11.43
CA LYS L 43 51.54 -38.33 -11.66
C LYS L 43 51.29 -38.94 -13.02
N PRO L 44 52.27 -39.14 -13.87
CA PRO L 44 52.07 -39.71 -15.17
C PRO L 44 51.37 -41.04 -15.06
N GLY L 45 50.37 -41.24 -15.90
CA GLY L 45 49.62 -42.48 -15.92
C GLY L 45 48.50 -42.53 -14.90
N GLN L 46 48.40 -41.51 -14.06
CA GLN L 46 47.41 -41.48 -13.02
C GLN L 46 46.30 -40.48 -13.30
N ARG L 47 45.16 -40.72 -12.68
CA ARG L 47 44.10 -39.76 -12.75
C ARG L 47 44.47 -38.62 -11.81
N PRO L 48 44.02 -37.38 -12.02
CA PRO L 48 44.31 -36.23 -11.17
C PRO L 48 43.88 -36.39 -9.72
N LYS L 49 44.69 -35.82 -8.82
CA LYS L 49 44.41 -35.82 -7.39
C LYS L 49 44.32 -34.39 -6.87
N LEU L 50 43.21 -34.05 -6.23
CA LEU L 50 43.06 -32.70 -5.68
C LEU L 50 43.87 -32.54 -4.42
N LEU L 51 44.62 -31.46 -4.34
CA LEU L 51 45.41 -31.18 -3.18
C LEU L 51 44.83 -30.08 -2.32
N ILE L 52 44.72 -28.89 -2.90
CA ILE L 52 44.37 -27.68 -2.17
C ILE L 52 43.14 -27.01 -2.77
N TYR L 53 42.19 -26.59 -1.96
CA TYR L 53 41.06 -25.93 -2.54
C TYR L 53 40.46 -24.81 -1.71
N ARG L 54 39.70 -23.97 -2.37
CA ARG L 54 39.06 -22.83 -1.75
C ARG L 54 40.10 -22.00 -1.01
N ALA L 55 39.86 -21.72 0.26
CA ALA L 55 40.81 -20.92 1.01
C ALA L 55 41.96 -21.77 1.55
N SER L 56 42.74 -22.31 0.64
CA SER L 56 43.87 -23.17 0.87
C SER L 56 43.62 -24.35 1.81
N THR L 57 42.52 -25.04 1.61
CA THR L 57 42.10 -26.19 2.40
C THR L 57 42.63 -27.47 1.80
N LEU L 58 43.12 -28.40 2.61
CA LEU L 58 43.55 -29.64 1.99
C LEU L 58 42.42 -30.61 1.81
N ALA L 59 42.42 -31.23 0.65
CA ALA L 59 41.44 -32.22 0.25
C ALA L 59 41.81 -33.63 0.58
N SER L 60 40.82 -34.42 0.90
CA SER L 60 40.93 -35.88 1.00
C SER L 60 42.15 -36.45 1.72
N GLY L 61 42.62 -35.85 2.79
CA GLY L 61 43.72 -36.45 3.53
C GLY L 61 45.10 -36.28 2.90
N VAL L 62 45.24 -35.44 1.88
CA VAL L 62 46.56 -35.33 1.27
C VAL L 62 47.50 -34.83 2.36
N PRO L 63 48.82 -35.01 2.22
CA PRO L 63 49.78 -34.65 3.22
C PRO L 63 49.71 -33.20 3.61
N SER L 64 49.98 -32.96 4.88
CA SER L 64 49.99 -31.65 5.52
C SER L 64 51.09 -30.76 4.97
N ARG L 65 51.99 -31.40 4.22
CA ARG L 65 53.14 -30.80 3.58
C ARG L 65 52.73 -29.85 2.45
N PHE L 66 51.52 -30.00 1.92
CA PHE L 66 51.08 -29.16 0.82
C PHE L 66 50.50 -27.85 1.32
N LYS L 67 51.09 -26.75 0.86
CA LYS L 67 50.70 -25.42 1.31
C LYS L 67 50.42 -24.49 0.15
N GLY L 68 49.60 -23.49 0.36
CA GLY L 68 49.41 -22.50 -0.68
C GLY L 68 48.63 -21.32 -0.17
N SER L 69 48.59 -20.28 -0.99
CA SER L 69 47.91 -19.02 -0.64
C SER L 69 47.71 -18.14 -1.85
N GLY L 70 46.96 -17.06 -1.68
CA GLY L 70 46.81 -16.08 -2.75
C GLY L 70 45.47 -15.41 -2.74
N SER L 71 45.27 -14.53 -3.71
CA SER L 71 44.04 -13.77 -3.86
C SER L 71 43.95 -13.15 -5.24
N GLY L 72 42.77 -12.69 -5.63
CA GLY L 72 42.69 -11.96 -6.90
C GLY L 72 43.10 -12.89 -8.02
N THR L 73 44.13 -12.47 -8.73
CA THR L 73 44.65 -13.23 -9.84
C THR L 73 45.82 -14.14 -9.51
N GLN L 74 46.49 -14.01 -8.36
CA GLN L 74 47.70 -14.83 -8.22
C GLN L 74 47.75 -15.67 -6.96
N PHE L 75 48.07 -16.95 -7.18
CA PHE L 75 48.16 -17.95 -6.13
C PHE L 75 49.42 -18.79 -6.22
N THR L 76 49.88 -19.27 -5.08
CA THR L 76 51.06 -20.12 -5.04
C THR L 76 50.86 -21.43 -4.30
N LEU L 77 51.77 -22.35 -4.61
CA LEU L 77 51.91 -23.69 -4.06
C LEU L 77 53.34 -24.02 -3.70
N THR L 78 53.49 -24.61 -2.55
CA THR L 78 54.78 -25.13 -2.20
C THR L 78 54.55 -26.37 -1.39
N ILE L 79 55.47 -27.29 -1.41
CA ILE L 79 55.32 -28.49 -0.64
C ILE L 79 56.52 -28.68 0.25
N SER L 80 56.33 -28.83 1.55
CA SER L 80 57.48 -29.04 2.40
C SER L 80 58.01 -30.43 2.24
N ASP L 81 59.28 -30.60 2.56
CA ASP L 81 59.92 -31.89 2.55
C ASP L 81 59.58 -32.69 1.34
N VAL L 82 59.81 -32.08 0.19
CA VAL L 82 59.47 -32.68 -1.08
C VAL L 82 60.15 -34.00 -1.25
N GLN L 83 59.39 -34.95 -1.74
CA GLN L 83 59.89 -36.29 -1.99
C GLN L 83 60.07 -36.53 -3.45
N CYS L 84 60.88 -37.51 -3.80
CA CYS L 84 61.04 -37.88 -5.20
C CYS L 84 59.74 -38.47 -5.72
N ASP L 85 58.95 -38.96 -4.80
CA ASP L 85 57.70 -39.60 -5.08
C ASP L 85 56.58 -38.58 -5.24
N ASP L 86 56.89 -37.29 -5.09
CA ASP L 86 55.91 -36.25 -5.29
C ASP L 86 56.05 -35.76 -6.72
N ALA L 87 56.99 -36.34 -7.47
CA ALA L 87 57.13 -35.83 -8.81
C ALA L 87 55.81 -36.00 -9.50
N ALA L 88 55.37 -34.95 -10.13
CA ALA L 88 54.08 -34.92 -10.80
C ALA L 88 53.99 -33.69 -11.65
N THR L 89 53.02 -33.63 -12.53
CA THR L 89 52.81 -32.37 -13.21
C THR L 89 51.80 -31.60 -12.34
N TYR L 90 52.13 -30.38 -11.98
CA TYR L 90 51.28 -29.61 -11.09
C TYR L 90 50.43 -28.60 -11.81
N TYR L 91 49.19 -28.53 -11.36
CA TYR L 91 48.15 -27.69 -11.94
C TYR L 91 47.30 -26.84 -11.00
N CYS L 92 46.76 -25.74 -11.56
CA CYS L 92 45.72 -24.89 -10.99
C CYS L 92 44.47 -25.02 -11.82
N ALA L 93 43.36 -24.80 -11.17
CA ALA L 93 42.07 -24.76 -11.81
C ALA L 93 41.14 -23.82 -11.08
N GLY L 94 40.13 -23.40 -11.81
CA GLY L 94 39.09 -22.53 -11.33
C GLY L 94 38.95 -21.37 -12.28
N GLY L 95 37.86 -20.67 -12.17
CA GLY L 95 37.61 -19.53 -13.06
C GLY L 95 36.13 -19.25 -13.18
N ASP L 96 35.78 -18.31 -14.03
CA ASP L 96 34.39 -17.96 -14.18
C ASP L 96 33.99 -18.55 -15.52
N ILE L 97 32.74 -18.99 -15.70
CA ILE L 97 32.43 -19.60 -17.01
C ILE L 97 32.33 -18.58 -18.10
N GLN L 98 31.87 -17.39 -17.77
CA GLN L 98 31.71 -16.38 -18.78
C GLN L 98 33.04 -15.83 -19.23
N SER L 99 34.01 -15.84 -18.33
CA SER L 99 35.31 -15.28 -18.65
C SER L 99 36.19 -16.23 -19.47
N SER L 100 36.14 -17.54 -19.19
CA SER L 100 37.03 -18.41 -19.95
C SER L 100 36.64 -19.87 -20.07
N ASP L 101 37.10 -20.48 -21.14
CA ASP L 101 36.95 -21.91 -21.36
C ASP L 101 38.07 -22.65 -20.67
N ASP L 102 39.20 -21.98 -20.49
CA ASP L 102 40.31 -22.62 -19.88
C ASP L 102 40.20 -22.41 -18.40
N VAL L 103 39.88 -23.47 -17.70
CA VAL L 103 39.69 -23.40 -16.28
C VAL L 103 40.72 -24.27 -15.61
N PHE L 104 41.69 -24.68 -16.41
CA PHE L 104 42.79 -25.50 -15.97
C PHE L 104 44.09 -24.88 -16.49
N GLY L 105 45.18 -25.05 -15.77
CA GLY L 105 46.48 -24.58 -16.25
C GLY L 105 47.09 -25.57 -17.23
N GLY L 106 48.27 -25.24 -17.80
CA GLY L 106 48.94 -26.15 -18.74
C GLY L 106 49.67 -27.28 -18.04
N GLY L 107 50.18 -26.98 -16.85
CA GLY L 107 50.95 -27.91 -16.06
C GLY L 107 52.42 -27.62 -16.03
N THR L 108 53.00 -27.71 -14.84
CA THR L 108 54.43 -27.50 -14.67
C THR L 108 55.01 -28.83 -14.24
N GLU L 109 56.11 -29.24 -14.81
CA GLU L 109 56.67 -30.53 -14.45
C GLU L 109 57.57 -30.39 -13.27
N VAL L 110 57.26 -31.09 -12.20
CA VAL L 110 58.11 -31.00 -11.03
C VAL L 110 58.79 -32.34 -10.78
N VAL L 111 60.13 -32.34 -10.87
CA VAL L 111 61.00 -33.50 -10.69
C VAL L 111 61.30 -33.68 -9.20
#